data_9GKX
#
_entry.id   9GKX
#
_cell.length_a   132.12
_cell.length_b   144.96
_cell.length_c   92.66
_cell.angle_alpha   90
_cell.angle_beta   91.81
_cell.angle_gamma   90
#
_symmetry.space_group_name_H-M   'C 1 2 1'
#
loop_
_entity.id
_entity.type
_entity.pdbx_description
1 polymer 'Dimethoate hydrolase'
2 non-polymer 'OCTANEDIOIC ACID HYDROXYAMIDE PHENYLAMIDE'
3 non-polymer 'ZINC ION'
4 non-polymer 'POTASSIUM ION'
5 non-polymer 'OCTANOIC ACID (CAPRYLIC ACID)'
6 water water
#
_entity_poly.entity_id   1
_entity_poly.type   'polypeptide(L)'
_entity_poly.pdbx_seq_one_letter_code
;MAHHHHHHVGTMARTGFYTDERTFWHATGMQALFLPVGDWVQPPNGTAGADTPDSKRRLLNLAHASGLIRKLTLPEAIPA
TVEDVCRVHPRDYIDRFKATSDAGGGDLGHLAPFSKGGYEIAMLSCGLAIAAVDDVLSGKVDNAYALCRPAGHHCLADTP
MGFCLLANIPIAIEAAKARHGISRVAVVDWDVHHGNGTQSIFYDRADVLTISIHQDRCFPPGYSGAEDRGEGAGLGYNLN
VPLPAGAGHDAYVQAFDDIVVPALDDFKPDLIIVASGLDANSVDPLARMLLHSESYRLLTQKMLDAAARLCGGKLVVVHE
GGYAEAYVPFCGHALLEALSGERTAVVDPVLEMAEAWQPGPEAAAFHRQWIDRLVADLGK
;
_entity_poly.pdbx_strand_id   A,B,C,D
#
loop_
_chem_comp.id
_chem_comp.type
_chem_comp.name
_chem_comp.formula
K non-polymer 'POTASSIUM ION' 'K 1'
OCA non-polymer 'OCTANOIC ACID (CAPRYLIC ACID)' 'C8 H16 O2'
SHH non-polymer 'OCTANEDIOIC ACID HYDROXYAMIDE PHENYLAMIDE' 'C14 H20 N2 O3'
ZN non-polymer 'ZINC ION' 'Zn 2'
#
# COMPACT_ATOMS: atom_id res chain seq x y z
N ARG A 14 -0.03 -38.46 3.56
CA ARG A 14 -0.36 -37.59 2.45
C ARG A 14 -1.37 -36.53 2.89
N THR A 15 -1.03 -35.30 2.56
CA THR A 15 -1.84 -34.14 2.88
C THR A 15 -2.24 -33.49 1.56
N GLY A 16 -3.53 -33.24 1.39
CA GLY A 16 -4.01 -32.48 0.25
C GLY A 16 -4.13 -31.02 0.65
N PHE A 17 -3.80 -30.14 -0.29
CA PHE A 17 -3.84 -28.69 -0.08
C PHE A 17 -4.74 -28.11 -1.17
N TYR A 18 -5.83 -27.47 -0.77
CA TYR A 18 -6.88 -27.03 -1.70
C TYR A 18 -6.86 -25.52 -1.77
N THR A 19 -6.45 -24.99 -2.92
CA THR A 19 -6.26 -23.55 -3.07
C THR A 19 -6.54 -23.16 -4.51
N ASP A 20 -6.89 -21.89 -4.72
CA ASP A 20 -7.04 -21.36 -6.07
C ASP A 20 -6.67 -19.89 -6.09
N GLU A 21 -5.96 -19.50 -7.16
CA GLU A 21 -5.53 -18.12 -7.32
C GLU A 21 -6.67 -17.14 -7.11
N ARG A 22 -7.86 -17.46 -7.62
CA ARG A 22 -8.91 -16.46 -7.61
C ARG A 22 -9.46 -16.18 -6.21
N THR A 23 -9.19 -17.03 -5.21
CA THR A 23 -9.61 -16.70 -3.84
C THR A 23 -8.91 -15.44 -3.33
N PHE A 24 -7.70 -15.15 -3.84
CA PHE A 24 -6.97 -13.93 -3.46
C PHE A 24 -7.47 -12.70 -4.23
N TRP A 25 -8.42 -12.87 -5.13
CA TRP A 25 -8.97 -11.75 -5.87
C TRP A 25 -10.23 -11.19 -5.25
N HIS A 26 -10.83 -11.89 -4.28
CA HIS A 26 -11.97 -11.34 -3.56
C HIS A 26 -11.53 -10.07 -2.85
N ALA A 27 -12.35 -9.03 -2.89
CA ALA A 27 -11.98 -7.75 -2.28
C ALA A 27 -13.18 -7.21 -1.52
N THR A 28 -12.97 -6.88 -0.25
CA THR A 28 -14.10 -6.42 0.56
C THR A 28 -14.50 -4.98 0.24
N GLY A 29 -13.61 -4.20 -0.37
CA GLY A 29 -13.94 -2.85 -0.80
C GLY A 29 -13.07 -1.82 -0.10
N MET A 30 -13.48 -0.57 -0.21
CA MET A 30 -12.71 0.55 0.32
C MET A 30 -13.09 0.73 1.79
N GLN A 31 -12.33 0.06 2.67
CA GLN A 31 -12.45 0.21 4.11
C GLN A 31 -11.06 0.46 4.71
N ALA A 32 -11.03 1.22 5.79
CA ALA A 32 -9.84 1.34 6.64
C ALA A 32 -9.96 0.26 7.71
N LEU A 33 -9.08 -0.74 7.66
CA LEU A 33 -9.29 -1.98 8.43
C LEU A 33 -10.71 -2.46 8.12
N PHE A 34 -11.57 -2.64 9.12
CA PHE A 34 -12.95 -3.05 8.84
C PHE A 34 -13.93 -1.88 8.76
N LEU A 35 -13.45 -0.63 8.77
CA LEU A 35 -14.35 0.52 8.80
C LEU A 35 -14.62 1.03 7.39
N PRO A 36 -15.88 1.03 6.93
CA PRO A 36 -16.16 1.65 5.62
C PRO A 36 -15.74 3.10 5.60
N VAL A 37 -15.14 3.51 4.47
CA VAL A 37 -14.74 4.89 4.26
C VAL A 37 -15.98 5.79 4.22
N GLY A 38 -15.80 7.05 4.58
CA GLY A 38 -16.91 7.97 4.60
C GLY A 38 -17.09 8.53 5.99
N ASP A 39 -17.77 9.67 6.09
CA ASP A 39 -17.97 10.35 7.35
C ASP A 39 -16.61 10.66 7.99
N TRP A 40 -16.31 10.05 9.13
CA TRP A 40 -15.09 10.38 9.85
C TRP A 40 -13.93 9.42 9.58
N VAL A 41 -14.13 8.45 8.70
CA VAL A 41 -13.11 7.43 8.39
C VAL A 41 -12.41 7.82 7.09
N GLN A 42 -11.15 8.21 7.21
CA GLN A 42 -10.35 8.60 6.06
C GLN A 42 -9.93 7.35 5.27
N PRO A 43 -9.90 7.41 3.94
CA PRO A 43 -9.49 6.24 3.15
C PRO A 43 -8.06 5.86 3.47
N PRO A 44 -7.75 4.56 3.43
CA PRO A 44 -6.38 4.12 3.68
C PRO A 44 -5.47 4.36 2.49
N ASN A 45 -4.21 4.70 2.78
CA ASN A 45 -3.22 4.82 1.70
C ASN A 45 -2.52 3.50 1.35
N GLY A 46 -2.59 2.51 2.22
CA GLY A 46 -2.04 1.21 1.90
C GLY A 46 -3.11 0.29 1.39
N THR A 47 -2.95 -1.00 1.70
CA THR A 47 -3.95 -1.99 1.34
C THR A 47 -5.27 -1.70 2.04
N ALA A 48 -6.34 -1.72 1.26
CA ALA A 48 -7.68 -1.52 1.79
C ALA A 48 -8.15 -2.78 2.52
N GLY A 49 -8.92 -2.57 3.58
CA GLY A 49 -9.62 -3.65 4.25
C GLY A 49 -8.84 -4.29 5.39
N ALA A 50 -9.49 -5.30 5.98
CA ALA A 50 -8.93 -6.14 7.02
C ALA A 50 -8.71 -7.56 6.53
N ASP A 51 -9.73 -8.15 5.91
CA ASP A 51 -9.54 -9.40 5.19
C ASP A 51 -8.88 -9.04 3.86
N THR A 52 -7.52 -8.84 3.91
CA THR A 52 -6.81 -8.50 2.69
C THR A 52 -6.39 -9.79 1.98
N PRO A 53 -6.22 -9.73 0.66
CA PRO A 53 -5.67 -10.89 -0.06
C PRO A 53 -4.40 -11.43 0.57
N ASP A 54 -3.47 -10.55 0.93
CA ASP A 54 -2.17 -11.02 1.42
C ASP A 54 -2.26 -11.60 2.84
N SER A 55 -3.32 -11.29 3.60
CA SER A 55 -3.42 -11.91 4.90
C SER A 55 -3.66 -13.41 4.76
N LYS A 56 -4.10 -13.86 3.58
CA LYS A 56 -4.15 -15.30 3.29
C LYS A 56 -3.06 -15.75 2.34
N ARG A 57 -2.74 -14.98 1.28
CA ARG A 57 -1.75 -15.45 0.30
C ARG A 57 -0.38 -15.63 0.93
N ARG A 58 -0.04 -14.82 1.93
CA ARG A 58 1.32 -14.89 2.47
C ARG A 58 1.58 -16.23 3.16
N LEU A 59 0.54 -16.93 3.62
CA LEU A 59 0.72 -18.29 4.10
C LEU A 59 1.13 -19.21 2.97
N LEU A 60 0.40 -19.17 1.85
CA LEU A 60 0.76 -19.98 0.69
C LEU A 60 2.15 -19.64 0.19
N ASN A 61 2.50 -18.34 0.18
CA ASN A 61 3.81 -17.92 -0.31
C ASN A 61 4.94 -18.54 0.51
N LEU A 62 4.79 -18.55 1.84
CA LEU A 62 5.83 -19.11 2.70
C LEU A 62 5.94 -20.61 2.50
N ALA A 63 4.81 -21.30 2.33
CA ALA A 63 4.83 -22.74 2.10
C ALA A 63 5.45 -23.09 0.74
N HIS A 64 5.31 -22.24 -0.27
CA HIS A 64 6.11 -22.41 -1.49
C HIS A 64 7.59 -22.20 -1.20
N ALA A 65 7.93 -21.08 -0.55
CA ALA A 65 9.33 -20.72 -0.35
C ALA A 65 10.07 -21.73 0.51
N SER A 66 9.37 -22.41 1.42
CA SER A 66 10.02 -23.40 2.27
C SER A 66 10.23 -24.72 1.58
N GLY A 67 9.59 -24.94 0.43
CA GLY A 67 9.56 -26.26 -0.18
C GLY A 67 8.44 -27.14 0.32
N LEU A 68 7.63 -26.66 1.27
CA LEU A 68 6.57 -27.51 1.82
C LEU A 68 5.55 -27.88 0.77
N ILE A 69 5.19 -26.94 -0.10
CA ILE A 69 4.10 -27.17 -1.04
C ILE A 69 4.41 -28.34 -1.96
N ARG A 70 5.69 -28.54 -2.33
CA ARG A 70 6.06 -29.65 -3.20
C ARG A 70 5.84 -31.02 -2.56
N LYS A 71 5.74 -31.09 -1.24
CA LYS A 71 5.45 -32.34 -0.55
C LYS A 71 3.96 -32.62 -0.43
N LEU A 72 3.12 -31.65 -0.77
CA LEU A 72 1.68 -31.83 -0.68
C LEU A 72 1.13 -32.15 -2.07
N THR A 73 -0.13 -32.57 -2.12
CA THR A 73 -0.80 -32.70 -3.40
C THR A 73 -1.85 -31.60 -3.50
N LEU A 74 -1.87 -30.91 -4.64
CA LEU A 74 -2.71 -29.74 -4.89
C LEU A 74 -3.68 -30.05 -6.01
N PRO A 75 -4.87 -30.56 -5.71
CA PRO A 75 -5.84 -30.80 -6.77
C PRO A 75 -6.33 -29.49 -7.36
N GLU A 76 -6.69 -29.55 -8.63
CA GLU A 76 -7.39 -28.45 -9.27
C GLU A 76 -8.72 -28.19 -8.55
N ALA A 77 -9.01 -26.91 -8.33
CA ALA A 77 -10.20 -26.52 -7.57
C ALA A 77 -11.48 -26.88 -8.32
N ILE A 78 -12.50 -27.29 -7.57
CA ILE A 78 -13.85 -27.58 -8.07
C ILE A 78 -14.83 -26.68 -7.35
N PRO A 79 -15.40 -25.66 -7.99
CA PRO A 79 -16.31 -24.77 -7.26
C PRO A 79 -17.56 -25.49 -6.81
N ALA A 80 -18.11 -25.01 -5.69
CA ALA A 80 -19.44 -25.44 -5.28
C ALA A 80 -20.45 -25.16 -6.39
N THR A 81 -21.42 -26.05 -6.51
CA THR A 81 -22.56 -25.81 -7.38
C THR A 81 -23.69 -25.15 -6.59
N VAL A 82 -24.67 -24.60 -7.32
CA VAL A 82 -25.83 -24.03 -6.63
C VAL A 82 -26.56 -25.12 -5.86
N GLU A 83 -26.65 -26.33 -6.43
CA GLU A 83 -27.21 -27.46 -5.69
C GLU A 83 -26.47 -27.73 -4.38
N ASP A 84 -25.13 -27.69 -4.40
CA ASP A 84 -24.37 -27.86 -3.16
C ASP A 84 -24.75 -26.80 -2.12
N VAL A 85 -24.67 -25.52 -2.50
CA VAL A 85 -24.81 -24.50 -1.48
C VAL A 85 -26.26 -24.44 -0.99
N CYS A 86 -27.22 -24.85 -1.84
CA CYS A 86 -28.61 -24.81 -1.41
C CYS A 86 -29.00 -25.97 -0.52
N ARG A 87 -28.07 -26.89 -0.23
CA ARG A 87 -28.32 -27.81 0.87
C ARG A 87 -28.30 -27.09 2.21
N VAL A 88 -27.81 -25.85 2.25
CA VAL A 88 -27.75 -25.04 3.47
C VAL A 88 -28.54 -23.73 3.29
N HIS A 89 -28.32 -23.04 2.19
CA HIS A 89 -28.88 -21.71 1.95
C HIS A 89 -30.14 -21.79 1.12
N PRO A 90 -31.14 -20.94 1.40
CA PRO A 90 -32.28 -20.83 0.49
C PRO A 90 -31.83 -20.29 -0.86
N ARG A 91 -32.47 -20.80 -1.92
CA ARG A 91 -32.09 -20.37 -3.25
C ARG A 91 -32.24 -18.86 -3.41
N ASP A 92 -33.21 -18.25 -2.71
N ASP A 92 -33.17 -18.23 -2.70
CA ASP A 92 -33.42 -16.81 -2.81
CA ASP A 92 -33.38 -16.80 -2.88
C ASP A 92 -32.16 -16.03 -2.42
C ASP A 92 -32.22 -15.96 -2.35
N TYR A 93 -31.48 -16.45 -1.35
CA TYR A 93 -30.26 -15.76 -0.95
C TYR A 93 -29.18 -15.92 -2.02
N ILE A 94 -29.02 -17.13 -2.57
CA ILE A 94 -28.01 -17.36 -3.58
C ILE A 94 -28.30 -16.53 -4.83
N ASP A 95 -29.58 -16.44 -5.20
CA ASP A 95 -29.96 -15.63 -6.36
C ASP A 95 -29.67 -14.15 -6.14
N ARG A 96 -29.98 -13.63 -4.94
CA ARG A 96 -29.71 -12.22 -4.66
C ARG A 96 -28.22 -11.94 -4.61
N PHE A 97 -27.45 -12.87 -4.03
CA PHE A 97 -25.99 -12.78 -4.03
C PHE A 97 -25.45 -12.64 -5.46
N LYS A 98 -25.85 -13.54 -6.36
CA LYS A 98 -25.39 -13.48 -7.75
C LYS A 98 -25.78 -12.14 -8.40
N ALA A 99 -27.04 -11.72 -8.22
CA ALA A 99 -27.50 -10.48 -8.85
C ALA A 99 -26.73 -9.27 -8.34
N THR A 100 -26.51 -9.18 -7.03
CA THR A 100 -25.75 -8.07 -6.45
C THR A 100 -24.30 -8.09 -6.90
N SER A 101 -23.69 -9.29 -6.93
CA SER A 101 -22.33 -9.42 -7.41
C SER A 101 -22.19 -9.01 -8.87
N ASP A 102 -23.11 -9.43 -9.74
CA ASP A 102 -23.06 -8.97 -11.12
C ASP A 102 -23.18 -7.46 -11.21
N ALA A 103 -23.95 -6.86 -10.32
CA ALA A 103 -24.22 -5.43 -10.38
C ALA A 103 -23.11 -4.57 -9.78
N GLY A 104 -22.03 -5.20 -9.30
CA GLY A 104 -20.89 -4.46 -8.79
C GLY A 104 -20.56 -4.72 -7.33
N GLY A 105 -21.22 -5.63 -6.64
CA GLY A 105 -20.90 -5.92 -5.26
C GLY A 105 -21.82 -5.20 -4.31
N GLY A 106 -21.58 -5.44 -3.03
CA GLY A 106 -22.43 -4.89 -2.00
C GLY A 106 -22.23 -5.62 -0.69
N ASP A 107 -23.30 -5.66 0.11
CA ASP A 107 -23.25 -6.32 1.41
C ASP A 107 -24.69 -6.71 1.74
N LEU A 108 -24.96 -8.01 1.71
CA LEU A 108 -26.30 -8.53 1.93
C LEU A 108 -26.53 -8.95 3.38
N GLY A 109 -25.56 -8.72 4.27
CA GLY A 109 -25.72 -9.10 5.65
C GLY A 109 -25.12 -8.10 6.61
N HIS A 110 -24.39 -8.59 7.61
CA HIS A 110 -23.80 -7.75 8.65
CA HIS A 110 -23.80 -7.74 8.63
C HIS A 110 -22.28 -7.85 8.52
N LEU A 111 -21.64 -6.77 8.04
CA LEU A 111 -20.18 -6.73 7.86
C LEU A 111 -19.72 -7.86 6.95
N ALA A 112 -20.37 -8.00 5.81
CA ALA A 112 -20.01 -9.01 4.81
C ALA A 112 -19.91 -8.38 3.43
N PRO A 113 -19.09 -7.34 3.26
CA PRO A 113 -19.01 -6.68 1.96
C PRO A 113 -18.23 -7.48 0.93
N PHE A 114 -18.58 -7.28 -0.34
CA PHE A 114 -17.85 -7.93 -1.43
C PHE A 114 -17.92 -7.06 -2.68
N SER A 115 -17.01 -7.33 -3.61
CA SER A 115 -16.89 -6.57 -4.85
C SER A 115 -17.52 -7.34 -6.00
N LYS A 116 -17.49 -6.72 -7.18
CA LYS A 116 -17.99 -7.36 -8.39
C LYS A 116 -17.30 -8.70 -8.63
N GLY A 117 -18.09 -9.73 -8.92
CA GLY A 117 -17.56 -11.06 -9.08
C GLY A 117 -17.33 -11.81 -7.79
N GLY A 118 -17.70 -11.23 -6.64
CA GLY A 118 -17.52 -11.91 -5.36
C GLY A 118 -18.34 -13.18 -5.26
N TYR A 119 -19.48 -13.25 -5.96
CA TYR A 119 -20.27 -14.47 -5.99
C TYR A 119 -19.47 -15.66 -6.51
N GLU A 120 -18.85 -15.52 -7.68
CA GLU A 120 -18.08 -16.64 -8.23
C GLU A 120 -16.92 -17.03 -7.32
N ILE A 121 -16.26 -16.04 -6.71
CA ILE A 121 -15.11 -16.39 -5.87
C ILE A 121 -15.57 -17.10 -4.60
N ALA A 122 -16.72 -16.69 -4.04
CA ALA A 122 -17.26 -17.39 -2.87
C ALA A 122 -17.63 -18.83 -3.21
N MET A 123 -18.23 -19.05 -4.38
CA MET A 123 -18.55 -20.42 -4.80
C MET A 123 -17.29 -21.26 -4.97
N LEU A 124 -16.23 -20.66 -5.50
CA LEU A 124 -14.95 -21.34 -5.64
C LEU A 124 -14.36 -21.68 -4.28
N SER A 125 -14.31 -20.70 -3.38
CA SER A 125 -13.82 -20.92 -2.03
C SER A 125 -14.55 -22.07 -1.35
N CYS A 126 -15.89 -22.03 -1.40
CA CYS A 126 -16.69 -23.09 -0.80
C CYS A 126 -16.34 -24.46 -1.38
N GLY A 127 -16.05 -24.51 -2.69
CA GLY A 127 -15.67 -25.77 -3.32
C GLY A 127 -14.36 -26.34 -2.81
N LEU A 128 -13.47 -25.49 -2.32
CA LEU A 128 -12.23 -26.01 -1.71
C LEU A 128 -12.54 -26.83 -0.47
N ALA A 129 -13.48 -26.37 0.35
CA ALA A 129 -13.88 -27.13 1.53
C ALA A 129 -14.62 -28.41 1.15
N ILE A 130 -15.56 -28.31 0.20
CA ILE A 130 -16.30 -29.49 -0.24
C ILE A 130 -15.33 -30.60 -0.68
N ALA A 131 -14.37 -30.23 -1.54
CA ALA A 131 -13.45 -31.21 -2.12
C ALA A 131 -12.46 -31.74 -1.10
N ALA A 132 -11.97 -30.89 -0.20
CA ALA A 132 -11.07 -31.37 0.85
C ALA A 132 -11.74 -32.44 1.70
N VAL A 133 -13.01 -32.22 2.08
CA VAL A 133 -13.75 -33.23 2.84
C VAL A 133 -14.00 -34.47 1.97
N ASP A 134 -14.43 -34.25 0.73
CA ASP A 134 -14.70 -35.36 -0.17
C ASP A 134 -13.46 -36.24 -0.35
N ASP A 135 -12.31 -35.62 -0.59
CA ASP A 135 -11.11 -36.42 -0.87
C ASP A 135 -10.62 -37.16 0.36
N VAL A 136 -10.77 -36.58 1.55
CA VAL A 136 -10.39 -37.32 2.74
C VAL A 136 -11.33 -38.49 2.96
N LEU A 137 -12.64 -38.29 2.76
CA LEU A 137 -13.58 -39.39 2.98
C LEU A 137 -13.41 -40.50 1.94
N SER A 138 -13.02 -40.16 0.73
CA SER A 138 -12.84 -41.17 -0.31
C SER A 138 -11.47 -41.82 -0.27
N GLY A 139 -10.59 -41.39 0.64
CA GLY A 139 -9.28 -42.01 0.79
C GLY A 139 -8.19 -41.54 -0.16
N LYS A 140 -8.42 -40.46 -0.92
CA LYS A 140 -7.38 -39.97 -1.81
C LYS A 140 -6.21 -39.36 -1.04
N VAL A 141 -6.49 -38.74 0.11
CA VAL A 141 -5.47 -38.21 1.01
C VAL A 141 -5.84 -38.62 2.43
N ASP A 142 -4.83 -38.63 3.30
CA ASP A 142 -5.07 -38.91 4.72
C ASP A 142 -5.75 -37.72 5.40
N ASN A 143 -5.32 -36.51 5.06
CA ASN A 143 -5.87 -35.33 5.67
C ASN A 143 -5.70 -34.19 4.68
N ALA A 144 -6.25 -33.02 5.02
CA ALA A 144 -6.34 -31.98 4.02
C ALA A 144 -6.44 -30.61 4.68
N TYR A 145 -5.98 -29.61 3.93
CA TYR A 145 -6.09 -28.20 4.31
C TYR A 145 -6.74 -27.46 3.16
N ALA A 146 -7.82 -26.73 3.44
CA ALA A 146 -8.47 -25.91 2.43
C ALA A 146 -8.22 -24.44 2.75
N LEU A 147 -7.56 -23.75 1.84
CA LEU A 147 -7.26 -22.33 2.01
C LEU A 147 -8.44 -21.50 1.49
N CYS A 148 -9.54 -21.55 2.24
CA CYS A 148 -10.74 -20.82 1.86
C CYS A 148 -10.55 -19.33 2.06
N ARG A 149 -11.01 -18.57 1.09
CA ARG A 149 -11.23 -17.13 1.20
C ARG A 149 -12.22 -16.74 0.10
N PRO A 150 -13.39 -16.19 0.46
CA PRO A 150 -13.83 -15.82 1.80
C PRO A 150 -14.11 -16.99 2.73
N ALA A 151 -14.12 -16.65 4.02
CA ALA A 151 -14.31 -17.59 5.11
C ALA A 151 -15.80 -17.91 5.26
N GLY A 152 -16.12 -18.81 6.18
CA GLY A 152 -17.49 -19.30 6.24
C GLY A 152 -18.20 -19.32 7.59
N HIS A 153 -17.47 -19.31 8.71
CA HIS A 153 -18.07 -19.79 9.95
C HIS A 153 -19.03 -18.81 10.64
N HIS A 154 -19.14 -17.55 10.18
CA HIS A 154 -20.19 -16.67 10.68
C HIS A 154 -21.44 -16.65 9.81
N CYS A 155 -21.42 -17.28 8.64
CA CYS A 155 -22.54 -17.15 7.71
C CYS A 155 -23.74 -17.96 8.19
N LEU A 156 -24.88 -17.30 8.35
CA LEU A 156 -26.11 -18.00 8.66
C LEU A 156 -26.75 -18.53 7.36
N ALA A 157 -27.77 -19.37 7.51
CA ALA A 157 -28.44 -19.92 6.34
C ALA A 157 -28.95 -18.82 5.41
N ASP A 158 -29.52 -17.76 5.96
CA ASP A 158 -30.07 -16.72 5.10
C ASP A 158 -29.33 -15.40 5.20
N THR A 159 -28.25 -15.31 5.99
CA THR A 159 -27.62 -14.03 6.27
C THR A 159 -26.10 -14.15 6.30
N PRO A 160 -25.38 -13.55 5.34
CA PRO A 160 -23.92 -13.50 5.46
C PRO A 160 -23.50 -12.57 6.58
N MET A 161 -22.30 -12.83 7.12
CA MET A 161 -21.88 -12.07 8.29
C MET A 161 -20.37 -12.17 8.49
N GLY A 162 -19.78 -11.08 9.00
CA GLY A 162 -18.39 -11.09 9.44
C GLY A 162 -17.40 -11.68 8.45
N PHE A 163 -17.43 -11.15 7.22
CA PHE A 163 -16.56 -11.50 6.10
C PHE A 163 -16.88 -12.87 5.52
N CYS A 164 -17.99 -13.49 5.92
CA CYS A 164 -18.35 -14.83 5.48
C CYS A 164 -19.61 -14.75 4.64
N LEU A 165 -19.53 -15.22 3.39
CA LEU A 165 -20.60 -15.08 2.41
C LEU A 165 -21.36 -16.37 2.14
N LEU A 166 -20.74 -17.52 2.39
CA LEU A 166 -21.35 -18.83 2.26
C LEU A 166 -20.89 -19.66 3.44
N ALA A 167 -21.73 -20.61 3.86
CA ALA A 167 -21.39 -21.44 5.02
C ALA A 167 -20.50 -22.61 4.55
N ASN A 168 -19.21 -22.30 4.36
CA ASN A 168 -18.28 -23.26 3.74
C ASN A 168 -18.32 -24.63 4.40
N ILE A 169 -18.06 -24.71 5.71
CA ILE A 169 -17.98 -26.02 6.36
C ILE A 169 -19.35 -26.72 6.38
N PRO A 170 -20.45 -26.05 6.75
CA PRO A 170 -21.75 -26.74 6.69
C PRO A 170 -22.09 -27.26 5.31
N ILE A 171 -21.79 -26.49 4.26
CA ILE A 171 -22.05 -26.97 2.90
C ILE A 171 -21.20 -28.20 2.59
N ALA A 172 -19.92 -28.17 2.98
CA ALA A 172 -19.07 -29.34 2.75
C ALA A 172 -19.57 -30.56 3.52
N ILE A 173 -20.13 -30.33 4.72
CA ILE A 173 -20.67 -31.44 5.49
C ILE A 173 -21.91 -32.01 4.81
N GLU A 174 -22.83 -31.14 4.39
CA GLU A 174 -24.04 -31.62 3.72
C GLU A 174 -23.73 -32.33 2.42
N ALA A 175 -22.69 -31.89 1.71
CA ALA A 175 -22.27 -32.60 0.50
C ALA A 175 -21.72 -33.97 0.83
N ALA A 176 -20.95 -34.07 1.92
CA ALA A 176 -20.41 -35.36 2.33
C ALA A 176 -21.51 -36.31 2.79
N LYS A 177 -22.54 -35.77 3.47
CA LYS A 177 -23.65 -36.63 3.83
C LYS A 177 -24.35 -37.18 2.59
N ALA A 178 -24.56 -36.32 1.58
CA ALA A 178 -25.24 -36.75 0.37
C ALA A 178 -24.40 -37.73 -0.45
N ARG A 179 -23.09 -37.51 -0.51
CA ARG A 179 -22.23 -38.34 -1.36
C ARG A 179 -21.73 -39.59 -0.64
N HIS A 180 -21.44 -39.51 0.66
CA HIS A 180 -20.82 -40.61 1.39
C HIS A 180 -21.67 -41.19 2.51
N GLY A 181 -22.75 -40.53 2.92
CA GLY A 181 -23.57 -41.04 4.00
C GLY A 181 -22.94 -40.98 5.37
N ILE A 182 -21.97 -40.07 5.58
CA ILE A 182 -21.27 -40.03 6.86
C ILE A 182 -22.25 -39.69 7.99
N SER A 183 -22.10 -40.37 9.13
CA SER A 183 -23.05 -40.31 10.23
C SER A 183 -22.78 -39.18 11.22
N ARG A 184 -21.55 -39.06 11.70
N ARG A 184 -21.55 -39.06 11.71
CA ARG A 184 -21.23 -38.09 12.75
CA ARG A 184 -21.21 -38.11 12.75
C ARG A 184 -20.01 -37.29 12.34
C ARG A 184 -20.00 -37.29 12.33
N VAL A 185 -20.12 -35.96 12.42
CA VAL A 185 -19.03 -35.05 12.11
C VAL A 185 -18.85 -34.11 13.29
N ALA A 186 -17.60 -33.89 13.71
CA ALA A 186 -17.33 -32.88 14.72
C ALA A 186 -16.58 -31.72 14.06
N VAL A 187 -16.98 -30.50 14.39
CA VAL A 187 -16.31 -29.29 13.93
C VAL A 187 -15.64 -28.64 15.14
N VAL A 188 -14.33 -28.45 15.04
CA VAL A 188 -13.54 -27.81 16.09
C VAL A 188 -13.09 -26.47 15.53
N ASP A 189 -13.70 -25.39 16.05
CA ASP A 189 -13.53 -24.04 15.52
C ASP A 189 -12.60 -23.25 16.45
N TRP A 190 -11.32 -23.12 16.06
CA TRP A 190 -10.39 -22.36 16.88
C TRP A 190 -10.01 -21.01 16.26
N ASP A 191 -10.65 -20.60 15.17
CA ASP A 191 -10.75 -19.17 14.86
C ASP A 191 -11.08 -18.41 16.14
N VAL A 192 -10.49 -17.22 16.31
CA VAL A 192 -10.66 -16.52 17.58
C VAL A 192 -12.07 -16.02 17.81
N HIS A 193 -12.91 -15.99 16.77
CA HIS A 193 -14.27 -15.49 16.91
C HIS A 193 -15.26 -16.64 16.96
N HIS A 194 -16.44 -16.35 17.47
CA HIS A 194 -17.44 -17.41 17.68
C HIS A 194 -18.00 -17.90 16.35
N GLY A 195 -18.02 -19.23 16.16
CA GLY A 195 -18.57 -19.80 14.96
C GLY A 195 -20.09 -19.83 15.01
N ASN A 196 -20.72 -18.66 14.94
CA ASN A 196 -22.17 -18.60 15.11
C ASN A 196 -22.90 -19.20 13.92
N GLY A 197 -22.30 -19.16 12.73
CA GLY A 197 -22.95 -19.75 11.58
C GLY A 197 -23.09 -21.25 11.72
N THR A 198 -21.98 -21.93 12.04
CA THR A 198 -21.98 -23.37 12.27
C THR A 198 -22.93 -23.74 13.39
N GLN A 199 -22.87 -23.01 14.50
CA GLN A 199 -23.74 -23.30 15.64
C GLN A 199 -25.22 -23.25 15.23
N SER A 200 -25.60 -22.19 14.51
CA SER A 200 -27.00 -21.99 14.14
C SER A 200 -27.49 -23.08 13.21
N ILE A 201 -26.71 -23.40 12.19
CA ILE A 201 -27.14 -24.33 11.16
C ILE A 201 -27.38 -25.73 11.70
N PHE A 202 -26.57 -26.17 12.68
CA PHE A 202 -26.74 -27.52 13.22
C PHE A 202 -27.30 -27.53 14.63
N TYR A 203 -27.94 -26.44 15.07
CA TYR A 203 -28.24 -26.28 16.50
C TYR A 203 -29.21 -27.34 17.01
N ASP A 204 -30.13 -27.82 16.17
CA ASP A 204 -31.10 -28.80 16.63
C ASP A 204 -30.75 -30.20 16.16
N ARG A 205 -29.48 -30.46 15.84
CA ARG A 205 -29.05 -31.72 15.25
C ARG A 205 -27.96 -32.38 16.08
N ALA A 206 -28.07 -33.70 16.24
CA ALA A 206 -27.08 -34.47 16.98
C ALA A 206 -26.02 -35.10 16.08
N ASP A 207 -26.17 -35.02 14.76
CA ASP A 207 -25.19 -35.68 13.91
C ASP A 207 -23.96 -34.81 13.68
N VAL A 208 -24.00 -33.55 14.06
CA VAL A 208 -22.85 -32.65 13.91
C VAL A 208 -22.60 -32.01 15.27
N LEU A 209 -21.47 -32.34 15.87
CA LEU A 209 -21.02 -31.69 17.10
C LEU A 209 -20.26 -30.42 16.71
N THR A 210 -20.76 -29.26 17.17
CA THR A 210 -20.12 -27.98 16.86
C THR A 210 -19.48 -27.42 18.11
N ILE A 211 -18.16 -27.25 18.07
CA ILE A 211 -17.37 -26.71 19.18
C ILE A 211 -16.73 -25.42 18.71
N SER A 212 -16.85 -24.36 19.50
CA SER A 212 -16.20 -23.09 19.21
C SER A 212 -15.41 -22.63 20.43
N ILE A 213 -14.11 -22.42 20.24
CA ILE A 213 -13.27 -21.73 21.22
C ILE A 213 -13.07 -20.32 20.70
N HIS A 214 -13.34 -19.32 21.53
CA HIS A 214 -13.32 -17.97 20.99
C HIS A 214 -13.07 -16.98 22.11
N GLN A 215 -12.59 -15.79 21.72
CA GLN A 215 -12.44 -14.71 22.68
C GLN A 215 -13.80 -14.29 23.20
N ASP A 216 -13.93 -14.30 24.53
CA ASP A 216 -15.17 -13.87 25.17
C ASP A 216 -15.59 -12.50 24.68
N ARG A 217 -16.83 -12.41 24.17
CA ARG A 217 -17.52 -11.18 23.82
C ARG A 217 -17.00 -10.48 22.56
N CYS A 218 -16.17 -11.14 21.75
CA CYS A 218 -15.48 -10.39 20.68
C CYS A 218 -16.34 -10.29 19.41
N PHE A 219 -16.58 -11.42 18.73
CA PHE A 219 -17.46 -11.35 17.55
C PHE A 219 -18.26 -12.65 17.39
N PRO A 220 -19.60 -12.60 17.34
CA PRO A 220 -20.45 -11.41 17.47
C PRO A 220 -20.23 -10.68 18.80
N PRO A 221 -20.22 -9.36 18.78
CA PRO A 221 -19.84 -8.60 19.98
C PRO A 221 -20.80 -8.86 21.12
N GLY A 222 -20.23 -9.04 22.31
CA GLY A 222 -20.99 -9.31 23.51
C GLY A 222 -21.34 -10.76 23.75
N TYR A 223 -21.08 -11.65 22.79
CA TYR A 223 -21.52 -13.04 22.91
C TYR A 223 -20.46 -13.88 23.63
N SER A 224 -20.91 -14.69 24.59
CA SER A 224 -20.05 -15.64 25.28
C SER A 224 -20.50 -17.08 24.96
N GLY A 225 -21.66 -17.49 25.46
CA GLY A 225 -22.37 -18.61 24.90
C GLY A 225 -22.16 -19.95 25.54
N ALA A 226 -21.46 -20.05 26.67
CA ALA A 226 -21.19 -21.35 27.25
C ALA A 226 -22.46 -22.12 27.60
N GLU A 227 -23.55 -21.41 27.90
N GLU A 227 -23.55 -21.41 27.90
CA GLU A 227 -24.82 -22.03 28.25
CA GLU A 227 -24.79 -22.07 28.25
C GLU A 227 -25.65 -22.41 27.04
C GLU A 227 -25.59 -22.54 27.04
N ASP A 228 -25.19 -22.14 25.82
CA ASP A 228 -25.93 -22.49 24.62
C ASP A 228 -25.43 -23.84 24.12
N ARG A 229 -26.13 -24.91 24.51
CA ARG A 229 -25.66 -26.27 24.32
C ARG A 229 -26.47 -27.05 23.29
N GLY A 230 -27.31 -26.38 22.52
CA GLY A 230 -28.15 -27.02 21.52
C GLY A 230 -29.60 -27.05 21.97
N GLU A 231 -30.46 -27.54 21.08
CA GLU A 231 -31.88 -27.66 21.40
C GLU A 231 -32.45 -28.91 20.75
N GLY A 232 -33.50 -29.45 21.37
CA GLY A 232 -34.15 -30.64 20.83
C GLY A 232 -33.17 -31.79 20.76
N ALA A 233 -33.17 -32.49 19.62
CA ALA A 233 -32.21 -33.57 19.41
C ALA A 233 -30.76 -33.10 19.48
N GLY A 234 -30.51 -31.82 19.23
CA GLY A 234 -29.17 -31.29 19.31
C GLY A 234 -28.73 -30.84 20.69
N LEU A 235 -29.54 -31.04 21.73
CA LEU A 235 -29.12 -30.65 23.07
C LEU A 235 -27.95 -31.50 23.52
N GLY A 236 -26.82 -30.86 23.86
CA GLY A 236 -25.58 -31.55 24.14
C GLY A 236 -24.64 -31.68 22.96
N TYR A 237 -24.98 -31.10 21.81
CA TYR A 237 -24.17 -31.23 20.60
C TYR A 237 -23.72 -29.87 20.05
N ASN A 238 -23.77 -28.84 20.88
CA ASN A 238 -23.08 -27.58 20.65
C ASN A 238 -22.31 -27.23 21.92
N LEU A 239 -21.07 -26.77 21.76
CA LEU A 239 -20.18 -26.56 22.91
C LEU A 239 -19.35 -25.31 22.70
N ASN A 240 -19.66 -24.25 23.45
CA ASN A 240 -18.92 -23.01 23.37
C ASN A 240 -17.90 -22.94 24.49
N VAL A 241 -16.68 -22.55 24.14
CA VAL A 241 -15.58 -22.40 25.08
C VAL A 241 -15.09 -20.96 24.95
N PRO A 242 -15.78 -19.98 25.53
CA PRO A 242 -15.22 -18.62 25.54
C PRO A 242 -14.00 -18.60 26.44
N LEU A 243 -13.01 -17.81 26.03
CA LEU A 243 -11.79 -17.63 26.80
C LEU A 243 -11.58 -16.13 26.97
N PRO A 244 -11.04 -15.70 28.11
CA PRO A 244 -10.85 -14.27 28.32
C PRO A 244 -9.82 -13.68 27.35
N ALA A 245 -10.06 -12.43 26.97
CA ALA A 245 -9.05 -11.68 26.25
C ALA A 245 -7.74 -11.73 27.01
N GLY A 246 -6.64 -11.87 26.27
CA GLY A 246 -5.32 -11.98 26.86
C GLY A 246 -4.87 -13.41 27.16
N ALA A 247 -5.72 -14.41 26.93
CA ALA A 247 -5.30 -15.80 27.13
C ALA A 247 -4.35 -16.20 26.00
N GLY A 248 -3.41 -17.10 26.34
CA GLY A 248 -2.39 -17.50 25.40
C GLY A 248 -2.24 -19.01 25.29
N HIS A 249 -0.99 -19.43 25.07
CA HIS A 249 -0.67 -20.82 24.75
C HIS A 249 -1.19 -21.79 25.81
N ASP A 250 -0.80 -21.58 27.08
CA ASP A 250 -1.18 -22.53 28.13
C ASP A 250 -2.68 -22.59 28.34
N ALA A 251 -3.38 -21.47 28.18
CA ALA A 251 -4.84 -21.50 28.33
C ALA A 251 -5.49 -22.32 27.23
N TYR A 252 -5.07 -22.12 25.98
CA TYR A 252 -5.67 -22.91 24.90
C TYR A 252 -5.33 -24.40 25.06
N VAL A 253 -4.12 -24.70 25.48
CA VAL A 253 -3.74 -26.11 25.64
C VAL A 253 -4.63 -26.76 26.69
N GLN A 254 -4.84 -26.09 27.83
CA GLN A 254 -5.70 -26.67 28.86
C GLN A 254 -7.15 -26.75 28.41
N ALA A 255 -7.62 -25.74 27.67
CA ALA A 255 -8.98 -25.83 27.13
C ALA A 255 -9.14 -27.06 26.23
N PHE A 256 -8.11 -27.38 25.45
CA PHE A 256 -8.21 -28.56 24.60
C PHE A 256 -8.11 -29.86 25.41
N ASP A 257 -7.19 -29.92 26.39
CA ASP A 257 -7.04 -31.13 27.19
C ASP A 257 -8.26 -31.37 28.09
N ASP A 258 -8.84 -30.31 28.65
CA ASP A 258 -9.89 -30.48 29.65
C ASP A 258 -11.31 -30.44 29.07
N ILE A 259 -11.51 -29.85 27.89
CA ILE A 259 -12.86 -29.69 27.33
C ILE A 259 -12.96 -30.27 25.92
N VAL A 260 -12.14 -29.77 25.00
CA VAL A 260 -12.36 -30.08 23.58
C VAL A 260 -12.15 -31.56 23.29
N VAL A 261 -11.01 -32.10 23.69
CA VAL A 261 -10.67 -33.49 23.36
C VAL A 261 -11.62 -34.45 24.08
N PRO A 262 -11.96 -34.22 25.36
CA PRO A 262 -13.00 -35.07 25.98
C PRO A 262 -14.33 -35.03 25.25
N ALA A 263 -14.74 -33.86 24.76
CA ALA A 263 -15.97 -33.77 23.99
C ALA A 263 -15.89 -34.60 22.73
N LEU A 264 -14.74 -34.57 22.05
CA LEU A 264 -14.55 -35.38 20.84
C LEU A 264 -14.62 -36.85 21.18
N ASP A 265 -13.92 -37.27 22.24
CA ASP A 265 -13.94 -38.66 22.67
C ASP A 265 -15.36 -39.15 22.94
N ASP A 266 -16.16 -38.34 23.63
CA ASP A 266 -17.52 -38.74 23.97
C ASP A 266 -18.41 -38.84 22.75
N PHE A 267 -18.19 -37.99 21.75
CA PHE A 267 -19.07 -37.91 20.58
C PHE A 267 -18.76 -39.00 19.55
N LYS A 268 -17.52 -39.46 19.47
CA LYS A 268 -17.09 -40.48 18.51
C LYS A 268 -17.37 -40.05 17.07
N PRO A 269 -16.69 -39.03 16.57
CA PRO A 269 -16.94 -38.58 15.20
C PRO A 269 -16.39 -39.57 14.18
N ASP A 270 -16.99 -39.55 12.99
CA ASP A 270 -16.43 -40.25 11.85
C ASP A 270 -15.55 -39.37 10.98
N LEU A 271 -15.48 -38.09 11.30
CA LEU A 271 -14.64 -37.13 10.60
C LEU A 271 -14.48 -35.93 11.52
N ILE A 272 -13.27 -35.39 11.63
CA ILE A 272 -13.06 -34.14 12.36
C ILE A 272 -12.71 -33.06 11.36
N ILE A 273 -13.42 -31.93 11.44
CA ILE A 273 -13.13 -30.75 10.64
C ILE A 273 -12.72 -29.63 11.60
N VAL A 274 -11.57 -29.02 11.34
CA VAL A 274 -11.14 -27.86 12.11
C VAL A 274 -11.45 -26.61 11.31
N ALA A 275 -12.24 -25.70 11.89
CA ALA A 275 -12.39 -24.36 11.35
C ALA A 275 -11.22 -23.55 11.87
N SER A 276 -10.18 -23.38 11.03
CA SER A 276 -8.91 -22.87 11.51
C SER A 276 -8.77 -21.42 11.05
N GLY A 277 -9.16 -20.49 11.91
CA GLY A 277 -8.70 -19.13 11.78
C GLY A 277 -7.40 -18.98 12.56
N LEU A 278 -6.53 -18.09 12.08
CA LEU A 278 -5.23 -17.87 12.72
C LEU A 278 -5.20 -16.55 13.47
N ASP A 279 -6.37 -15.99 13.79
CA ASP A 279 -6.46 -14.66 14.37
C ASP A 279 -6.35 -14.64 15.90
N ALA A 280 -6.14 -15.79 16.55
CA ALA A 280 -5.72 -15.79 17.95
C ALA A 280 -4.23 -15.54 18.09
N ASN A 281 -3.50 -15.33 17.00
CA ASN A 281 -2.07 -15.08 17.08
C ASN A 281 -1.80 -13.77 17.81
N SER A 282 -0.59 -13.66 18.38
CA SER A 282 -0.24 -12.62 19.34
C SER A 282 -0.22 -11.20 18.78
N VAL A 283 -0.28 -11.01 17.45
CA VAL A 283 -0.27 -9.64 16.93
C VAL A 283 -1.46 -9.37 16.02
N ASP A 284 -2.53 -10.15 16.14
CA ASP A 284 -3.68 -9.88 15.28
C ASP A 284 -4.39 -8.60 15.72
N PRO A 285 -4.79 -7.75 14.77
CA PRO A 285 -5.57 -6.57 15.16
C PRO A 285 -7.00 -6.89 15.55
N LEU A 286 -7.56 -8.02 15.11
CA LEU A 286 -8.98 -8.26 15.30
C LEU A 286 -9.29 -9.15 16.51
N ALA A 287 -8.30 -9.44 17.35
CA ALA A 287 -8.56 -10.07 18.63
C ALA A 287 -7.39 -9.74 19.55
N ARG A 288 -7.48 -10.24 20.81
CA ARG A 288 -6.58 -9.87 21.90
C ARG A 288 -5.87 -11.09 22.51
N MET A 289 -5.68 -12.15 21.73
CA MET A 289 -5.14 -13.40 22.25
C MET A 289 -3.64 -13.50 22.01
N LEU A 290 -3.00 -14.47 22.69
CA LEU A 290 -1.54 -14.57 22.63
C LEU A 290 -1.06 -15.94 22.18
N LEU A 291 -1.66 -16.49 21.13
CA LEU A 291 -1.09 -17.71 20.57
C LEU A 291 0.12 -17.39 19.70
N HIS A 292 1.00 -18.38 19.55
CA HIS A 292 2.16 -18.22 18.69
C HIS A 292 2.21 -19.43 17.76
N SER A 293 3.21 -19.45 16.89
CA SER A 293 3.21 -20.45 15.82
C SER A 293 3.24 -21.86 16.40
N GLU A 294 3.97 -22.08 17.49
CA GLU A 294 4.04 -23.42 18.05
C GLU A 294 2.76 -23.83 18.77
N SER A 295 1.94 -22.85 19.19
CA SER A 295 0.59 -23.15 19.66
C SER A 295 -0.19 -23.89 18.59
N TYR A 296 -0.16 -23.36 17.36
CA TYR A 296 -0.95 -23.98 16.29
C TYR A 296 -0.39 -25.35 15.92
N ARG A 297 0.93 -25.52 15.95
CA ARG A 297 1.51 -26.84 15.72
C ARG A 297 0.98 -27.85 16.74
N LEU A 298 0.99 -27.48 18.03
CA LEU A 298 0.57 -28.40 19.08
C LEU A 298 -0.94 -28.65 19.04
N LEU A 299 -1.75 -27.62 18.79
CA LEU A 299 -3.19 -27.85 18.69
C LEU A 299 -3.50 -28.77 17.51
N THR A 300 -2.75 -28.63 16.41
CA THR A 300 -2.94 -29.52 15.27
C THR A 300 -2.54 -30.96 15.64
N GLN A 301 -1.46 -31.12 16.41
CA GLN A 301 -1.07 -32.46 16.83
C GLN A 301 -2.17 -33.11 17.69
N LYS A 302 -2.80 -32.32 18.59
CA LYS A 302 -3.93 -32.86 19.35
C LYS A 302 -5.07 -33.30 18.44
N MET A 303 -5.31 -32.54 17.36
CA MET A 303 -6.39 -32.93 16.44
C MET A 303 -6.00 -34.13 15.60
N LEU A 304 -4.72 -34.23 15.22
CA LEU A 304 -4.25 -35.42 14.50
C LEU A 304 -4.36 -36.66 15.38
N ASP A 305 -4.04 -36.52 16.66
CA ASP A 305 -4.18 -37.66 17.57
C ASP A 305 -5.64 -38.05 17.73
N ALA A 306 -6.52 -37.06 17.93
CA ALA A 306 -7.95 -37.36 18.06
C ALA A 306 -8.47 -38.08 16.82
N ALA A 307 -8.11 -37.60 15.63
CA ALA A 307 -8.59 -38.24 14.40
C ALA A 307 -8.01 -39.63 14.24
N ALA A 308 -6.75 -39.83 14.64
CA ALA A 308 -6.15 -41.16 14.58
C ALA A 308 -6.89 -42.13 15.50
N ARG A 309 -7.29 -41.67 16.69
CA ARG A 309 -7.95 -42.53 17.66
C ARG A 309 -9.41 -42.77 17.34
N LEU A 310 -10.11 -41.79 16.76
CA LEU A 310 -11.56 -41.84 16.67
C LEU A 310 -12.11 -42.10 15.28
N CYS A 311 -11.37 -41.76 14.22
CA CYS A 311 -11.96 -41.84 12.87
C CYS A 311 -10.88 -42.07 11.83
N GLY A 312 -9.92 -42.95 12.13
CA GLY A 312 -8.98 -43.43 11.12
C GLY A 312 -8.08 -42.37 10.54
N GLY A 313 -7.82 -41.29 11.29
CA GLY A 313 -6.98 -40.23 10.80
C GLY A 313 -7.67 -39.19 9.95
N LYS A 314 -9.00 -39.28 9.79
CA LYS A 314 -9.70 -38.41 8.85
C LYS A 314 -9.86 -37.01 9.45
N LEU A 315 -9.07 -36.08 8.94
CA LEU A 315 -8.96 -34.73 9.50
C LEU A 315 -8.91 -33.75 8.35
N VAL A 316 -9.77 -32.74 8.40
CA VAL A 316 -9.79 -31.67 7.40
C VAL A 316 -9.65 -30.35 8.15
N VAL A 317 -8.74 -29.49 7.68
CA VAL A 317 -8.54 -28.17 8.24
C VAL A 317 -8.99 -27.15 7.21
N VAL A 318 -9.89 -26.23 7.62
CA VAL A 318 -10.46 -25.25 6.71
C VAL A 318 -10.08 -23.85 7.23
N HIS A 319 -9.41 -23.08 6.38
CA HIS A 319 -9.03 -21.71 6.75
C HIS A 319 -10.25 -20.82 6.97
N GLU A 320 -10.20 -20.02 8.03
CA GLU A 320 -11.23 -19.03 8.29
C GLU A 320 -10.60 -17.65 8.37
N GLY A 321 -10.44 -17.09 9.57
CA GLY A 321 -9.87 -15.78 9.74
C GLY A 321 -8.37 -15.79 9.95
N GLY A 322 -7.86 -14.61 10.29
CA GLY A 322 -6.42 -14.37 10.41
C GLY A 322 -6.08 -13.11 9.66
N TYR A 323 -5.59 -12.07 10.36
CA TYR A 323 -5.49 -10.74 9.77
C TYR A 323 -4.13 -10.09 9.92
N ALA A 324 -3.21 -10.65 10.70
CA ALA A 324 -1.84 -10.13 10.83
C ALA A 324 -0.99 -10.68 9.69
N GLU A 325 -0.82 -9.88 8.63
CA GLU A 325 -0.15 -10.36 7.41
C GLU A 325 1.26 -10.86 7.68
N ALA A 326 1.97 -10.24 8.62
CA ALA A 326 3.36 -10.63 8.88
C ALA A 326 3.50 -11.88 9.73
N TYR A 327 2.48 -12.25 10.52
CA TYR A 327 2.67 -13.36 11.44
C TYR A 327 1.79 -14.57 11.14
N VAL A 328 0.61 -14.36 10.56
CA VAL A 328 -0.23 -15.48 10.10
C VAL A 328 0.58 -16.51 9.30
N PRO A 329 1.51 -16.14 8.40
CA PRO A 329 2.21 -17.19 7.66
C PRO A 329 2.96 -18.16 8.55
N PHE A 330 3.60 -17.67 9.62
CA PHE A 330 4.37 -18.59 10.46
C PHE A 330 3.46 -19.51 11.26
N CYS A 331 2.29 -19.01 11.70
CA CYS A 331 1.34 -19.84 12.42
C CYS A 331 0.77 -20.93 11.52
N GLY A 332 0.35 -20.57 10.31
CA GLY A 332 -0.20 -21.56 9.39
C GLY A 332 0.85 -22.54 8.89
N HIS A 333 2.10 -22.10 8.79
CA HIS A 333 3.13 -22.99 8.28
C HIS A 333 3.46 -24.08 9.29
N ALA A 334 3.53 -23.73 10.58
CA ALA A 334 3.74 -24.74 11.61
C ALA A 334 2.57 -25.72 11.65
N LEU A 335 1.35 -25.22 11.43
CA LEU A 335 0.18 -26.08 11.36
C LEU A 335 0.32 -27.07 10.22
N LEU A 336 0.73 -26.59 9.04
CA LEU A 336 0.84 -27.47 7.87
C LEU A 336 1.96 -28.49 8.03
N GLU A 337 3.06 -28.10 8.68
CA GLU A 337 4.12 -29.06 8.97
C GLU A 337 3.60 -30.20 9.83
N ALA A 338 2.78 -29.89 10.84
CA ALA A 338 2.21 -30.93 11.68
C ALA A 338 1.27 -31.81 10.88
N LEU A 339 0.35 -31.19 10.15
CA LEU A 339 -0.63 -31.91 9.35
C LEU A 339 0.04 -32.88 8.38
N SER A 340 1.08 -32.41 7.68
CA SER A 340 1.79 -33.20 6.70
C SER A 340 2.92 -34.03 7.29
N GLY A 341 3.32 -33.77 8.52
CA GLY A 341 4.48 -34.44 9.09
C GLY A 341 5.77 -34.12 8.38
N GLU A 342 5.92 -32.92 7.85
CA GLU A 342 7.11 -32.53 7.09
C GLU A 342 7.96 -31.56 7.87
N ARG A 343 9.28 -31.70 7.69
CA ARG A 343 10.26 -30.76 8.23
C ARG A 343 10.75 -29.82 7.16
N THR A 344 10.84 -28.54 7.50
CA THR A 344 11.47 -27.55 6.64
C THR A 344 12.45 -26.76 7.48
N ALA A 345 13.14 -25.81 6.84
CA ALA A 345 14.09 -24.94 7.52
C ALA A 345 13.45 -23.65 8.03
N VAL A 346 12.12 -23.52 7.96
CA VAL A 346 11.46 -22.31 8.44
C VAL A 346 11.68 -22.15 9.94
N VAL A 347 12.04 -20.93 10.34
CA VAL A 347 12.16 -20.54 11.73
C VAL A 347 11.32 -19.30 11.95
N ASP A 348 10.43 -19.34 12.92
CA ASP A 348 9.58 -18.21 13.26
C ASP A 348 10.41 -17.15 13.97
N PRO A 349 10.62 -15.96 13.39
CA PRO A 349 11.47 -14.95 14.04
C PRO A 349 10.79 -14.24 15.20
N VAL A 350 9.49 -14.45 15.41
CA VAL A 350 8.74 -13.83 16.50
C VAL A 350 8.62 -14.76 17.70
N LEU A 351 9.01 -16.04 17.56
CA LEU A 351 8.63 -17.03 18.56
C LEU A 351 9.22 -16.72 19.93
N GLU A 352 10.51 -16.34 19.97
CA GLU A 352 11.13 -16.09 21.27
C GLU A 352 10.45 -14.94 21.99
N MET A 353 10.11 -13.89 21.26
CA MET A 353 9.44 -12.75 21.88
C MET A 353 8.02 -13.11 22.30
N ALA A 354 7.30 -13.86 21.46
CA ALA A 354 5.94 -14.26 21.81
C ALA A 354 5.91 -15.21 23.01
N GLU A 355 6.95 -16.02 23.17
CA GLU A 355 7.06 -16.84 24.37
C GLU A 355 7.23 -15.97 25.60
N ALA A 356 8.01 -14.90 25.50
CA ALA A 356 8.21 -14.00 26.63
C ALA A 356 6.95 -13.20 26.95
N TRP A 357 6.10 -12.97 25.96
CA TRP A 357 4.85 -12.24 26.14
C TRP A 357 3.81 -13.03 26.94
N GLN A 358 4.01 -14.32 27.10
CA GLN A 358 2.94 -15.19 27.60
C GLN A 358 2.56 -14.79 29.02
N PRO A 359 1.30 -15.00 29.40
CA PRO A 359 0.83 -14.59 30.73
C PRO A 359 1.68 -15.19 31.85
N GLY A 360 1.96 -14.37 32.84
CA GLY A 360 2.70 -14.80 34.01
C GLY A 360 1.85 -15.62 34.96
N PRO A 361 2.41 -15.91 36.15
CA PRO A 361 1.77 -16.84 37.08
C PRO A 361 0.39 -16.42 37.56
N GLU A 362 0.20 -15.13 37.85
CA GLU A 362 -1.11 -14.69 38.37
C GLU A 362 -2.19 -14.80 37.29
N ALA A 363 -1.88 -14.36 36.07
CA ALA A 363 -2.84 -14.51 34.98
C ALA A 363 -3.06 -15.99 34.65
N ALA A 364 -2.00 -16.79 34.73
CA ALA A 364 -2.14 -18.22 34.46
C ALA A 364 -3.10 -18.88 35.44
N ALA A 365 -3.02 -18.52 36.72
CA ALA A 365 -3.96 -19.07 37.69
C ALA A 365 -5.39 -18.64 37.38
N PHE A 366 -5.56 -17.39 36.92
CA PHE A 366 -6.88 -16.92 36.51
C PHE A 366 -7.42 -17.73 35.32
N HIS A 367 -6.56 -18.00 34.34
CA HIS A 367 -7.02 -18.77 33.19
C HIS A 367 -7.40 -20.20 33.60
N ARG A 368 -6.65 -20.79 34.53
CA ARG A 368 -7.00 -22.13 35.00
C ARG A 368 -8.30 -22.13 35.77
N GLN A 369 -8.54 -21.08 36.55
CA GLN A 369 -9.81 -20.97 37.28
C GLN A 369 -10.97 -20.82 36.30
N TRP A 370 -10.76 -20.07 35.22
CA TRP A 370 -11.79 -19.88 34.21
C TRP A 370 -12.16 -21.20 33.54
N ILE A 371 -11.16 -21.94 33.08
CA ILE A 371 -11.42 -23.20 32.39
C ILE A 371 -12.01 -24.23 33.35
N ASP A 372 -11.52 -24.26 34.60
CA ASP A 372 -12.12 -25.15 35.60
C ASP A 372 -13.60 -24.83 35.83
N ARG A 373 -14.00 -23.55 35.75
CA ARG A 373 -15.42 -23.20 35.88
CA ARG A 373 -15.42 -23.20 35.88
C ARG A 373 -16.22 -23.69 34.68
N LEU A 374 -15.67 -23.54 33.47
CA LEU A 374 -16.34 -24.07 32.29
C LEU A 374 -16.56 -25.57 32.42
N VAL A 375 -15.54 -26.30 32.87
CA VAL A 375 -15.64 -27.75 33.04
C VAL A 375 -16.70 -28.08 34.08
N ALA A 376 -16.70 -27.38 35.21
CA ALA A 376 -17.68 -27.64 36.26
C ALA A 376 -19.11 -27.40 35.75
N ASP A 377 -19.30 -26.36 34.95
CA ASP A 377 -20.64 -26.05 34.43
C ASP A 377 -21.13 -27.10 33.44
N LEU A 378 -20.21 -27.79 32.75
CA LEU A 378 -20.62 -28.88 31.88
C LEU A 378 -21.09 -30.11 32.64
N GLY A 379 -20.92 -30.13 33.97
CA GLY A 379 -21.45 -31.21 34.79
C GLY A 379 -20.60 -32.47 34.77
N ARG B 14 -6.07 27.70 26.70
CA ARG B 14 -5.58 27.50 25.35
C ARG B 14 -4.62 26.32 25.28
N THR B 15 -4.69 25.58 24.19
CA THR B 15 -3.91 24.38 23.96
C THR B 15 -2.96 24.62 22.79
N GLY B 16 -1.67 24.36 23.02
CA GLY B 16 -0.71 24.32 21.93
C GLY B 16 -0.61 22.93 21.34
N PHE B 17 -0.49 22.87 20.01
CA PHE B 17 -0.31 21.62 19.26
C PHE B 17 0.97 21.74 18.46
N TYR B 18 1.92 20.83 18.72
CA TYR B 18 3.29 20.96 18.22
C TYR B 18 3.50 19.84 17.20
N THR B 19 3.61 20.23 15.92
CA THR B 19 3.69 19.25 14.85
C THR B 19 4.55 19.82 13.72
N ASP B 20 5.12 18.92 12.94
CA ASP B 20 5.84 19.35 11.75
C ASP B 20 5.69 18.27 10.69
N GLU B 21 5.47 18.73 9.45
CA GLU B 21 5.35 17.83 8.31
C GLU B 21 6.46 16.78 8.26
N ARG B 22 7.69 17.18 8.55
CA ARG B 22 8.79 16.23 8.29
C ARG B 22 8.84 15.09 9.30
N THR B 23 8.13 15.18 10.43
CA THR B 23 8.04 14.03 11.31
C THR B 23 7.39 12.85 10.62
N PHE B 24 6.51 13.11 9.64
CA PHE B 24 5.87 12.03 8.88
C PHE B 24 6.76 11.51 7.75
N TRP B 25 7.95 12.06 7.57
CA TRP B 25 8.87 11.57 6.55
C TRP B 25 9.90 10.57 7.10
N HIS B 26 10.06 10.47 8.42
CA HIS B 26 10.85 9.39 9.01
C HIS B 26 10.31 8.05 8.52
N ALA B 27 11.21 7.15 8.13
CA ALA B 27 10.82 5.83 7.66
C ALA B 27 11.71 4.78 8.31
N THR B 28 11.09 3.75 8.91
CA THR B 28 11.88 2.73 9.56
C THR B 28 12.52 1.77 8.57
N GLY B 29 12.04 1.71 7.35
CA GLY B 29 12.64 0.88 6.32
C GLY B 29 11.74 -0.26 5.91
N MET B 30 12.33 -1.20 5.18
CA MET B 30 11.60 -2.32 4.59
C MET B 30 11.44 -3.41 5.64
N GLN B 31 10.33 -3.33 6.37
CA GLN B 31 9.93 -4.35 7.33
C GLN B 31 8.47 -4.73 7.04
N ALA B 32 8.13 -5.98 7.32
CA ALA B 32 6.73 -6.42 7.37
C ALA B 32 6.30 -6.31 8.83
N LEU B 33 5.34 -5.42 9.12
CA LEU B 33 5.11 -4.98 10.50
C LEU B 33 6.48 -4.61 11.11
N PHE B 34 6.87 -5.20 12.23
CA PHE B 34 8.17 -4.90 12.83
C PHE B 34 9.27 -5.87 12.40
N LEU B 35 8.99 -6.78 11.47
CA LEU B 35 9.94 -7.83 11.09
C LEU B 35 10.81 -7.36 9.92
N PRO B 36 12.13 -7.33 10.08
CA PRO B 36 13.00 -6.99 8.94
C PRO B 36 12.81 -7.99 7.81
N VAL B 37 12.77 -7.47 6.59
CA VAL B 37 12.68 -8.29 5.40
C VAL B 37 13.93 -9.14 5.25
N GLY B 38 13.75 -10.35 4.71
CA GLY B 38 14.87 -11.24 4.51
C GLY B 38 14.63 -12.55 5.21
N ASP B 39 15.40 -13.56 4.84
CA ASP B 39 15.23 -14.93 5.38
C ASP B 39 13.79 -15.34 5.12
N TRP B 40 12.99 -15.62 6.14
CA TRP B 40 11.65 -16.14 5.91
C TRP B 40 10.57 -15.05 5.93
N VAL B 41 10.95 -13.78 5.96
CA VAL B 41 9.99 -12.69 6.05
C VAL B 41 9.87 -12.05 4.66
N GLN B 42 8.71 -12.26 4.04
CA GLN B 42 8.46 -11.72 2.72
C GLN B 42 8.19 -10.21 2.79
N PRO B 43 8.71 -9.42 1.85
CA PRO B 43 8.42 -7.99 1.85
C PRO B 43 6.92 -7.75 1.79
N PRO B 44 6.46 -6.67 2.42
CA PRO B 44 5.04 -6.30 2.35
C PRO B 44 4.71 -5.65 1.02
N ASN B 45 3.46 -5.85 0.57
CA ASN B 45 3.01 -5.16 -0.62
C ASN B 45 2.33 -3.83 -0.33
N GLY B 46 1.86 -3.63 0.89
CA GLY B 46 1.30 -2.35 1.26
C GLY B 46 2.36 -1.47 1.87
N THR B 47 1.94 -0.62 2.81
CA THR B 47 2.87 0.22 3.55
C THR B 47 3.86 -0.63 4.32
N ALA B 48 5.14 -0.28 4.22
CA ALA B 48 6.17 -0.96 4.99
C ALA B 48 6.18 -0.48 6.44
N GLY B 49 6.52 -1.40 7.34
CA GLY B 49 6.78 -1.06 8.72
C GLY B 49 5.57 -1.21 9.64
N ALA B 50 5.83 -0.88 10.90
CA ALA B 50 4.82 -0.80 11.95
C ALA B 50 4.61 0.63 12.40
N ASP B 51 5.68 1.33 12.76
CA ASP B 51 5.65 2.78 12.94
C ASP B 51 5.58 3.41 11.55
N THR B 52 4.35 3.44 10.99
CA THR B 52 4.16 4.05 9.68
C THR B 52 3.86 5.54 9.81
N PRO B 53 4.17 6.32 8.77
CA PRO B 53 3.78 7.74 8.80
C PRO B 53 2.30 7.94 9.11
N ASP B 54 1.43 7.17 8.44
CA ASP B 54 0.01 7.37 8.63
C ASP B 54 -0.49 6.93 10.00
N SER B 55 0.24 6.07 10.73
CA SER B 55 -0.25 5.72 12.06
C SER B 55 -0.21 6.91 13.01
N LYS B 56 0.50 7.98 12.65
CA LYS B 56 0.47 9.25 13.36
C LYS B 56 -0.22 10.35 12.57
N ARG B 57 0.01 10.45 11.25
CA ARG B 57 -0.60 11.55 10.51
C ARG B 57 -2.12 11.48 10.54
N ARG B 58 -2.70 10.27 10.57
CA ARG B 58 -4.17 10.18 10.48
C ARG B 58 -4.84 10.82 11.69
N LEU B 59 -4.15 10.88 12.83
CA LEU B 59 -4.66 11.66 13.96
C LEU B 59 -4.76 13.13 13.61
N LEU B 60 -3.66 13.71 13.12
CA LEU B 60 -3.68 15.10 12.67
C LEU B 60 -4.73 15.31 11.58
N ASN B 61 -4.81 14.40 10.61
CA ASN B 61 -5.80 14.54 9.53
C ASN B 61 -7.22 14.69 10.09
N LEU B 62 -7.57 13.87 11.09
CA LEU B 62 -8.92 13.91 11.62
C LEU B 62 -9.16 15.20 12.42
N ALA B 63 -8.14 15.66 13.14
CA ALA B 63 -8.23 16.93 13.85
C ALA B 63 -8.39 18.11 12.89
N HIS B 64 -7.77 18.06 11.71
CA HIS B 64 -8.09 19.07 10.69
C HIS B 64 -9.53 18.94 10.22
N ALA B 65 -9.94 17.71 9.86
CA ALA B 65 -11.24 17.51 9.23
C ALA B 65 -12.38 17.88 10.17
N SER B 66 -12.20 17.71 11.47
CA SER B 66 -13.24 18.00 12.44
C SER B 66 -13.35 19.48 12.79
N GLY B 67 -12.39 20.30 12.35
CA GLY B 67 -12.31 21.68 12.77
C GLY B 67 -11.55 21.91 14.05
N LEU B 68 -11.03 20.86 14.68
CA LEU B 68 -10.40 21.02 15.99
C LEU B 68 -9.09 21.79 15.89
N ILE B 69 -8.30 21.54 14.85
CA ILE B 69 -6.99 22.20 14.74
C ILE B 69 -7.14 23.71 14.72
N ARG B 70 -8.23 24.21 14.12
CA ARG B 70 -8.46 25.65 14.05
C ARG B 70 -8.71 26.28 15.40
N LYS B 71 -9.04 25.47 16.42
CA LYS B 71 -9.22 25.94 17.79
C LYS B 71 -7.93 25.97 18.59
N LEU B 72 -6.86 25.39 18.05
CA LEU B 72 -5.60 25.25 18.77
C LEU B 72 -4.59 26.27 18.23
N THR B 73 -3.47 26.41 18.94
CA THR B 73 -2.35 27.20 18.46
C THR B 73 -1.23 26.27 18.03
N LEU B 74 -0.73 26.46 16.81
CA LEU B 74 0.30 25.62 16.21
C LEU B 74 1.58 26.43 15.98
N PRO B 75 2.49 26.46 16.94
CA PRO B 75 3.74 27.19 16.72
C PRO B 75 4.59 26.50 15.67
N GLU B 76 5.43 27.28 15.00
CA GLU B 76 6.41 26.69 14.12
C GLU B 76 7.39 25.85 14.94
N ALA B 77 7.75 24.70 14.41
CA ALA B 77 8.62 23.77 15.13
C ALA B 77 10.01 24.35 15.29
N ILE B 78 10.63 24.06 16.43
CA ILE B 78 12.00 24.44 16.76
C ILE B 78 12.77 23.15 17.06
N PRO B 79 13.68 22.71 16.20
CA PRO B 79 14.41 21.46 16.47
C PRO B 79 15.23 21.53 17.75
N ALA B 80 15.41 20.38 18.38
CA ALA B 80 16.39 20.27 19.45
C ALA B 80 17.78 20.63 18.91
N THR B 81 18.60 21.25 19.75
CA THR B 81 20.00 21.42 19.43
C THR B 81 20.80 20.23 19.96
N VAL B 82 22.05 20.13 19.52
CA VAL B 82 22.92 19.09 20.07
C VAL B 82 23.14 19.33 21.55
N GLU B 83 23.30 20.59 21.96
CA GLU B 83 23.41 20.89 23.38
C GLU B 83 22.19 20.39 24.15
N ASP B 84 20.99 20.58 23.59
CA ASP B 84 19.76 20.05 24.19
C ASP B 84 19.86 18.54 24.41
N VAL B 85 20.15 17.80 23.34
CA VAL B 85 20.04 16.34 23.45
C VAL B 85 21.17 15.79 24.29
N CYS B 86 22.31 16.49 24.35
CA CYS B 86 23.44 16.00 25.13
C CYS B 86 23.32 16.30 26.61
N ARG B 87 22.23 16.92 27.05
CA ARG B 87 21.93 16.90 28.48
C ARG B 87 21.52 15.50 28.95
N VAL B 88 21.15 14.63 28.02
CA VAL B 88 20.76 13.25 28.31
C VAL B 88 21.72 12.24 27.68
N HIS B 89 22.02 12.42 26.40
CA HIS B 89 22.80 11.47 25.61
C HIS B 89 24.27 11.86 25.56
N PRO B 90 25.18 10.88 25.56
CA PRO B 90 26.59 11.21 25.30
C PRO B 90 26.77 11.70 23.87
N ARG B 91 27.67 12.66 23.71
CA ARG B 91 27.92 13.23 22.39
C ARG B 91 28.37 12.16 21.39
N ASP B 92 29.05 11.11 21.87
N ASP B 92 29.00 11.09 21.85
CA ASP B 92 29.49 10.05 20.98
CA ASP B 92 29.48 10.09 20.90
C ASP B 92 28.30 9.37 20.28
C ASP B 92 28.34 9.27 20.31
N TYR B 93 27.22 9.14 21.02
CA TYR B 93 26.04 8.53 20.40
C TYR B 93 25.46 9.47 19.36
N ILE B 94 25.32 10.74 19.72
CA ILE B 94 24.74 11.73 18.82
C ILE B 94 25.57 11.87 17.56
N ASP B 95 26.90 11.85 17.70
CA ASP B 95 27.79 11.94 16.54
C ASP B 95 27.66 10.71 15.64
N ARG B 96 27.57 9.52 16.23
CA ARG B 96 27.43 8.30 15.42
C ARG B 96 26.09 8.27 14.70
N PHE B 97 25.05 8.73 15.38
CA PHE B 97 23.72 8.87 14.79
C PHE B 97 23.76 9.75 13.54
N LYS B 98 24.36 10.95 13.65
CA LYS B 98 24.47 11.85 12.51
C LYS B 98 25.24 11.21 11.36
N ALA B 99 26.38 10.58 11.68
CA ALA B 99 27.21 10.01 10.62
C ALA B 99 26.48 8.87 9.91
N THR B 100 25.81 8.01 10.68
CA THR B 100 25.05 6.91 10.08
C THR B 100 23.89 7.43 9.25
N SER B 101 23.18 8.44 9.77
CA SER B 101 22.08 9.04 9.04
C SER B 101 22.56 9.65 7.73
N ASP B 102 23.68 10.39 7.75
CA ASP B 102 24.22 10.94 6.51
C ASP B 102 24.57 9.84 5.52
N ALA B 103 25.00 8.68 6.00
CA ALA B 103 25.47 7.60 5.14
C ALA B 103 24.34 6.75 4.56
N GLY B 104 23.09 6.99 4.95
CA GLY B 104 21.98 6.24 4.39
C GLY B 104 21.05 5.57 5.39
N GLY B 105 21.32 5.73 6.67
CA GLY B 105 20.46 5.13 7.69
C GLY B 105 21.05 3.86 8.26
N GLY B 106 20.32 3.32 9.23
CA GLY B 106 20.81 2.13 9.93
C GLY B 106 19.99 1.84 11.17
N ASP B 107 20.67 1.24 12.15
CA ASP B 107 20.05 0.93 13.44
C ASP B 107 21.21 0.84 14.42
N LEU B 108 21.28 1.81 15.35
CA LEU B 108 22.36 1.86 16.32
C LEU B 108 21.98 1.24 17.64
N GLY B 109 20.80 0.63 17.72
CA GLY B 109 20.36 0.04 18.96
C GLY B 109 19.59 -1.26 18.77
N HIS B 110 18.48 -1.40 19.49
CA HIS B 110 17.68 -2.62 19.49
CA HIS B 110 17.68 -2.61 19.48
C HIS B 110 16.29 -2.28 18.95
N LEU B 111 16.03 -2.67 17.70
CA LEU B 111 14.76 -2.40 17.04
C LEU B 111 14.51 -0.89 16.92
N ALA B 112 15.50 -0.18 16.38
CA ALA B 112 15.39 1.28 16.22
C ALA B 112 15.90 1.70 14.85
N PRO B 113 15.33 1.17 13.78
CA PRO B 113 15.84 1.51 12.44
C PRO B 113 15.38 2.88 11.96
N PHE B 114 16.20 3.47 11.07
CA PHE B 114 15.89 4.76 10.49
C PHE B 114 16.56 4.86 9.12
N SER B 115 16.06 5.77 8.30
CA SER B 115 16.55 5.96 6.94
C SER B 115 17.46 7.18 6.87
N LYS B 116 17.96 7.44 5.66
CA LYS B 116 18.78 8.63 5.42
C LYS B 116 18.06 9.89 5.88
N GLY B 117 18.77 10.72 6.63
CA GLY B 117 18.19 11.94 7.16
C GLY B 117 17.38 11.75 8.42
N GLY B 118 17.32 10.53 8.97
CA GLY B 118 16.57 10.30 10.18
C GLY B 118 17.09 11.07 11.38
N TYR B 119 18.37 11.44 11.37
CA TYR B 119 18.92 12.25 12.45
C TYR B 119 18.21 13.60 12.53
N GLU B 120 18.14 14.31 11.41
CA GLU B 120 17.49 15.62 11.42
C GLU B 120 16.04 15.51 11.83
N ILE B 121 15.35 14.45 11.37
CA ILE B 121 13.94 14.32 11.72
C ILE B 121 13.78 14.00 13.19
N ALA B 122 14.70 13.20 13.75
CA ALA B 122 14.62 12.93 15.19
C ALA B 122 14.88 14.19 16.00
N MET B 123 15.85 15.01 15.57
CA MET B 123 16.11 16.26 16.28
C MET B 123 14.90 17.17 16.25
N LEU B 124 14.21 17.19 15.10
CA LEU B 124 12.98 17.97 14.96
C LEU B 124 11.88 17.46 15.88
N SER B 125 11.64 16.14 15.84
CA SER B 125 10.62 15.55 16.70
C SER B 125 10.89 15.86 18.16
N CYS B 126 12.13 15.73 18.60
CA CYS B 126 12.49 16.04 19.98
C CYS B 126 12.18 17.49 20.30
N GLY B 127 12.45 18.41 19.37
CA GLY B 127 12.17 19.82 19.58
C GLY B 127 10.70 20.14 19.80
N LEU B 128 9.80 19.30 19.30
CA LEU B 128 8.37 19.50 19.58
C LEU B 128 8.09 19.30 21.06
N ALA B 129 8.68 18.27 21.66
CA ALA B 129 8.51 18.04 23.09
C ALA B 129 9.16 19.16 23.91
N ILE B 130 10.37 19.58 23.54
CA ILE B 130 11.04 20.66 24.25
C ILE B 130 10.18 21.92 24.25
N ALA B 131 9.68 22.30 23.07
CA ALA B 131 8.93 23.55 22.95
C ALA B 131 7.58 23.45 23.62
N ALA B 132 6.93 22.28 23.58
CA ALA B 132 5.65 22.13 24.26
C ALA B 132 5.80 22.36 25.76
N VAL B 133 6.84 21.78 26.35
CA VAL B 133 7.11 21.98 27.77
C VAL B 133 7.50 23.45 28.03
N ASP B 134 8.39 23.98 27.18
CA ASP B 134 8.83 25.36 27.34
C ASP B 134 7.66 26.33 27.33
N ASP B 135 6.76 26.17 26.36
CA ASP B 135 5.66 27.12 26.23
C ASP B 135 4.64 27.00 27.36
N VAL B 136 4.41 25.78 27.87
CA VAL B 136 3.51 25.64 29.01
C VAL B 136 4.13 26.28 30.25
N LEU B 137 5.44 26.06 30.48
CA LEU B 137 6.05 26.65 31.66
C LEU B 137 6.11 28.18 31.57
N SER B 138 6.23 28.73 30.36
CA SER B 138 6.25 30.17 30.14
C SER B 138 4.90 30.83 30.23
N GLY B 139 3.81 30.06 30.30
CA GLY B 139 2.48 30.62 30.29
C GLY B 139 1.94 30.96 28.92
N LYS B 140 2.65 30.60 27.86
CA LYS B 140 2.19 30.91 26.52
C LYS B 140 0.94 30.13 26.15
N VAL B 141 0.80 28.91 26.68
CA VAL B 141 -0.42 28.12 26.56
C VAL B 141 -0.66 27.44 27.90
N ASP B 142 -1.92 27.08 28.16
CA ASP B 142 -2.26 26.37 29.40
C ASP B 142 -1.76 24.93 29.37
N ASN B 143 -1.90 24.26 28.22
CA ASN B 143 -1.44 22.88 28.09
C ASN B 143 -1.04 22.65 26.64
N ALA B 144 -0.52 21.46 26.35
CA ALA B 144 0.09 21.27 25.05
C ALA B 144 0.12 19.79 24.68
N TYR B 145 0.09 19.55 23.36
CA TYR B 145 0.23 18.24 22.74
C TYR B 145 1.37 18.30 21.74
N ALA B 146 2.35 17.41 21.88
CA ALA B 146 3.47 17.33 20.97
C ALA B 146 3.32 16.04 20.18
N LEU B 147 3.11 16.17 18.87
CA LEU B 147 2.95 15.01 18.00
C LEU B 147 4.34 14.52 17.55
N CYS B 148 5.05 13.95 18.51
CA CYS B 148 6.39 13.45 18.23
C CYS B 148 6.35 12.21 17.36
N ARG B 149 7.28 12.14 16.41
CA ARG B 149 7.59 10.95 15.62
C ARG B 149 8.97 11.18 15.01
N PRO B 150 9.98 10.34 15.32
CA PRO B 150 9.98 9.13 16.16
C PRO B 150 9.70 9.40 17.63
N ALA B 151 9.23 8.36 18.32
CA ALA B 151 8.87 8.42 19.74
C ALA B 151 10.13 8.39 20.60
N GLY B 152 9.93 8.44 21.92
CA GLY B 152 11.09 8.56 22.79
C GLY B 152 11.24 7.63 23.99
N HIS B 153 10.16 7.03 24.51
CA HIS B 153 10.23 6.53 25.88
C HIS B 153 11.02 5.23 26.05
N HIS B 154 11.44 4.56 24.99
CA HIS B 154 12.34 3.41 25.15
C HIS B 154 13.81 3.77 25.04
N CYS B 155 14.14 4.99 24.60
CA CYS B 155 15.52 5.32 24.30
C CYS B 155 16.33 5.47 25.58
N LEU B 156 17.40 4.66 25.71
CA LEU B 156 18.31 4.83 26.82
C LEU B 156 19.31 5.95 26.50
N ALA B 157 20.08 6.34 27.51
CA ALA B 157 21.04 7.43 27.33
C ALA B 157 22.03 7.14 26.21
N ASP B 158 22.48 5.90 26.07
CA ASP B 158 23.39 5.59 24.97
C ASP B 158 22.87 4.52 24.02
N THR B 159 21.61 4.13 24.12
CA THR B 159 21.12 3.06 23.24
C THR B 159 19.70 3.35 22.78
N PRO B 160 19.47 3.59 21.49
CA PRO B 160 18.09 3.73 21.02
C PRO B 160 17.44 2.36 21.00
N MET B 161 16.12 2.33 21.16
CA MET B 161 15.44 1.05 21.13
C MET B 161 13.95 1.24 20.91
N GLY B 162 13.31 0.20 20.36
CA GLY B 162 11.87 0.17 20.19
C GLY B 162 11.29 1.37 19.48
N PHE B 163 11.86 1.74 18.34
CA PHE B 163 11.41 2.83 17.47
C PHE B 163 11.73 4.21 18.01
N CYS B 164 12.50 4.30 19.09
CA CYS B 164 12.83 5.56 19.76
C CYS B 164 14.31 5.87 19.55
N LEU B 165 14.60 6.99 18.91
CA LEU B 165 15.98 7.33 18.56
C LEU B 165 16.61 8.33 19.52
N LEU B 166 15.78 9.15 20.18
CA LEU B 166 16.22 10.13 21.17
C LEU B 166 15.23 10.09 22.33
N ALA B 167 15.70 10.44 23.53
CA ALA B 167 14.85 10.46 24.72
C ALA B 167 14.05 11.76 24.77
N ASN B 168 12.99 11.84 23.96
CA ASN B 168 12.23 13.08 23.80
C ASN B 168 11.85 13.73 25.13
N ILE B 169 11.18 12.98 26.00
CA ILE B 169 10.64 13.60 27.22
C ILE B 169 11.76 13.93 28.20
N PRO B 170 12.73 13.03 28.47
CA PRO B 170 13.86 13.42 29.32
C PRO B 170 14.60 14.64 28.81
N ILE B 171 14.84 14.74 27.50
CA ILE B 171 15.52 15.91 26.96
C ILE B 171 14.69 17.16 27.21
N ALA B 172 13.37 17.07 27.02
CA ALA B 172 12.50 18.21 27.29
C ALA B 172 12.53 18.60 28.76
N ILE B 173 12.64 17.62 29.66
CA ILE B 173 12.70 17.93 31.08
C ILE B 173 14.03 18.63 31.41
N GLU B 174 15.15 18.10 30.93
CA GLU B 174 16.44 18.72 31.25
C GLU B 174 16.55 20.11 30.64
N ALA B 175 15.94 20.34 29.47
CA ALA B 175 15.87 21.69 28.92
C ALA B 175 15.04 22.60 29.82
N ALA B 176 13.93 22.10 30.34
CA ALA B 176 13.09 22.90 31.23
C ALA B 176 13.84 23.23 32.53
N LYS B 177 14.62 22.28 33.04
CA LYS B 177 15.42 22.57 34.22
C LYS B 177 16.45 23.65 33.93
N ALA B 178 17.09 23.59 32.76
CA ALA B 178 18.13 24.57 32.44
C ALA B 178 17.53 25.94 32.19
N ARG B 179 16.37 26.00 31.53
CA ARG B 179 15.76 27.27 31.16
C ARG B 179 14.91 27.87 32.26
N HIS B 180 14.11 27.06 32.95
CA HIS B 180 13.14 27.54 33.93
C HIS B 180 13.47 27.16 35.36
N GLY B 181 14.43 26.25 35.58
CA GLY B 181 14.75 25.82 36.93
C GLY B 181 13.66 25.05 37.65
N ILE B 182 12.81 24.33 36.92
CA ILE B 182 11.70 23.63 37.55
C ILE B 182 12.21 22.52 38.45
N SER B 183 11.55 22.33 39.59
CA SER B 183 12.03 21.44 40.65
C SER B 183 11.56 19.99 40.51
N ARG B 184 10.25 19.78 40.41
N ARG B 184 10.25 19.79 40.42
CA ARG B 184 9.66 18.44 40.39
CA ARG B 184 9.65 18.45 40.40
C ARG B 184 8.83 18.26 39.14
C ARG B 184 8.83 18.27 39.13
N VAL B 185 9.05 17.16 38.43
CA VAL B 185 8.28 16.83 37.23
C VAL B 185 7.81 15.39 37.39
N ALA B 186 6.54 15.14 37.07
CA ALA B 186 6.01 13.78 37.03
C ALA B 186 5.74 13.41 35.57
N VAL B 187 6.17 12.20 35.18
CA VAL B 187 5.87 11.65 33.86
C VAL B 187 4.92 10.48 34.06
N VAL B 188 3.77 10.54 33.39
CA VAL B 188 2.77 9.48 33.44
C VAL B 188 2.74 8.84 32.06
N ASP B 189 3.24 7.61 31.96
CA ASP B 189 3.46 6.93 30.67
C ASP B 189 2.36 5.89 30.49
N TRP B 190 1.36 6.19 29.65
CA TRP B 190 0.28 5.24 29.38
C TRP B 190 0.34 4.65 27.99
N ASP B 191 1.41 4.93 27.25
CA ASP B 191 1.79 4.05 26.15
C ASP B 191 1.78 2.61 26.67
N VAL B 192 1.34 1.67 25.84
CA VAL B 192 1.08 0.32 26.35
C VAL B 192 2.37 -0.43 26.70
N HIS B 193 3.52 0.08 26.30
CA HIS B 193 4.79 -0.58 26.56
C HIS B 193 5.52 0.13 27.69
N HIS B 194 6.45 -0.58 28.32
CA HIS B 194 7.16 -0.03 29.46
C HIS B 194 8.09 1.11 29.02
N GLY B 195 7.98 2.25 29.71
CA GLY B 195 8.89 3.36 29.47
C GLY B 195 10.24 3.13 30.11
N ASN B 196 11.01 2.18 29.55
CA ASN B 196 12.28 1.81 30.17
C ASN B 196 13.34 2.91 30.01
N GLY B 197 13.23 3.73 28.95
CA GLY B 197 14.18 4.81 28.78
C GLY B 197 14.03 5.87 29.86
N THR B 198 12.81 6.37 30.04
CA THR B 198 12.52 7.34 31.10
C THR B 198 12.89 6.79 32.47
N GLN B 199 12.53 5.52 32.74
CA GLN B 199 12.88 4.89 34.00
C GLN B 199 14.38 4.94 34.23
N SER B 200 15.15 4.53 33.23
CA SER B 200 16.60 4.43 33.37
C SER B 200 17.23 5.80 33.61
N ILE B 201 16.80 6.80 32.84
CA ILE B 201 17.48 8.08 32.86
C ILE B 201 17.34 8.78 34.20
N PHE B 202 16.20 8.63 34.88
CA PHE B 202 15.97 9.29 36.15
C PHE B 202 15.94 8.33 37.33
N TYR B 203 16.48 7.11 37.16
CA TYR B 203 16.27 6.05 38.16
C TYR B 203 16.80 6.43 39.53
N ASP B 204 17.90 7.19 39.60
CA ASP B 204 18.48 7.56 40.88
C ASP B 204 18.17 9.01 41.26
N ARG B 205 17.10 9.59 40.73
CA ARG B 205 16.75 10.97 41.01
C ARG B 205 15.36 11.06 41.61
N ALA B 206 15.21 11.97 42.58
CA ALA B 206 13.93 12.22 43.23
C ALA B 206 13.17 13.40 42.66
N ASP B 207 13.78 14.17 41.75
CA ASP B 207 13.12 15.33 41.19
C ASP B 207 12.23 15.01 39.99
N VAL B 208 12.29 13.79 39.46
CA VAL B 208 11.42 13.36 38.37
C VAL B 208 10.77 12.05 38.83
N LEU B 209 9.46 12.08 39.05
CA LEU B 209 8.69 10.86 39.27
C LEU B 209 8.33 10.25 37.91
N THR B 210 8.76 9.01 37.69
CA THR B 210 8.48 8.31 36.43
C THR B 210 7.48 7.18 36.71
N ILE B 211 6.28 7.29 36.13
CA ILE B 211 5.26 6.26 36.28
C ILE B 211 5.03 5.61 34.92
N SER B 212 4.98 4.27 34.88
CA SER B 212 4.65 3.57 33.64
C SER B 212 3.54 2.56 33.90
N ILE B 213 2.47 2.66 33.13
CA ILE B 213 1.42 1.65 33.05
C ILE B 213 1.60 0.92 31.73
N HIS B 214 1.71 -0.40 31.78
CA HIS B 214 2.04 -1.12 30.56
C HIS B 214 1.51 -2.54 30.64
N GLN B 215 1.35 -3.16 29.47
CA GLN B 215 1.02 -4.57 29.41
C GLN B 215 2.16 -5.41 29.97
N ASP B 216 1.84 -6.21 30.98
CA ASP B 216 2.79 -7.12 31.59
C ASP B 216 3.54 -7.92 30.54
N ARG B 217 4.87 -7.83 30.56
CA ARG B 217 5.79 -8.68 29.81
C ARG B 217 5.87 -8.35 28.32
N CYS B 218 5.30 -7.23 27.87
CA CYS B 218 5.21 -6.99 26.42
C CYS B 218 6.49 -6.41 25.83
N PHE B 219 6.76 -5.13 26.10
CA PHE B 219 8.03 -4.59 25.61
C PHE B 219 8.62 -3.59 26.61
N PRO B 220 9.87 -3.80 27.05
CA PRO B 220 10.78 -4.93 26.71
C PRO B 220 10.16 -6.28 27.08
N PRO B 221 10.36 -7.29 26.23
CA PRO B 221 9.68 -8.57 26.44
C PRO B 221 10.10 -9.21 27.75
N GLY B 222 9.12 -9.75 28.47
CA GLY B 222 9.35 -10.41 29.73
C GLY B 222 9.36 -9.50 30.94
N TYR B 223 9.39 -8.18 30.75
CA TYR B 223 9.56 -7.26 31.88
C TYR B 223 8.21 -6.90 32.51
N SER B 224 8.15 -6.95 33.83
CA SER B 224 6.97 -6.51 34.58
C SER B 224 7.30 -5.26 35.38
N GLY B 225 8.12 -5.39 36.42
CA GLY B 225 8.82 -4.25 36.99
C GLY B 225 8.21 -3.61 38.22
N ALA B 226 7.16 -4.19 38.80
CA ALA B 226 6.52 -3.52 39.95
C ALA B 226 7.50 -3.29 41.09
N GLU B 227 8.46 -4.20 41.28
N GLU B 227 8.45 -4.19 41.29
CA GLU B 227 9.44 -4.12 42.37
CA GLU B 227 9.40 -4.07 42.39
C GLU B 227 10.59 -3.17 42.08
C GLU B 227 10.50 -3.05 42.12
N ASP B 228 10.65 -2.58 40.89
CA ASP B 228 11.72 -1.64 40.53
C ASP B 228 11.24 -0.23 40.84
N ARG B 229 11.61 0.28 42.01
CA ARG B 229 11.07 1.54 42.52
C ARG B 229 12.09 2.67 42.59
N GLY B 230 13.26 2.49 42.01
CA GLY B 230 14.30 3.51 42.03
C GLY B 230 15.49 3.03 42.86
N GLU B 231 16.52 3.88 42.90
CA GLU B 231 17.69 3.56 43.71
C GLU B 231 18.27 4.85 44.28
N GLY B 232 18.95 4.73 45.41
CA GLY B 232 19.57 5.91 46.01
C GLY B 232 18.53 6.97 46.32
N ALA B 233 18.83 8.22 45.94
CA ALA B 233 17.89 9.31 46.16
C ALA B 233 16.60 9.07 45.41
N GLY B 234 16.64 8.31 44.31
CA GLY B 234 15.47 8.01 43.53
C GLY B 234 14.60 6.89 44.05
N LEU B 235 14.95 6.27 45.18
CA LEU B 235 14.12 5.20 45.73
C LEU B 235 12.76 5.74 46.14
N GLY B 236 11.71 5.18 45.56
CA GLY B 236 10.36 5.69 45.73
C GLY B 236 9.90 6.62 44.63
N TYR B 237 10.72 6.88 43.62
CA TYR B 237 10.36 7.84 42.58
C TYR B 237 10.31 7.19 41.21
N ASN B 238 10.20 5.87 41.16
CA ASN B 238 9.85 5.15 39.94
C ASN B 238 8.72 4.19 40.27
N LEU B 239 7.71 4.14 39.42
CA LEU B 239 6.49 3.40 39.74
C LEU B 239 5.99 2.68 38.49
N ASN B 240 6.15 1.36 38.44
CA ASN B 240 5.66 0.53 37.35
C ASN B 240 4.32 -0.08 37.74
N VAL B 241 3.34 0.05 36.85
CA VAL B 241 2.02 -0.54 36.98
C VAL B 241 1.81 -1.50 35.82
N PRO B 242 2.39 -2.69 35.86
CA PRO B 242 2.08 -3.69 34.82
C PRO B 242 0.63 -4.12 34.97
N LEU B 243 -0.04 -4.30 33.83
CA LEU B 243 -1.41 -4.78 33.80
C LEU B 243 -1.47 -5.99 32.89
N PRO B 244 -2.33 -6.96 33.19
CA PRO B 244 -2.38 -8.17 32.38
C PRO B 244 -2.92 -7.90 30.98
N ALA B 245 -2.38 -8.63 30.02
CA ALA B 245 -2.96 -8.66 28.68
C ALA B 245 -4.46 -8.88 28.77
N GLY B 246 -5.20 -8.14 27.93
CA GLY B 246 -6.64 -8.22 27.89
C GLY B 246 -7.37 -7.27 28.82
N ALA B 247 -6.64 -6.48 29.62
CA ALA B 247 -7.28 -5.49 30.47
C ALA B 247 -7.84 -4.35 29.62
N GLY B 248 -8.93 -3.74 30.08
CA GLY B 248 -9.64 -2.75 29.30
C GLY B 248 -9.89 -1.47 30.09
N HIS B 249 -10.98 -0.80 29.71
CA HIS B 249 -11.35 0.50 30.28
C HIS B 249 -11.37 0.48 31.81
N ASP B 250 -12.15 -0.43 32.41
CA ASP B 250 -12.30 -0.37 33.86
C ASP B 250 -11.01 -0.68 34.58
N ALA B 251 -10.17 -1.56 34.02
CA ALA B 251 -8.88 -1.83 34.67
C ALA B 251 -7.99 -0.59 34.66
N TYR B 252 -7.95 0.14 33.55
CA TYR B 252 -7.12 1.32 33.51
C TYR B 252 -7.64 2.41 34.44
N VAL B 253 -8.96 2.59 34.48
CA VAL B 253 -9.56 3.58 35.37
C VAL B 253 -9.19 3.29 36.82
N GLN B 254 -9.30 2.02 37.23
CA GLN B 254 -8.96 1.69 38.61
C GLN B 254 -7.47 1.87 38.90
N ALA B 255 -6.60 1.48 37.96
CA ALA B 255 -5.18 1.74 38.17
C ALA B 255 -4.89 3.23 38.32
N PHE B 256 -5.62 4.07 37.59
CA PHE B 256 -5.38 5.50 37.74
C PHE B 256 -5.97 6.03 39.05
N ASP B 257 -7.15 5.55 39.44
CA ASP B 257 -7.76 5.99 40.69
C ASP B 257 -6.96 5.50 41.90
N ASP B 258 -6.49 4.25 41.87
CA ASP B 258 -5.91 3.63 43.07
C ASP B 258 -4.40 3.76 43.16
N ILE B 259 -3.69 3.99 42.04
CA ILE B 259 -2.23 4.03 42.04
C ILE B 259 -1.70 5.35 41.48
N VAL B 260 -2.05 5.66 40.23
CA VAL B 260 -1.40 6.77 39.52
C VAL B 260 -1.70 8.11 40.19
N VAL B 261 -2.99 8.44 40.33
CA VAL B 261 -3.37 9.73 40.92
C VAL B 261 -2.88 9.86 42.36
N PRO B 262 -3.02 8.85 43.23
CA PRO B 262 -2.43 8.99 44.57
C PRO B 262 -0.93 9.23 44.54
N ALA B 263 -0.20 8.60 43.62
CA ALA B 263 1.23 8.85 43.52
C ALA B 263 1.52 10.30 43.14
N LEU B 264 0.73 10.86 42.24
CA LEU B 264 0.93 12.25 41.85
C LEU B 264 0.65 13.19 43.01
N ASP B 265 -0.45 12.94 43.73
CA ASP B 265 -0.80 13.75 44.89
C ASP B 265 0.32 13.78 45.93
N ASP B 266 0.97 12.64 46.17
CA ASP B 266 2.04 12.59 47.17
C ASP B 266 3.30 13.29 46.70
N PHE B 267 3.59 13.22 45.40
CA PHE B 267 4.82 13.75 44.85
C PHE B 267 4.79 15.27 44.74
N LYS B 268 3.61 15.86 44.51
CA LYS B 268 3.42 17.29 44.33
C LYS B 268 4.29 17.82 43.19
N PRO B 269 3.98 17.46 41.94
CA PRO B 269 4.78 17.94 40.82
C PRO B 269 4.46 19.38 40.48
N ASP B 270 5.46 20.03 39.86
CA ASP B 270 5.30 21.38 39.30
C ASP B 270 4.89 21.34 37.83
N LEU B 271 4.91 20.16 37.22
CA LEU B 271 4.54 19.93 35.83
C LEU B 271 4.23 18.46 35.71
N ILE B 272 3.15 18.13 35.00
CA ILE B 272 2.84 16.74 34.64
C ILE B 272 3.05 16.58 33.14
N ILE B 273 3.82 15.57 32.75
CA ILE B 273 4.00 15.19 31.35
C ILE B 273 3.41 13.80 31.16
N VAL B 274 2.51 13.67 30.19
CA VAL B 274 1.96 12.37 29.81
C VAL B 274 2.71 11.86 28.59
N ALA B 275 3.33 10.68 28.72
CA ALA B 275 3.87 9.96 27.57
C ALA B 275 2.71 9.17 27.00
N SER B 276 2.08 9.71 25.97
CA SER B 276 0.82 9.18 25.47
C SER B 276 1.09 8.38 24.20
N GLY B 277 1.24 7.08 24.35
CA GLY B 277 1.07 6.20 23.22
C GLY B 277 -0.39 5.79 23.19
N LEU B 278 -0.90 5.53 21.98
CA LEU B 278 -2.29 5.15 21.80
C LEU B 278 -2.43 3.66 21.51
N ASP B 279 -1.40 2.86 21.83
CA ASP B 279 -1.36 1.47 21.41
C ASP B 279 -2.01 0.51 22.40
N ALA B 280 -2.60 1.01 23.49
CA ALA B 280 -3.50 0.18 24.27
C ALA B 280 -4.90 0.13 23.67
N ASN B 281 -5.12 0.77 22.51
CA ASN B 281 -6.44 0.72 21.89
C ASN B 281 -6.77 -0.73 21.50
N SER B 282 -8.08 -0.96 21.32
CA SER B 282 -8.64 -2.31 21.24
C SER B 282 -8.27 -3.08 19.98
N VAL B 283 -7.72 -2.45 18.94
CA VAL B 283 -7.34 -3.18 17.73
C VAL B 283 -5.86 -2.98 17.40
N ASP B 284 -5.05 -2.66 18.38
CA ASP B 284 -3.67 -2.44 18.02
C ASP B 284 -2.96 -3.79 17.83
N PRO B 285 -2.13 -3.91 16.80
CA PRO B 285 -1.39 -5.17 16.62
C PRO B 285 -0.27 -5.35 17.62
N LEU B 286 0.25 -4.28 18.21
CA LEU B 286 1.45 -4.38 19.01
C LEU B 286 1.17 -4.52 20.51
N ALA B 287 -0.09 -4.70 20.91
CA ALA B 287 -0.42 -5.12 22.27
C ALA B 287 -1.82 -5.73 22.28
N ARG B 288 -2.26 -6.14 23.48
CA ARG B 288 -3.43 -6.98 23.69
C ARG B 288 -4.46 -6.30 24.61
N MET B 289 -4.49 -4.97 24.65
CA MET B 289 -5.37 -4.26 25.56
C MET B 289 -6.66 -3.81 24.87
N LEU B 290 -7.60 -3.35 25.70
CA LEU B 290 -8.96 -3.10 25.24
C LEU B 290 -9.43 -1.69 25.59
N LEU B 291 -8.58 -0.68 25.37
CA LEU B 291 -9.04 0.69 25.56
C LEU B 291 -9.76 1.18 24.30
N HIS B 292 -10.64 2.16 24.48
CA HIS B 292 -11.33 2.79 23.36
C HIS B 292 -11.21 4.29 23.48
N SER B 293 -11.84 5.01 22.54
CA SER B 293 -11.63 6.46 22.47
C SER B 293 -12.06 7.14 23.76
N GLU B 294 -13.14 6.67 24.37
CA GLU B 294 -13.61 7.32 25.59
C GLU B 294 -12.74 6.98 26.79
N SER B 295 -12.00 5.87 26.75
CA SER B 295 -10.95 5.64 27.75
C SER B 295 -9.93 6.76 27.73
N TYR B 296 -9.47 7.16 26.55
CA TYR B 296 -8.44 8.20 26.48
C TYR B 296 -8.99 9.56 26.89
N ARG B 297 -10.27 9.81 26.62
CA ARG B 297 -10.86 11.07 27.07
C ARG B 297 -10.82 11.15 28.59
N LEU B 298 -11.21 10.06 29.24
CA LEU B 298 -11.33 10.05 30.69
C LEU B 298 -9.95 10.08 31.35
N LEU B 299 -8.99 9.31 30.82
CA LEU B 299 -7.64 9.36 31.39
C LEU B 299 -7.06 10.76 31.28
N THR B 300 -7.31 11.43 30.15
CA THR B 300 -6.86 12.81 29.97
C THR B 300 -7.53 13.73 30.98
N GLN B 301 -8.85 13.56 31.17
CA GLN B 301 -9.56 14.35 32.18
C GLN B 301 -8.99 14.14 33.58
N LYS B 302 -8.61 12.91 33.91
CA LYS B 302 -7.98 12.68 35.22
C LYS B 302 -6.67 13.44 35.34
N MET B 303 -5.89 13.52 34.25
CA MET B 303 -4.64 14.28 34.31
C MET B 303 -4.88 15.77 34.29
N LEU B 304 -5.89 16.23 33.56
CA LEU B 304 -6.26 17.64 33.62
C LEU B 304 -6.66 18.04 35.04
N ASP B 305 -7.40 17.17 35.74
CA ASP B 305 -7.78 17.42 37.12
C ASP B 305 -6.56 17.44 38.04
N ALA B 306 -5.64 16.49 37.87
CA ALA B 306 -4.44 16.47 38.70
C ALA B 306 -3.59 17.71 38.48
N ALA B 307 -3.41 18.11 37.22
CA ALA B 307 -2.61 19.31 36.93
C ALA B 307 -3.29 20.56 37.50
N ALA B 308 -4.61 20.64 37.41
CA ALA B 308 -5.33 21.78 37.97
C ALA B 308 -5.15 21.85 39.49
N ARG B 309 -5.20 20.70 40.16
CA ARG B 309 -5.05 20.64 41.61
C ARG B 309 -3.60 20.82 42.05
N LEU B 310 -2.64 20.29 41.29
CA LEU B 310 -1.27 20.16 41.79
C LEU B 310 -0.30 21.17 41.20
N CYS B 311 -0.51 21.67 39.99
CA CYS B 311 0.52 22.50 39.37
C CYS B 311 -0.09 23.49 38.39
N GLY B 312 -1.16 24.16 38.80
CA GLY B 312 -1.69 25.29 38.06
C GLY B 312 -2.12 24.98 36.65
N GLY B 313 -2.51 23.74 36.39
CA GLY B 313 -2.98 23.34 35.08
C GLY B 313 -1.88 22.95 34.11
N LYS B 314 -0.63 22.94 34.55
CA LYS B 314 0.50 22.73 33.65
C LYS B 314 0.59 21.26 33.27
N LEU B 315 0.21 20.96 32.03
CA LEU B 315 0.08 19.60 31.54
C LEU B 315 0.58 19.54 30.10
N VAL B 316 1.50 18.63 29.82
CA VAL B 316 2.03 18.42 28.48
C VAL B 316 1.81 16.97 28.10
N VAL B 317 1.22 16.72 26.93
CA VAL B 317 1.01 15.38 26.40
C VAL B 317 1.93 15.19 25.20
N VAL B 318 2.73 14.12 25.22
CA VAL B 318 3.74 13.86 24.19
C VAL B 318 3.41 12.53 23.52
N HIS B 319 3.23 12.55 22.19
CA HIS B 319 2.87 11.33 21.48
C HIS B 319 4.01 10.31 21.53
N GLU B 320 3.66 9.05 21.78
CA GLU B 320 4.65 7.97 21.73
C GLU B 320 4.21 6.93 20.69
N GLY B 321 3.77 5.75 21.15
CA GLY B 321 3.35 4.68 20.25
C GLY B 321 1.90 4.78 19.78
N GLY B 322 1.45 3.72 19.10
CA GLY B 322 0.14 3.66 18.48
C GLY B 322 0.23 3.23 17.04
N TYR B 323 -0.34 2.05 16.70
CA TYR B 323 -0.05 1.43 15.42
C TYR B 323 -1.27 1.05 14.59
N ALA B 324 -2.47 1.07 15.16
CA ALA B 324 -3.71 0.83 14.41
C ALA B 324 -4.10 2.11 13.66
N GLU B 325 -3.74 2.19 12.36
CA GLU B 325 -3.99 3.41 11.60
C GLU B 325 -5.46 3.78 11.59
N ALA B 326 -6.35 2.78 11.62
CA ALA B 326 -7.77 3.10 11.50
C ALA B 326 -8.40 3.57 12.81
N TYR B 327 -7.83 3.21 13.96
CA TYR B 327 -8.49 3.51 15.23
C TYR B 327 -7.75 4.51 16.11
N VAL B 328 -6.42 4.58 16.01
CA VAL B 328 -5.65 5.61 16.69
C VAL B 328 -6.24 7.02 16.49
N PRO B 329 -6.72 7.41 15.29
CA PRO B 329 -7.24 8.79 15.17
C PRO B 329 -8.39 9.08 16.10
N PHE B 330 -9.30 8.13 16.32
CA PHE B 330 -10.44 8.41 17.19
C PHE B 330 -10.01 8.46 18.66
N CYS B 331 -9.01 7.67 19.03
CA CYS B 331 -8.49 7.70 20.40
C CYS B 331 -7.76 9.01 20.67
N GLY B 332 -6.87 9.39 19.76
CA GLY B 332 -6.19 10.68 19.90
C GLY B 332 -7.11 11.87 19.81
N HIS B 333 -8.16 11.79 18.99
CA HIS B 333 -9.04 12.95 18.81
C HIS B 333 -9.83 13.22 20.08
N ALA B 334 -10.34 12.17 20.74
CA ALA B 334 -11.04 12.33 22.02
C ALA B 334 -10.12 12.90 23.08
N LEU B 335 -8.87 12.43 23.14
CA LEU B 335 -7.86 13.01 24.01
C LEU B 335 -7.72 14.52 23.76
N LEU B 336 -7.58 14.91 22.49
CA LEU B 336 -7.38 16.31 22.16
C LEU B 336 -8.59 17.15 22.50
N GLU B 337 -9.80 16.62 22.27
CA GLU B 337 -11.01 17.32 22.70
C GLU B 337 -10.95 17.61 24.21
N ALA B 338 -10.53 16.65 25.00
CA ALA B 338 -10.47 16.84 26.45
C ALA B 338 -9.41 17.88 26.81
N LEU B 339 -8.21 17.72 26.23
CA LEU B 339 -7.11 18.62 26.53
C LEU B 339 -7.48 20.06 26.25
N SER B 340 -8.13 20.30 25.12
CA SER B 340 -8.51 21.62 24.67
C SER B 340 -9.86 22.10 25.18
N GLY B 341 -10.67 21.21 25.75
CA GLY B 341 -12.02 21.58 26.15
C GLY B 341 -12.95 21.91 25.01
N GLU B 342 -12.67 21.38 23.82
CA GLU B 342 -13.46 21.67 22.63
C GLU B 342 -14.30 20.46 22.24
N ARG B 343 -15.55 20.72 21.91
CA ARG B 343 -16.43 19.70 21.36
C ARG B 343 -16.47 19.84 19.84
N THR B 344 -16.40 18.71 19.15
CA THR B 344 -16.59 18.61 17.71
C THR B 344 -17.71 17.61 17.43
N ALA B 345 -18.02 17.43 16.16
CA ALA B 345 -19.05 16.48 15.73
C ALA B 345 -18.52 15.07 15.48
N VAL B 346 -17.25 14.81 15.81
CA VAL B 346 -16.69 13.48 15.58
C VAL B 346 -17.42 12.44 16.40
N VAL B 347 -17.72 11.32 15.74
CA VAL B 347 -18.34 10.15 16.35
C VAL B 347 -17.46 8.95 16.07
N ASP B 348 -17.04 8.25 17.12
CA ASP B 348 -16.20 7.06 17.01
C ASP B 348 -17.06 5.90 16.54
N PRO B 349 -16.89 5.43 15.30
CA PRO B 349 -17.74 4.34 14.79
C PRO B 349 -17.41 2.98 15.39
N VAL B 350 -16.32 2.85 16.13
CA VAL B 350 -15.95 1.58 16.77
C VAL B 350 -16.43 1.49 18.21
N LEU B 351 -16.89 2.60 18.80
CA LEU B 351 -17.05 2.67 20.25
C LEU B 351 -18.07 1.66 20.77
N GLU B 352 -19.22 1.54 20.11
CA GLU B 352 -20.25 0.62 20.58
C GLU B 352 -19.73 -0.81 20.62
N MET B 353 -19.02 -1.22 19.57
CA MET B 353 -18.45 -2.56 19.56
C MET B 353 -17.35 -2.70 20.59
N ALA B 354 -16.44 -1.71 20.71
CA ALA B 354 -15.39 -1.80 21.71
C ALA B 354 -15.96 -1.83 23.13
N GLU B 355 -17.11 -1.21 23.37
CA GLU B 355 -17.72 -1.30 24.69
C GLU B 355 -18.25 -2.71 24.94
N ALA B 356 -18.82 -3.33 23.90
CA ALA B 356 -19.32 -4.69 24.01
C ALA B 356 -18.18 -5.68 24.21
N TRP B 357 -16.97 -5.35 23.74
CA TRP B 357 -15.79 -6.20 23.87
C TRP B 357 -15.26 -6.26 25.30
N GLN B 358 -15.67 -5.35 26.16
CA GLN B 358 -15.00 -5.17 27.43
C GLN B 358 -15.12 -6.41 28.29
N PRO B 359 -14.13 -6.67 29.14
CA PRO B 359 -14.15 -7.89 29.97
C PRO B 359 -15.41 -8.01 30.80
N GLY B 360 -15.92 -9.23 30.88
CA GLY B 360 -17.06 -9.54 31.71
C GLY B 360 -16.67 -9.62 33.18
N PRO B 361 -17.59 -10.11 34.01
CA PRO B 361 -17.42 -9.98 35.47
C PRO B 361 -16.26 -10.80 36.04
N GLU B 362 -16.07 -12.03 35.56
CA GLU B 362 -14.96 -12.84 36.08
C GLU B 362 -13.62 -12.20 35.77
N ALA B 363 -13.44 -11.73 34.52
CA ALA B 363 -12.21 -11.02 34.17
C ALA B 363 -12.11 -9.72 34.95
N ALA B 364 -13.23 -9.01 35.12
CA ALA B 364 -13.22 -7.76 35.85
C ALA B 364 -12.77 -7.96 37.30
N ALA B 365 -13.20 -9.06 37.93
CA ALA B 365 -12.76 -9.37 39.29
C ALA B 365 -11.28 -9.66 39.32
N PHE B 366 -10.77 -10.38 38.31
CA PHE B 366 -9.34 -10.66 38.22
C PHE B 366 -8.53 -9.38 38.12
N HIS B 367 -8.95 -8.46 37.26
CA HIS B 367 -8.24 -7.19 37.11
C HIS B 367 -8.28 -6.38 38.40
N ARG B 368 -9.42 -6.38 39.08
CA ARG B 368 -9.53 -5.65 40.34
C ARG B 368 -8.62 -6.25 41.39
N GLN B 369 -8.57 -7.58 41.46
CA GLN B 369 -7.66 -8.27 42.39
C GLN B 369 -6.20 -7.99 42.06
N TRP B 370 -5.87 -7.94 40.76
CA TRP B 370 -4.51 -7.64 40.31
C TRP B 370 -4.06 -6.27 40.81
N ILE B 371 -4.92 -5.25 40.64
CA ILE B 371 -4.57 -3.90 41.02
C ILE B 371 -4.52 -3.77 42.54
N ASP B 372 -5.44 -4.43 43.25
CA ASP B 372 -5.37 -4.46 44.72
C ASP B 372 -4.03 -4.99 45.20
N ARG B 373 -3.52 -6.05 44.56
CA ARG B 373 -2.22 -6.60 44.95
CA ARG B 373 -2.23 -6.60 44.98
C ARG B 373 -1.09 -5.62 44.72
N LEU B 374 -1.11 -4.90 43.59
CA LEU B 374 -0.09 -3.89 43.34
C LEU B 374 -0.12 -2.83 44.42
N VAL B 375 -1.32 -2.42 44.83
CA VAL B 375 -1.46 -1.41 45.87
C VAL B 375 -0.90 -1.93 47.18
N ALA B 376 -1.30 -3.15 47.54
CA ALA B 376 -0.82 -3.74 48.80
C ALA B 376 0.70 -3.81 48.81
N ASP B 377 1.31 -4.14 47.67
CA ASP B 377 2.77 -4.26 47.60
C ASP B 377 3.44 -2.90 47.71
N LEU B 378 2.77 -1.82 47.30
CA LEU B 378 3.32 -0.49 47.51
C LEU B 378 3.38 -0.12 48.99
N GLY B 379 2.80 -0.93 49.88
CA GLY B 379 2.97 -0.77 51.31
C GLY B 379 2.32 0.47 51.88
N ARG C 14 4.66 -27.66 -26.76
CA ARG C 14 4.89 -27.67 -25.33
C ARG C 14 5.73 -26.48 -24.90
N THR C 15 5.16 -25.64 -24.04
CA THR C 15 5.82 -24.44 -23.55
C THR C 15 6.21 -24.64 -22.10
N GLY C 16 7.48 -24.40 -21.79
CA GLY C 16 7.93 -24.38 -20.40
C GLY C 16 7.80 -22.99 -19.81
N PHE C 17 7.39 -22.93 -18.55
CA PHE C 17 7.26 -21.69 -17.82
C PHE C 17 8.09 -21.82 -16.56
N TYR C 18 9.08 -20.93 -16.40
CA TYR C 18 10.11 -21.08 -15.38
C TYR C 18 9.91 -19.96 -14.36
N THR C 19 9.54 -20.33 -13.13
CA THR C 19 9.18 -19.35 -12.11
C THR C 19 9.49 -19.94 -10.74
N ASP C 20 9.73 -19.05 -9.78
CA ASP C 20 9.89 -19.48 -8.40
C ASP C 20 9.36 -18.38 -7.49
N GLU C 21 8.65 -18.82 -6.44
CA GLU C 21 8.04 -17.91 -5.49
C GLU C 21 9.03 -16.87 -4.96
N ARG C 22 10.27 -17.26 -4.74
CA ARG C 22 11.17 -16.34 -4.04
C ARG C 22 11.65 -15.21 -4.93
N THR C 23 11.50 -15.31 -6.26
CA THR C 23 11.75 -14.14 -7.11
C THR C 23 10.84 -12.96 -6.72
N PHE C 24 9.66 -13.24 -6.15
CA PHE C 24 8.77 -12.16 -5.74
C PHE C 24 9.13 -11.60 -4.37
N TRP C 25 10.13 -12.17 -3.70
CA TRP C 25 10.58 -11.72 -2.39
C TRP C 25 11.76 -10.75 -2.45
N HIS C 26 12.41 -10.63 -3.61
CA HIS C 26 13.41 -9.59 -3.80
C HIS C 26 12.76 -8.22 -3.56
N ALA C 27 13.48 -7.34 -2.86
CA ALA C 27 12.91 -6.04 -2.53
C ALA C 27 13.98 -4.98 -2.73
N THR C 28 13.70 -3.99 -3.57
CA THR C 28 14.71 -2.97 -3.84
C THR C 28 14.90 -2.03 -2.67
N GLY C 29 13.94 -1.94 -1.76
CA GLY C 29 14.07 -1.11 -0.58
C GLY C 29 13.10 0.05 -0.52
N MET C 30 13.42 1.05 0.30
CA MET C 30 12.51 2.15 0.57
C MET C 30 12.77 3.24 -0.45
N GLN C 31 12.10 3.14 -1.59
CA GLN C 31 12.12 4.19 -2.61
C GLN C 31 10.69 4.60 -2.94
N ALA C 32 10.52 5.87 -3.29
CA ALA C 32 9.29 6.34 -3.94
C ALA C 32 9.52 6.19 -5.43
N LEU C 33 8.78 5.29 -6.08
CA LEU C 33 9.12 4.86 -7.44
C LEU C 33 10.60 4.44 -7.44
N PHE C 34 11.43 5.04 -8.30
CA PHE C 34 12.86 4.70 -8.29
C PHE C 34 13.71 5.68 -7.49
N LEU C 35 13.09 6.61 -6.74
CA LEU C 35 13.84 7.62 -5.99
C LEU C 35 14.08 7.16 -4.57
N PRO C 36 15.33 7.06 -4.12
CA PRO C 36 15.59 6.74 -2.71
C PRO C 36 15.00 7.79 -1.78
N VAL C 37 14.43 7.33 -0.65
CA VAL C 37 13.89 8.26 0.32
C VAL C 37 15.03 9.03 0.98
N GLY C 38 14.67 10.14 1.58
CA GLY C 38 15.65 11.05 2.14
C GLY C 38 15.76 12.31 1.32
N ASP C 39 16.29 13.35 1.97
CA ASP C 39 16.38 14.70 1.41
C ASP C 39 14.96 15.13 1.07
N TRP C 40 14.65 15.43 -0.19
CA TRP C 40 13.36 15.96 -0.58
C TRP C 40 12.37 14.89 -1.03
N VAL C 41 12.71 13.61 -0.96
CA VAL C 41 11.84 12.53 -1.41
C VAL C 41 11.12 11.94 -0.19
N GLN C 42 9.83 12.18 -0.11
CA GLN C 42 9.01 11.64 0.97
C GLN C 42 8.82 10.13 0.78
N PRO C 43 8.87 9.35 1.85
CA PRO C 43 8.62 7.91 1.70
C PRO C 43 7.22 7.65 1.18
N PRO C 44 7.04 6.59 0.40
CA PRO C 44 5.70 6.25 -0.10
C PRO C 44 4.85 5.64 1.00
N ASN C 45 3.55 5.89 0.93
CA ASN C 45 2.61 5.23 1.83
C ASN C 45 2.08 3.92 1.30
N GLY C 46 2.16 3.68 0.01
CA GLY C 46 1.77 2.41 -0.53
C GLY C 46 2.97 1.50 -0.69
N THR C 47 2.93 0.70 -1.76
CA THR C 47 4.05 -0.17 -2.09
C THR C 47 5.29 0.65 -2.40
N ALA C 48 6.40 0.29 -1.76
CA ALA C 48 7.69 0.94 -2.01
C ALA C 48 8.30 0.46 -3.33
N GLY C 49 8.99 1.38 -3.99
CA GLY C 49 9.78 1.04 -5.16
C GLY C 49 9.03 1.16 -6.49
N ALA C 50 9.78 0.77 -7.53
CA ALA C 50 9.32 0.69 -8.90
C ALA C 50 9.29 -0.74 -9.41
N ASP C 51 10.41 -1.46 -9.30
CA ASP C 51 10.42 -2.91 -9.49
C ASP C 51 9.76 -3.54 -8.25
N THR C 52 8.41 -3.50 -8.23
CA THR C 52 7.67 -4.10 -7.12
C THR C 52 7.42 -5.58 -7.39
N PRO C 53 7.28 -6.38 -6.33
CA PRO C 53 6.92 -7.80 -6.55
C PRO C 53 5.68 -7.97 -7.43
N ASP C 54 4.66 -7.16 -7.20
CA ASP C 54 3.41 -7.33 -7.92
C ASP C 54 3.51 -6.92 -9.38
N SER C 55 4.44 -6.03 -9.73
CA SER C 55 4.65 -5.69 -11.14
C SER C 55 5.07 -6.91 -11.96
N LYS C 56 5.55 -7.96 -11.30
CA LYS C 56 5.80 -9.23 -11.98
C LYS C 56 4.82 -10.31 -11.57
N ARG C 57 4.48 -10.42 -10.28
CA ARG C 57 3.59 -11.50 -9.87
C ARG C 57 2.21 -11.41 -10.51
N ARG C 58 1.70 -10.20 -10.74
CA ARG C 58 0.34 -10.08 -11.26
C ARG C 58 0.20 -10.71 -12.65
N LEU C 59 1.30 -10.82 -13.42
CA LEU C 59 1.26 -11.58 -14.67
C LEU C 59 1.04 -13.06 -14.40
N LEU C 60 1.84 -13.63 -13.49
CA LEU C 60 1.63 -15.02 -13.10
C LEU C 60 0.22 -15.23 -12.57
N ASN C 61 -0.28 -14.29 -11.77
CA ASN C 61 -1.62 -14.41 -11.17
C ASN C 61 -2.68 -14.53 -12.27
N LEU C 62 -2.61 -13.67 -13.28
CA LEU C 62 -3.61 -13.72 -14.36
C LEU C 62 -3.49 -15.01 -15.16
N ALA C 63 -2.26 -15.48 -15.41
CA ALA C 63 -2.06 -16.75 -16.10
C ALA C 63 -2.64 -17.92 -15.30
N HIS C 64 -2.59 -17.87 -13.97
CA HIS C 64 -3.31 -18.88 -13.19
C HIS C 64 -4.82 -18.74 -13.37
N ALA C 65 -5.34 -17.52 -13.18
CA ALA C 65 -6.78 -17.30 -13.17
C ALA C 65 -7.43 -17.63 -14.51
N SER C 66 -6.70 -17.46 -15.62
CA SER C 66 -7.24 -17.76 -16.94
C SER C 66 -7.23 -19.25 -17.26
N GLY C 67 -6.55 -20.06 -16.46
CA GLY C 67 -6.33 -21.44 -16.79
C GLY C 67 -5.11 -21.71 -17.66
N LEU C 68 -4.40 -20.67 -18.11
CA LEU C 68 -3.30 -20.88 -19.04
C LEU C 68 -2.14 -21.64 -18.40
N ILE C 69 -1.81 -21.34 -17.14
CA ILE C 69 -0.68 -22.02 -16.49
C ILE C 69 -0.85 -23.53 -16.54
N ARG C 70 -2.10 -24.01 -16.45
CA ARG C 70 -2.31 -25.45 -16.48
C ARG C 70 -1.96 -26.05 -17.83
N LYS C 71 -1.82 -25.24 -18.87
CA LYS C 71 -1.45 -25.73 -20.19
C LYS C 71 0.05 -25.76 -20.39
N LEU C 72 0.82 -25.22 -19.46
CA LEU C 72 2.27 -25.13 -19.56
C LEU C 72 2.91 -26.16 -18.65
N THR C 73 4.20 -26.40 -18.83
CA THR C 73 4.99 -27.22 -17.93
C THR C 73 5.84 -26.31 -17.06
N LEU C 74 5.77 -26.49 -15.74
CA LEU C 74 6.51 -25.67 -14.78
C LEU C 74 7.56 -26.51 -14.05
N PRO C 75 8.81 -26.54 -14.52
CA PRO C 75 9.84 -27.29 -13.81
C PRO C 75 10.24 -26.60 -12.52
N GLU C 76 10.76 -27.40 -11.60
CA GLU C 76 11.26 -26.86 -10.35
C GLU C 76 12.54 -26.06 -10.60
N ALA C 77 12.63 -24.88 -9.99
CA ALA C 77 13.77 -24.01 -10.24
C ALA C 77 15.04 -24.59 -9.64
N ILE C 78 16.17 -24.40 -10.34
CA ILE C 78 17.48 -24.78 -9.84
C ILE C 78 18.36 -23.55 -10.02
N PRO C 79 18.88 -22.95 -8.95
CA PRO C 79 19.61 -21.69 -9.09
C PRO C 79 20.87 -21.84 -9.92
N ALA C 80 21.34 -20.69 -10.42
CA ALA C 80 22.68 -20.63 -11.00
C ALA C 80 23.71 -21.02 -9.94
N THR C 81 24.74 -21.75 -10.39
CA THR C 81 25.90 -22.04 -9.56
C THR C 81 26.89 -20.89 -9.64
N VAL C 82 27.86 -20.89 -8.72
CA VAL C 82 28.93 -19.90 -8.79
C VAL C 82 29.71 -20.06 -10.09
N GLU C 83 29.93 -21.30 -10.51
CA GLU C 83 30.58 -21.53 -11.79
C GLU C 83 29.78 -20.94 -12.95
N ASP C 84 28.44 -21.06 -12.90
CA ASP C 84 27.60 -20.48 -13.96
C ASP C 84 27.82 -18.97 -14.06
N VAL C 85 27.70 -18.27 -12.94
CA VAL C 85 27.71 -16.81 -13.03
C VAL C 85 29.11 -16.32 -13.33
N CYS C 86 30.15 -17.06 -12.91
CA CYS C 86 31.52 -16.62 -13.16
C CYS C 86 31.98 -16.87 -14.59
N ARG C 87 31.16 -17.49 -15.45
CA ARG C 87 31.50 -17.43 -16.86
C ARG C 87 31.37 -16.02 -17.42
N VAL C 88 30.70 -15.12 -16.69
CA VAL C 88 30.45 -13.75 -17.11
C VAL C 88 31.05 -12.74 -16.14
N HIS C 89 30.83 -12.96 -14.84
CA HIS C 89 31.19 -12.02 -13.79
C HIS C 89 32.50 -12.45 -13.12
N PRO C 90 33.32 -11.48 -12.74
CA PRO C 90 34.50 -11.80 -11.93
C PRO C 90 34.09 -12.27 -10.55
N ARG C 91 34.82 -13.26 -10.04
CA ARG C 91 34.51 -13.84 -8.73
C ARG C 91 34.47 -12.79 -7.63
N ASP C 92 35.28 -11.74 -7.77
N ASP C 92 35.26 -11.71 -7.77
CA ASP C 92 35.31 -10.66 -6.78
CA ASP C 92 35.27 -10.70 -6.71
C ASP C 92 33.94 -10.00 -6.66
C ASP C 92 33.96 -9.93 -6.66
N TYR C 93 33.29 -9.72 -7.79
CA TYR C 93 31.96 -9.13 -7.74
C TYR C 93 30.99 -10.07 -7.04
N ILE C 94 31.02 -11.36 -7.40
CA ILE C 94 30.12 -12.33 -6.79
C ILE C 94 30.35 -12.41 -5.28
N ASP C 95 31.61 -12.39 -4.85
CA ASP C 95 31.90 -12.46 -3.42
C ASP C 95 31.44 -11.21 -2.68
N ARG C 96 31.62 -10.03 -3.28
CA ARG C 96 31.17 -8.82 -2.62
C ARG C 96 29.64 -8.75 -2.57
N PHE C 97 28.98 -9.20 -3.65
CA PHE C 97 27.53 -9.32 -3.67
C PHE C 97 27.04 -10.19 -2.52
N LYS C 98 27.58 -11.41 -2.40
CA LYS C 98 27.17 -12.32 -1.35
C LYS C 98 27.42 -11.73 0.04
N ALA C 99 28.59 -11.10 0.23
CA ALA C 99 28.92 -10.55 1.54
C ALA C 99 27.98 -9.40 1.90
N THR C 100 27.71 -8.50 0.95
CA THR C 100 26.78 -7.41 1.20
C THR C 100 25.37 -7.93 1.46
N SER C 101 24.94 -8.94 0.71
CA SER C 101 23.61 -9.51 0.90
C SER C 101 23.49 -10.19 2.26
N ASP C 102 24.52 -10.94 2.66
CA ASP C 102 24.53 -11.56 3.98
C ASP C 102 24.41 -10.51 5.08
N ALA C 103 24.93 -9.31 4.84
CA ALA C 103 25.01 -8.28 5.86
C ALA C 103 23.86 -7.28 5.81
N GLY C 104 22.81 -7.54 5.03
CA GLY C 104 21.63 -6.69 5.07
C GLY C 104 21.26 -6.01 3.78
N GLY C 105 22.00 -6.16 2.70
CA GLY C 105 21.66 -5.51 1.45
C GLY C 105 22.43 -4.22 1.24
N GLY C 106 22.17 -3.63 0.09
CA GLY C 106 22.91 -2.46 -0.34
C GLY C 106 22.73 -2.24 -1.82
N ASP C 107 23.76 -1.64 -2.42
CA ASP C 107 23.72 -1.35 -3.86
C ASP C 107 25.17 -1.26 -4.32
N LEU C 108 25.58 -2.22 -5.15
CA LEU C 108 26.96 -2.32 -5.60
C LEU C 108 27.18 -1.67 -6.96
N GLY C 109 26.18 -0.98 -7.51
CA GLY C 109 26.29 -0.38 -8.83
C GLY C 109 25.55 0.91 -8.96
N HIS C 110 24.88 1.09 -10.09
CA HIS C 110 24.13 2.31 -10.40
CA HIS C 110 24.13 2.30 -10.39
C HIS C 110 22.66 1.93 -10.49
N LEU C 111 21.89 2.30 -9.46
CA LEU C 111 20.44 2.04 -9.41
C LEU C 111 20.14 0.55 -9.39
N ALA C 112 20.85 -0.19 -8.54
CA ALA C 112 20.65 -1.64 -8.38
C ALA C 112 20.57 -2.04 -6.91
N PRO C 113 19.64 -1.47 -6.15
CA PRO C 113 19.54 -1.82 -4.72
C PRO C 113 18.93 -3.20 -4.51
N PHE C 114 19.31 -3.81 -3.39
CA PHE C 114 18.75 -5.08 -3.00
C PHE C 114 18.72 -5.15 -1.48
N SER C 115 17.96 -6.11 -0.97
CA SER C 115 17.77 -6.31 0.46
C SER C 115 18.54 -7.54 0.92
N LYS C 116 18.42 -7.83 2.21
CA LYS C 116 19.10 -8.98 2.81
C LYS C 116 18.67 -10.27 2.11
N GLY C 117 19.64 -11.12 1.78
CA GLY C 117 19.35 -12.31 1.02
C GLY C 117 19.09 -12.08 -0.45
N GLY C 118 19.32 -10.86 -0.95
CA GLY C 118 19.11 -10.61 -2.37
C GLY C 118 20.05 -11.40 -3.27
N TYR C 119 21.18 -11.86 -2.74
CA TYR C 119 22.11 -12.65 -3.54
C TYR C 119 21.50 -13.99 -3.92
N GLU C 120 20.98 -14.74 -2.94
CA GLU C 120 20.34 -16.03 -3.24
C GLU C 120 19.21 -15.87 -4.24
N ILE C 121 18.45 -14.78 -4.13
CA ILE C 121 17.29 -14.63 -5.01
C ILE C 121 17.75 -14.30 -6.43
N ALA C 122 18.82 -13.52 -6.55
CA ALA C 122 19.38 -13.24 -7.87
C ALA C 122 19.92 -14.52 -8.52
N MET C 123 20.59 -15.36 -7.73
CA MET C 123 21.09 -16.63 -8.29
C MET C 123 19.92 -17.52 -8.74
N LEU C 124 18.82 -17.48 -7.99
CA LEU C 124 17.65 -18.26 -8.35
C LEU C 124 17.01 -17.72 -9.62
N SER C 125 16.83 -16.40 -9.68
CA SER C 125 16.31 -15.77 -10.89
C SER C 125 17.16 -16.14 -12.10
N CYS C 126 18.48 -16.03 -11.97
CA CYS C 126 19.37 -16.38 -13.07
C CYS C 126 19.19 -17.84 -13.48
N GLY C 127 19.04 -18.75 -12.51
CA GLY C 127 18.82 -20.15 -12.85
C GLY C 127 17.57 -20.39 -13.68
N LEU C 128 16.56 -19.53 -13.55
CA LEU C 128 15.38 -19.68 -14.39
C LEU C 128 15.73 -19.49 -15.87
N ALA C 129 16.53 -18.47 -16.17
CA ALA C 129 16.94 -18.25 -17.55
C ALA C 129 17.85 -19.38 -18.05
N ILE C 130 18.79 -19.82 -17.20
CA ILE C 130 19.70 -20.91 -17.59
C ILE C 130 18.89 -22.15 -17.94
N ALA C 131 17.94 -22.52 -17.08
CA ALA C 131 17.15 -23.74 -17.30
C ALA C 131 16.26 -23.62 -18.53
N ALA C 132 15.64 -22.45 -18.73
CA ALA C 132 14.78 -22.26 -19.89
C ALA C 132 15.55 -22.50 -21.18
N VAL C 133 16.75 -21.93 -21.28
CA VAL C 133 17.58 -22.14 -22.47
C VAL C 133 18.00 -23.61 -22.56
N ASP C 134 18.45 -24.18 -21.44
CA ASP C 134 18.92 -25.58 -21.44
C ASP C 134 17.83 -26.53 -21.91
N ASP C 135 16.61 -26.38 -21.38
CA ASP C 135 15.54 -27.33 -21.68
C ASP C 135 15.06 -27.21 -23.12
N VAL C 136 15.06 -26.00 -23.67
CA VAL C 136 14.71 -25.85 -25.08
C VAL C 136 15.77 -26.49 -25.97
N LEU C 137 17.04 -26.28 -25.65
CA LEU C 137 18.11 -26.87 -26.47
C LEU C 137 18.11 -28.39 -26.34
N SER C 138 17.76 -28.91 -25.18
CA SER C 138 17.73 -30.36 -25.05
C SER C 138 16.42 -30.96 -25.57
N GLY C 139 15.48 -30.16 -26.05
CA GLY C 139 14.25 -30.69 -26.61
C GLY C 139 13.19 -31.07 -25.59
N LYS C 140 13.38 -30.70 -24.32
CA LYS C 140 12.38 -31.02 -23.31
C LYS C 140 11.10 -30.23 -23.53
N VAL C 141 11.22 -28.98 -24.00
CA VAL C 141 10.08 -28.17 -24.41
C VAL C 141 10.43 -27.54 -25.76
N ASP C 142 9.41 -27.14 -26.51
CA ASP C 142 9.64 -26.45 -27.78
C ASP C 142 10.10 -25.01 -27.55
N ASN C 143 9.49 -24.33 -26.58
CA ASN C 143 9.87 -22.95 -26.27
C ASN C 143 9.60 -22.74 -24.78
N ALA C 144 9.98 -21.56 -24.30
CA ALA C 144 10.03 -21.38 -22.85
C ALA C 144 9.91 -19.90 -22.51
N TYR C 145 9.32 -19.64 -21.35
CA TYR C 145 9.24 -18.32 -20.75
C TYR C 145 9.85 -18.40 -19.36
N ALA C 146 10.82 -17.51 -19.07
CA ALA C 146 11.43 -17.45 -17.75
C ALA C 146 11.03 -16.16 -17.06
N LEU C 147 10.31 -16.28 -15.96
CA LEU C 147 9.83 -15.11 -15.24
C LEU C 147 10.92 -14.65 -14.26
N CYS C 148 11.97 -14.08 -14.84
CA CYS C 148 13.10 -13.61 -14.04
C CYS C 148 12.72 -12.37 -13.25
N ARG C 149 13.15 -12.34 -12.00
CA ARG C 149 13.15 -11.15 -11.15
C ARG C 149 14.12 -11.42 -10.00
N PRO C 150 15.17 -10.61 -9.84
CA PRO C 150 15.53 -9.40 -10.60
C PRO C 150 15.90 -9.66 -12.06
N ALA C 151 15.79 -8.61 -12.87
CA ALA C 151 16.08 -8.65 -14.29
C ALA C 151 17.59 -8.65 -14.54
N GLY C 152 17.97 -8.67 -15.82
CA GLY C 152 19.36 -8.86 -16.17
C GLY C 152 20.00 -7.93 -17.18
N HIS C 153 19.24 -7.29 -18.07
CA HIS C 153 19.85 -6.84 -19.32
C HIS C 153 20.70 -5.57 -19.18
N HIS C 154 20.70 -4.90 -18.02
CA HIS C 154 21.59 -3.76 -17.81
C HIS C 154 22.88 -4.13 -17.10
N CYS C 155 22.97 -5.33 -16.55
CA CYS C 155 24.08 -5.67 -15.68
C CYS C 155 25.35 -5.87 -16.51
N LEU C 156 26.40 -5.14 -16.16
CA LEU C 156 27.70 -5.30 -16.80
C LEU C 156 28.47 -6.42 -16.11
N ALA C 157 29.56 -6.87 -16.75
CA ALA C 157 30.33 -7.96 -16.15
C ALA C 157 30.73 -7.66 -14.71
N ASP C 158 31.17 -6.42 -14.43
CA ASP C 158 31.55 -6.11 -13.05
C ASP C 158 30.65 -5.10 -12.37
N THR C 159 29.59 -4.62 -13.02
CA THR C 159 28.81 -3.57 -12.38
C THR C 159 27.31 -3.81 -12.54
N PRO C 160 26.57 -4.06 -11.47
CA PRO C 160 25.11 -4.15 -11.60
C PRO C 160 24.53 -2.76 -11.87
N MET C 161 23.36 -2.73 -12.50
CA MET C 161 22.81 -1.47 -12.98
C MET C 161 21.33 -1.61 -13.25
N GLY C 162 20.57 -0.55 -12.93
CA GLY C 162 19.20 -0.44 -13.42
C GLY C 162 18.34 -1.63 -13.05
N PHE C 163 18.35 -1.99 -11.78
CA PHE C 163 17.56 -3.06 -11.17
C PHE C 163 18.05 -4.46 -11.53
N CYS C 164 19.21 -4.57 -12.17
CA CYS C 164 19.75 -5.83 -12.66
C CYS C 164 21.02 -6.17 -11.88
N LEU C 165 21.03 -7.33 -11.22
CA LEU C 165 22.13 -7.70 -10.34
C LEU C 165 23.05 -8.77 -10.92
N LEU C 166 22.55 -9.60 -11.83
CA LEU C 166 23.35 -10.56 -12.58
C LEU C 166 22.93 -10.49 -14.04
N ALA C 167 23.84 -10.85 -14.94
CA ALA C 167 23.56 -10.83 -16.38
C ALA C 167 22.84 -12.11 -16.78
N ASN C 168 21.54 -12.16 -16.49
CA ASN C 168 20.76 -13.39 -16.65
C ASN C 168 20.93 -14.02 -18.02
N ILE C 169 20.65 -13.28 -19.09
CA ILE C 169 20.69 -13.88 -20.43
C ILE C 169 22.11 -14.24 -20.85
N PRO C 170 23.12 -13.38 -20.64
CA PRO C 170 24.49 -13.79 -20.98
C PRO C 170 24.97 -15.00 -20.21
N ILE C 171 24.58 -15.11 -18.93
CA ILE C 171 24.94 -16.28 -18.15
C ILE C 171 24.27 -17.53 -18.72
N ALA C 172 23.01 -17.41 -19.14
CA ALA C 172 22.32 -18.56 -19.73
C ALA C 172 22.98 -18.97 -21.05
N ILE C 173 23.44 -18.00 -21.83
CA ILE C 173 24.10 -18.29 -23.11
C ILE C 173 25.44 -18.98 -22.87
N GLU C 174 26.26 -18.44 -21.97
CA GLU C 174 27.54 -19.08 -21.73
C GLU C 174 27.37 -20.49 -21.17
N ALA C 175 26.29 -20.73 -20.41
CA ALA C 175 26.01 -22.08 -19.93
C ALA C 175 25.62 -22.99 -21.09
N ALA C 176 24.85 -22.45 -22.05
CA ALA C 176 24.46 -23.24 -23.21
C ALA C 176 25.65 -23.58 -24.09
N LYS C 177 26.62 -22.67 -24.22
CA LYS C 177 27.80 -23.00 -24.99
C LYS C 177 28.57 -24.13 -24.33
N ALA C 178 28.69 -24.08 -23.00
CA ALA C 178 29.38 -25.16 -22.29
C ALA C 178 28.62 -26.48 -22.39
N ARG C 179 27.30 -26.45 -22.20
CA ARG C 179 26.52 -27.67 -22.08
C ARG C 179 26.09 -28.24 -23.42
N HIS C 180 25.90 -27.39 -24.42
CA HIS C 180 25.38 -27.84 -25.70
C HIS C 180 26.29 -27.52 -26.88
N GLY C 181 27.32 -26.69 -26.70
CA GLY C 181 28.19 -26.34 -27.81
C GLY C 181 27.51 -25.52 -28.89
N ILE C 182 26.47 -24.77 -28.54
CA ILE C 182 25.71 -24.02 -29.53
C ILE C 182 26.59 -22.94 -30.14
N SER C 183 26.45 -22.72 -31.44
CA SER C 183 27.34 -21.84 -32.18
C SER C 183 26.85 -20.40 -32.24
N ARG C 184 25.58 -20.19 -32.58
N ARG C 184 25.58 -20.19 -32.57
CA ARG C 184 25.05 -18.84 -32.80
CA ARG C 184 25.04 -18.86 -32.82
C ARG C 184 23.76 -18.64 -32.02
C ARG C 184 23.76 -18.64 -32.02
N VAL C 185 23.70 -17.55 -31.27
CA VAL C 185 22.51 -17.14 -30.53
C VAL C 185 22.19 -15.70 -30.89
N ALA C 186 20.91 -15.41 -31.12
CA ALA C 186 20.44 -14.04 -31.27
C ALA C 186 19.62 -13.65 -30.05
N VAL C 187 19.88 -12.46 -29.51
CA VAL C 187 19.08 -11.88 -28.44
C VAL C 187 18.29 -10.72 -29.04
N VAL C 188 16.97 -10.77 -28.92
CA VAL C 188 16.10 -9.68 -29.35
C VAL C 188 15.53 -9.05 -28.07
N ASP C 189 15.95 -7.83 -27.76
CA ASP C 189 15.63 -7.16 -26.49
C ASP C 189 14.59 -6.08 -26.77
N TRP C 190 13.31 -6.36 -26.47
CA TRP C 190 12.25 -5.38 -26.67
C TRP C 190 11.75 -4.76 -25.37
N ASP C 191 12.39 -5.06 -24.24
CA ASP C 191 12.31 -4.17 -23.09
C ASP C 191 12.51 -2.75 -23.56
N VAL C 192 11.79 -1.81 -22.97
CA VAL C 192 11.78 -0.45 -23.53
C VAL C 192 13.10 0.27 -23.33
N HIS C 193 13.98 -0.24 -22.47
CA HIS C 193 15.25 0.39 -22.20
C HIS C 193 16.39 -0.35 -22.92
N HIS C 194 17.51 0.36 -23.10
CA HIS C 194 18.64 -0.19 -23.84
C HIS C 194 19.28 -1.35 -23.08
N GLY C 195 19.44 -2.50 -23.75
CA GLY C 195 20.14 -3.63 -23.16
C GLY C 195 21.65 -3.45 -23.17
N ASN C 196 22.15 -2.51 -22.36
CA ASN C 196 23.57 -2.19 -22.39
C ASN C 196 24.43 -3.30 -21.79
N GLY C 197 23.89 -4.08 -20.85
CA GLY C 197 24.64 -5.21 -20.32
C GLY C 197 24.91 -6.25 -21.38
N THR C 198 23.85 -6.72 -22.06
CA THR C 198 24.01 -7.67 -23.14
C THR C 198 24.95 -7.14 -24.23
N GLN C 199 24.79 -5.86 -24.58
CA GLN C 199 25.63 -5.27 -25.64
C GLN C 199 27.09 -5.32 -25.25
N SER C 200 27.38 -4.92 -24.00
CA SER C 200 28.76 -4.84 -23.54
C SER C 200 29.40 -6.21 -23.47
N ILE C 201 28.67 -7.19 -22.94
CA ILE C 201 29.29 -8.49 -22.66
C ILE C 201 29.68 -9.21 -23.95
N PHE C 202 28.93 -9.03 -25.04
CA PHE C 202 29.24 -9.72 -26.29
C PHE C 202 29.75 -8.78 -27.38
N TYR C 203 30.19 -7.56 -27.01
CA TYR C 203 30.43 -6.53 -28.02
C TYR C 203 31.47 -6.93 -29.05
N ASP C 204 32.48 -7.71 -28.64
CA ASP C 204 33.54 -8.11 -29.54
C ASP C 204 33.37 -9.53 -30.04
N ARG C 205 32.15 -10.07 -29.96
CA ARG C 205 31.91 -11.46 -30.32
C ARG C 205 30.90 -11.54 -31.45
N ALA C 206 31.18 -12.44 -32.41
CA ALA C 206 30.31 -12.67 -33.54
C ALA C 206 29.34 -13.82 -33.32
N ASP C 207 29.52 -14.62 -32.26
CA ASP C 207 28.64 -15.76 -32.07
C ASP C 207 27.32 -15.39 -31.39
N VAL C 208 27.21 -14.19 -30.83
CA VAL C 208 25.97 -13.71 -30.23
C VAL C 208 25.61 -12.39 -30.91
N LEU C 209 24.50 -12.39 -31.64
CA LEU C 209 23.92 -11.15 -32.17
C LEU C 209 23.04 -10.52 -31.09
N THR C 210 23.36 -9.28 -30.70
CA THR C 210 22.58 -8.57 -29.69
C THR C 210 21.82 -7.44 -30.37
N ILE C 211 20.49 -7.50 -30.31
CA ILE C 211 19.61 -6.49 -30.89
C ILE C 211 18.85 -5.85 -29.74
N SER C 212 18.79 -4.51 -29.72
CA SER C 212 18.01 -3.80 -28.71
C SER C 212 17.14 -2.76 -29.39
N ILE C 213 15.82 -2.89 -29.18
CA ILE C 213 14.86 -1.86 -29.54
C ILE C 213 14.53 -1.12 -28.25
N HIS C 214 14.61 0.21 -28.26
CA HIS C 214 14.42 0.93 -27.01
C HIS C 214 14.01 2.37 -27.29
N GLN C 215 13.39 2.98 -26.28
CA GLN C 215 13.12 4.40 -26.37
C GLN C 215 14.41 5.20 -26.43
N ASP C 216 14.51 6.05 -27.44
CA ASP C 216 15.65 6.93 -27.60
C ASP C 216 15.93 7.72 -26.32
N ARG C 217 17.17 7.62 -25.83
CA ARG C 217 17.71 8.43 -24.74
C ARG C 217 17.13 8.11 -23.37
N CYS C 218 16.40 7.00 -23.20
CA CYS C 218 15.68 6.78 -21.94
C CYS C 218 16.58 6.19 -20.84
N PHE C 219 16.98 4.91 -20.97
CA PHE C 219 17.92 4.36 -19.99
C PHE C 219 18.88 3.35 -20.62
N PRO C 220 20.21 3.55 -20.48
CA PRO C 220 20.89 4.67 -19.81
C PRO C 220 20.52 6.02 -20.44
N PRO C 221 20.31 7.02 -19.60
CA PRO C 221 19.76 8.29 -20.10
C PRO C 221 20.69 8.93 -21.11
N GLY C 222 20.08 9.51 -22.16
CA GLY C 222 20.84 10.14 -23.22
C GLY C 222 21.40 9.22 -24.29
N TYR C 223 21.30 7.90 -24.12
CA TYR C 223 21.89 6.97 -25.07
C TYR C 223 20.93 6.60 -26.20
N SER C 224 21.43 6.64 -27.43
CA SER C 224 20.69 6.22 -28.63
C SER C 224 21.32 4.98 -29.22
N GLY C 225 22.51 5.10 -29.81
CA GLY C 225 23.40 4.00 -30.06
C GLY C 225 23.32 3.30 -31.40
N ALA C 226 22.59 3.86 -32.39
CA ALA C 226 22.46 3.16 -33.67
C ALA C 226 23.81 2.95 -34.34
N GLU C 227 24.78 3.80 -34.04
N GLU C 227 24.78 3.80 -34.03
CA GLU C 227 26.11 3.73 -34.64
CA GLU C 227 26.09 3.68 -34.67
C GLU C 227 27.05 2.76 -33.93
C GLU C 227 26.99 2.67 -33.98
N ASP C 228 26.64 2.20 -32.78
CA ASP C 228 27.47 1.25 -32.04
C ASP C 228 27.12 -0.16 -32.52
N ARG C 229 27.91 -0.69 -33.45
CA ARG C 229 27.62 -1.92 -34.17
C ARG C 229 28.54 -3.06 -33.78
N GLY C 230 29.35 -2.89 -32.74
CA GLY C 230 30.28 -3.91 -32.30
C GLY C 230 31.71 -3.49 -32.56
N GLU C 231 32.64 -4.35 -32.12
CA GLU C 231 34.05 -4.08 -32.35
C GLU C 231 34.77 -5.39 -32.63
N GLY C 232 35.85 -5.30 -33.41
CA GLY C 232 36.66 -6.46 -33.73
C GLY C 232 35.84 -7.53 -34.41
N ALA C 233 35.95 -8.76 -33.91
CA ALA C 233 35.15 -9.85 -34.47
C ALA C 233 33.66 -9.60 -34.35
N GLY C 234 33.25 -8.79 -33.37
CA GLY C 234 31.84 -8.48 -33.18
C GLY C 234 31.30 -7.35 -34.04
N LEU C 235 32.12 -6.77 -34.91
CA LEU C 235 31.65 -5.68 -35.76
C LEU C 235 30.55 -6.17 -36.70
N GLY C 236 29.37 -5.59 -36.58
CA GLY C 236 28.21 -6.05 -37.31
C GLY C 236 27.29 -6.97 -36.53
N TYR C 237 27.62 -7.28 -35.28
CA TYR C 237 26.84 -8.24 -34.50
C TYR C 237 26.20 -7.60 -33.27
N ASN C 238 26.12 -6.27 -33.26
CA ASN C 238 25.30 -5.55 -32.29
C ASN C 238 24.43 -4.58 -33.07
N LEU C 239 23.15 -4.51 -32.74
CA LEU C 239 22.22 -3.74 -33.55
C LEU C 239 21.26 -2.99 -32.63
N ASN C 240 21.45 -1.67 -32.49
CA ASN C 240 20.58 -0.83 -31.68
C ASN C 240 19.51 -0.18 -32.55
N VAL C 241 18.25 -0.28 -32.11
CA VAL C 241 17.11 0.31 -32.80
C VAL C 241 16.44 1.31 -31.87
N PRO C 242 17.01 2.51 -31.70
CA PRO C 242 16.32 3.53 -30.91
C PRO C 242 15.05 3.98 -31.63
N LEU C 243 13.98 4.17 -30.86
CA LEU C 243 12.70 4.65 -31.38
C LEU C 243 12.26 5.87 -30.57
N PRO C 244 11.64 6.85 -31.21
CA PRO C 244 11.25 8.07 -30.48
C PRO C 244 10.22 7.79 -29.40
N ALA C 245 10.28 8.57 -28.33
CA ALA C 245 9.21 8.55 -27.34
C ALA C 245 7.88 8.80 -28.04
N GLY C 246 6.85 8.11 -27.59
CA GLY C 246 5.53 8.23 -28.18
C GLY C 246 5.26 7.28 -29.32
N ALA C 247 6.25 6.48 -29.73
CA ALA C 247 5.99 5.46 -30.74
C ALA C 247 5.12 4.35 -30.17
N GLY C 248 4.32 3.72 -31.03
CA GLY C 248 3.36 2.72 -30.62
C GLY C 248 3.40 1.47 -31.50
N HIS C 249 2.22 0.87 -31.66
CA HIS C 249 2.08 -0.44 -32.29
C HIS C 249 2.68 -0.47 -33.69
N ASP C 250 2.25 0.44 -34.57
CA ASP C 250 2.67 0.36 -35.97
C ASP C 250 4.17 0.62 -36.12
N ALA C 251 4.74 1.45 -35.23
CA ALA C 251 6.17 1.71 -35.29
C ALA C 251 6.99 0.48 -34.90
N TYR C 252 6.58 -0.23 -33.84
CA TYR C 252 7.30 -1.44 -33.48
C TYR C 252 7.15 -2.51 -34.55
N VAL C 253 5.94 -2.66 -35.11
CA VAL C 253 5.73 -3.65 -36.16
C VAL C 253 6.64 -3.39 -37.34
N GLN C 254 6.76 -2.11 -37.76
CA GLN C 254 7.64 -1.80 -38.88
C GLN C 254 9.11 -2.01 -38.51
N ALA C 255 9.50 -1.64 -37.28
CA ALA C 255 10.88 -1.87 -36.88
C ALA C 255 11.21 -3.36 -36.95
N PHE C 256 10.26 -4.20 -36.59
CA PHE C 256 10.54 -5.63 -36.63
C PHE C 256 10.53 -6.15 -38.06
N ASP C 257 9.65 -5.62 -38.91
CA ASP C 257 9.60 -6.09 -40.30
C ASP C 257 10.80 -5.62 -41.10
N ASP C 258 11.28 -4.39 -40.86
CA ASP C 258 12.30 -3.79 -41.70
C ASP C 258 13.71 -3.93 -41.15
N ILE C 259 13.88 -4.18 -39.85
CA ILE C 259 15.21 -4.20 -39.24
C ILE C 259 15.46 -5.52 -38.49
N VAL C 260 14.57 -5.86 -37.55
CA VAL C 260 14.88 -6.93 -36.61
C VAL C 260 14.84 -8.28 -37.31
N VAL C 261 13.72 -8.59 -37.97
CA VAL C 261 13.59 -9.89 -38.63
C VAL C 261 14.63 -10.06 -39.74
N PRO C 262 14.87 -9.08 -40.62
CA PRO C 262 15.97 -9.23 -41.59
C PRO C 262 17.34 -9.46 -40.95
N ALA C 263 17.58 -8.85 -39.79
CA ALA C 263 18.85 -9.10 -39.10
C ALA C 263 18.91 -10.56 -38.64
N LEU C 264 17.79 -11.10 -38.16
CA LEU C 264 17.74 -12.50 -37.76
C LEU C 264 17.97 -13.42 -38.95
N ASP C 265 17.31 -13.10 -40.08
CA ASP C 265 17.45 -13.95 -41.27
C ASP C 265 18.88 -13.99 -41.79
N ASP C 266 19.62 -12.88 -41.68
CA ASP C 266 21.00 -12.80 -42.16
C ASP C 266 21.96 -13.53 -41.22
N PHE C 267 21.69 -13.46 -39.92
CA PHE C 267 22.59 -14.01 -38.91
C PHE C 267 22.48 -15.53 -38.81
N LYS C 268 21.31 -16.08 -39.11
CA LYS C 268 21.04 -17.52 -39.03
C LYS C 268 21.34 -18.05 -37.64
N PRO C 269 20.52 -17.71 -36.64
CA PRO C 269 20.77 -18.18 -35.28
C PRO C 269 20.38 -19.65 -35.13
N ASP C 270 21.01 -20.29 -34.14
CA ASP C 270 20.62 -21.62 -33.69
C ASP C 270 19.65 -21.58 -32.52
N LEU C 271 19.47 -20.40 -31.93
CA LEU C 271 18.55 -20.18 -30.84
C LEU C 271 18.20 -18.70 -30.85
N ILE C 272 16.94 -18.37 -30.62
CA ILE C 272 16.51 -16.99 -30.41
C ILE C 272 16.06 -16.84 -28.97
N ILE C 273 16.62 -15.85 -28.28
CA ILE C 273 16.22 -15.45 -26.94
C ILE C 273 15.64 -14.04 -27.03
N VAL C 274 14.43 -13.85 -26.52
CA VAL C 274 13.84 -12.52 -26.42
C VAL C 274 14.05 -12.01 -25.00
N ALA C 275 14.68 -10.83 -24.87
CA ALA C 275 14.73 -10.14 -23.59
C ALA C 275 13.45 -9.32 -23.53
N SER C 276 12.44 -9.85 -22.85
CA SER C 276 11.09 -9.31 -22.91
C SER C 276 10.82 -8.48 -21.66
N GLY C 277 11.03 -7.18 -21.76
CA GLY C 277 10.43 -6.26 -20.82
C GLY C 277 9.07 -5.82 -21.35
N LEU C 278 8.12 -5.58 -20.44
CA LEU C 278 6.79 -5.16 -20.85
C LEU C 278 6.57 -3.67 -20.59
N ASP C 279 7.64 -2.91 -20.45
CA ASP C 279 7.53 -1.51 -20.07
C ASP C 279 7.37 -0.57 -21.27
N ALA C 280 7.27 -1.09 -22.49
CA ALA C 280 6.79 -0.26 -23.58
C ALA C 280 5.26 -0.16 -23.61
N ASN C 281 4.58 -0.76 -22.62
CA ASN C 281 3.13 -0.70 -22.59
C ASN C 281 2.66 0.75 -22.39
N SER C 282 1.42 1.02 -22.82
CA SER C 282 0.90 2.38 -22.95
C SER C 282 0.75 3.13 -21.62
N VAL C 283 0.85 2.49 -20.46
CA VAL C 283 0.69 3.25 -19.22
C VAL C 283 1.87 3.01 -18.29
N ASP C 284 3.02 2.63 -18.82
CA ASP C 284 4.15 2.39 -17.93
C ASP C 284 4.70 3.72 -17.42
N PRO C 285 5.04 3.83 -16.14
CA PRO C 285 5.66 5.08 -15.66
C PRO C 285 7.09 5.26 -16.14
N LEU C 286 7.81 4.19 -16.48
CA LEU C 286 9.23 4.31 -16.74
C LEU C 286 9.58 4.42 -18.21
N ALA C 287 8.60 4.65 -19.08
CA ALA C 287 8.88 5.02 -20.47
C ALA C 287 7.64 5.66 -21.07
N ARG C 288 7.78 6.11 -22.34
CA ARG C 288 6.77 6.93 -23.00
C ARG C 288 6.20 6.29 -24.26
N MET C 289 6.14 4.96 -24.32
CA MET C 289 5.73 4.26 -25.53
C MET C 289 4.27 3.83 -25.44
N LEU C 290 3.74 3.37 -26.57
CA LEU C 290 2.30 3.14 -26.70
C LEU C 290 2.00 1.74 -27.24
N LEU C 291 2.68 0.72 -26.72
CA LEU C 291 2.32 -0.65 -27.07
C LEU C 291 1.12 -1.11 -26.24
N HIS C 292 0.37 -2.06 -26.80
CA HIS C 292 -0.74 -2.66 -26.06
C HIS C 292 -0.61 -4.18 -26.14
N SER C 293 -1.58 -4.87 -25.51
CA SER C 293 -1.44 -6.32 -25.34
C SER C 293 -1.37 -7.03 -26.68
N GLU C 294 -2.07 -6.52 -27.70
CA GLU C 294 -2.03 -7.18 -28.99
C GLU C 294 -0.73 -6.90 -29.73
N SER C 295 -0.03 -5.81 -29.40
CA SER C 295 1.33 -5.61 -29.89
C SER C 295 2.25 -6.74 -29.44
N TYR C 296 2.16 -7.14 -28.17
CA TYR C 296 3.06 -8.17 -27.68
C TYR C 296 2.71 -9.52 -28.26
N ARG C 297 1.41 -9.79 -28.46
CA ARG C 297 1.00 -11.02 -29.14
C ARG C 297 1.64 -11.10 -30.53
N LEU C 298 1.60 -9.99 -31.27
CA LEU C 298 2.08 -10.00 -32.65
C LEU C 298 3.60 -10.07 -32.72
N LEU C 299 4.30 -9.33 -31.86
CA LEU C 299 5.76 -9.40 -31.84
C LEU C 299 6.24 -10.80 -31.44
N THR C 300 5.54 -11.41 -30.49
CA THR C 300 5.87 -12.79 -30.13
C THR C 300 5.63 -13.73 -31.30
N GLN C 301 4.55 -13.53 -32.03
CA GLN C 301 4.30 -14.37 -33.20
C GLN C 301 5.38 -14.18 -34.27
N LYS C 302 5.89 -12.96 -34.43
CA LYS C 302 6.98 -12.75 -35.37
C LYS C 302 8.22 -13.51 -34.93
N MET C 303 8.46 -13.58 -33.62
CA MET C 303 9.61 -14.32 -33.12
C MET C 303 9.40 -15.83 -33.24
N LEU C 304 8.17 -16.31 -32.98
CA LEU C 304 7.85 -17.72 -33.20
C LEU C 304 8.05 -18.11 -34.66
N ASP C 305 7.56 -17.26 -35.58
CA ASP C 305 7.74 -17.53 -37.01
C ASP C 305 9.22 -17.55 -37.38
N ALA C 306 10.01 -16.63 -36.81
CA ALA C 306 11.44 -16.60 -37.11
C ALA C 306 12.14 -17.84 -36.58
N ALA C 307 11.81 -18.26 -35.36
CA ALA C 307 12.46 -19.44 -34.77
C ALA C 307 12.10 -20.69 -35.56
N ALA C 308 10.84 -20.81 -36.00
CA ALA C 308 10.44 -21.95 -36.81
C ALA C 308 11.19 -21.96 -38.13
N ARG C 309 11.43 -20.79 -38.70
CA ARG C 309 12.12 -20.65 -39.97
C ARG C 309 13.61 -20.88 -39.85
N LEU C 310 14.22 -20.45 -38.74
CA LEU C 310 15.67 -20.37 -38.64
C LEU C 310 16.30 -21.41 -37.72
N CYS C 311 15.59 -21.88 -36.68
CA CYS C 311 16.25 -22.73 -35.71
C CYS C 311 15.29 -23.74 -35.09
N GLY C 312 14.42 -24.32 -35.92
CA GLY C 312 13.58 -25.42 -35.48
C GLY C 312 12.65 -25.12 -34.34
N GLY C 313 12.15 -23.88 -34.24
CA GLY C 313 11.23 -23.52 -33.20
C GLY C 313 11.86 -23.11 -31.88
N LYS C 314 13.19 -23.11 -31.80
CA LYS C 314 13.89 -22.92 -30.52
C LYS C 314 13.85 -21.45 -30.14
N LEU C 315 12.94 -21.11 -29.22
CA LEU C 315 12.68 -19.74 -28.79
C LEU C 315 12.57 -19.68 -27.27
N VAL C 316 13.32 -18.78 -26.64
CA VAL C 316 13.23 -18.58 -25.19
C VAL C 316 12.90 -17.11 -24.95
N VAL C 317 11.94 -16.85 -24.06
CA VAL C 317 11.55 -15.50 -23.68
C VAL C 317 11.89 -15.29 -22.22
N VAL C 318 12.64 -14.23 -21.92
CA VAL C 318 13.13 -13.97 -20.57
C VAL C 318 12.56 -12.64 -20.11
N HIS C 319 11.84 -12.65 -18.99
CA HIS C 319 11.26 -11.42 -18.45
C HIS C 319 12.34 -10.46 -18.01
N GLU C 320 12.18 -9.18 -18.36
CA GLU C 320 13.08 -8.14 -17.88
C GLU C 320 12.30 -7.08 -17.09
N GLY C 321 12.05 -5.92 -17.68
CA GLY C 321 11.33 -4.87 -17.00
C GLY C 321 9.83 -4.91 -17.23
N GLY C 322 9.17 -3.83 -16.77
CA GLY C 322 7.72 -3.69 -16.79
C GLY C 322 7.22 -3.26 -15.42
N TYR C 323 6.53 -2.11 -15.35
CA TYR C 323 6.27 -1.46 -14.07
C TYR C 323 4.81 -1.06 -13.86
N ALA C 324 3.96 -1.13 -14.87
CA ALA C 324 2.54 -0.81 -14.71
C ALA C 324 1.85 -2.05 -14.18
N GLU C 325 1.64 -2.10 -12.86
CA GLU C 325 1.07 -3.30 -12.23
C GLU C 325 -0.28 -3.67 -12.81
N ALA C 326 -1.06 -2.70 -13.24
CA ALA C 326 -2.41 -2.98 -13.70
C ALA C 326 -2.46 -3.46 -15.13
N TYR C 327 -1.45 -3.13 -15.95
CA TYR C 327 -1.55 -3.43 -17.37
C TYR C 327 -0.52 -4.44 -17.87
N VAL C 328 0.64 -4.52 -17.24
CA VAL C 328 1.62 -5.56 -17.54
C VAL C 328 0.98 -6.95 -17.62
N PRO C 329 0.04 -7.34 -16.73
CA PRO C 329 -0.49 -8.70 -16.82
C PRO C 329 -1.14 -9.00 -18.16
N PHE C 330 -1.91 -8.06 -18.71
CA PHE C 330 -2.58 -8.30 -19.99
C PHE C 330 -1.60 -8.37 -21.14
N CYS C 331 -0.52 -7.58 -21.06
CA CYS C 331 0.50 -7.61 -22.10
C CYS C 331 1.26 -8.93 -22.09
N GLY C 332 1.72 -9.37 -20.91
CA GLY C 332 2.40 -10.64 -20.82
C GLY C 332 1.49 -11.82 -21.09
N HIS C 333 0.21 -11.69 -20.75
CA HIS C 333 -0.69 -12.83 -20.94
C HIS C 333 -0.92 -13.10 -22.42
N ALA C 334 -1.05 -12.04 -23.23
CA ALA C 334 -1.19 -12.22 -24.67
C ALA C 334 0.09 -12.78 -25.28
N LEU C 335 1.25 -12.33 -24.76
CA LEU C 335 2.53 -12.93 -25.12
C LEU C 335 2.53 -14.43 -24.84
N LEU C 336 2.09 -14.83 -23.65
CA LEU C 336 2.12 -16.24 -23.28
C LEU C 336 1.13 -17.06 -24.11
N GLU C 337 -0.02 -16.47 -24.45
CA GLU C 337 -0.96 -17.15 -25.35
C GLU C 337 -0.29 -17.45 -26.69
N ALA C 338 0.35 -16.45 -27.28
CA ALA C 338 1.05 -16.67 -28.56
C ALA C 338 2.13 -17.74 -28.41
N LEU C 339 2.99 -17.59 -27.40
CA LEU C 339 4.10 -18.52 -27.21
C LEU C 339 3.61 -19.95 -27.13
N SER C 340 2.53 -20.19 -26.40
CA SER C 340 2.00 -21.52 -26.17
C SER C 340 1.01 -21.96 -27.24
N GLY C 341 0.55 -21.03 -28.08
CA GLY C 341 -0.48 -21.35 -29.05
C GLY C 341 -1.83 -21.67 -28.44
N GLU C 342 -2.11 -21.12 -27.26
CA GLU C 342 -3.34 -21.40 -26.55
C GLU C 342 -4.24 -20.18 -26.56
N ARG C 343 -5.54 -20.40 -26.47
CA ARG C 343 -6.51 -19.33 -26.35
C ARG C 343 -7.18 -19.43 -24.98
N THR C 344 -7.46 -18.28 -24.38
CA THR C 344 -8.21 -18.24 -23.13
C THR C 344 -9.34 -17.24 -23.29
N ALA C 345 -10.15 -17.12 -22.25
CA ALA C 345 -11.24 -16.15 -22.22
C ALA C 345 -10.80 -14.78 -21.74
N VAL C 346 -9.50 -14.56 -21.51
CA VAL C 346 -9.06 -13.24 -21.06
C VAL C 346 -9.38 -12.21 -22.12
N VAL C 347 -9.93 -11.08 -21.70
CA VAL C 347 -10.15 -9.93 -22.56
C VAL C 347 -9.46 -8.74 -21.92
N ASP C 348 -8.61 -8.08 -22.68
CA ASP C 348 -7.90 -6.87 -22.25
C ASP C 348 -8.87 -5.70 -22.15
N PRO C 349 -9.21 -5.22 -20.94
CA PRO C 349 -10.19 -4.12 -20.84
C PRO C 349 -9.64 -2.76 -21.20
N VAL C 350 -8.32 -2.65 -21.44
CA VAL C 350 -7.68 -1.41 -21.87
C VAL C 350 -7.50 -1.35 -23.39
N LEU C 351 -7.77 -2.46 -24.11
CA LEU C 351 -7.33 -2.57 -25.50
C LEU C 351 -7.97 -1.51 -26.40
N GLU C 352 -9.29 -1.33 -26.27
CA GLU C 352 -9.98 -0.38 -27.14
C GLU C 352 -9.47 1.04 -26.93
N MET C 353 -9.26 1.44 -25.68
CA MET C 353 -8.73 2.77 -25.43
C MET C 353 -7.30 2.91 -25.94
N ALA C 354 -6.47 1.89 -25.71
CA ALA C 354 -5.08 1.96 -26.20
C ALA C 354 -5.03 2.00 -27.72
N GLU C 355 -5.97 1.35 -28.40
CA GLU C 355 -6.00 1.45 -29.86
C GLU C 355 -6.36 2.87 -30.29
N ALA C 356 -7.27 3.52 -29.56
CA ALA C 356 -7.63 4.90 -29.87
C ALA C 356 -6.49 5.87 -29.57
N TRP C 357 -5.60 5.49 -28.64
CA TRP C 357 -4.47 6.33 -28.27
C TRP C 357 -3.37 6.38 -29.32
N GLN C 358 -3.39 5.45 -30.28
CA GLN C 358 -2.27 5.25 -31.18
C GLN C 358 -2.00 6.50 -32.01
N PRO C 359 -0.74 6.71 -32.39
CA PRO C 359 -0.37 7.92 -33.18
C PRO C 359 -1.22 8.06 -34.42
N GLY C 360 -1.64 9.31 -34.69
CA GLY C 360 -2.37 9.62 -35.90
C GLY C 360 -1.45 9.70 -37.10
N PRO C 361 -1.98 10.16 -38.23
CA PRO C 361 -1.24 10.05 -39.50
C PRO C 361 0.07 10.82 -39.54
N GLU C 362 0.12 12.02 -38.95
CA GLU C 362 1.35 12.82 -39.01
C GLU C 362 2.44 12.18 -38.17
N ALA C 363 2.10 11.73 -36.96
CA ALA C 363 3.08 11.03 -36.14
C ALA C 363 3.49 9.71 -36.80
N ALA C 364 2.53 9.01 -37.40
CA ALA C 364 2.85 7.74 -38.05
C ALA C 364 3.84 7.94 -39.20
N ALA C 365 3.70 9.03 -39.96
CA ALA C 365 4.65 9.30 -41.03
C ALA C 365 6.03 9.60 -40.46
N PHE C 366 6.09 10.35 -39.36
CA PHE C 366 7.37 10.62 -38.71
C PHE C 366 8.03 9.32 -38.25
N HIS C 367 7.26 8.42 -37.65
CA HIS C 367 7.85 7.14 -37.21
C HIS C 367 8.34 6.33 -38.40
N ARG C 368 7.58 6.34 -39.49
CA ARG C 368 8.00 5.60 -40.67
C ARG C 368 9.29 6.18 -41.26
N GLN C 369 9.37 7.52 -41.33
CA GLN C 369 10.59 8.19 -41.79
C GLN C 369 11.76 7.89 -40.87
N TRP C 370 11.51 7.82 -39.56
CA TRP C 370 12.56 7.53 -38.60
C TRP C 370 13.14 6.13 -38.85
N ILE C 371 12.25 5.16 -39.06
CA ILE C 371 12.70 3.77 -39.26
C ILE C 371 13.34 3.63 -40.64
N ASP C 372 12.80 4.29 -41.67
CA ASP C 372 13.49 4.31 -42.96
C ASP C 372 14.92 4.82 -42.83
N ARG C 373 15.13 5.86 -42.00
CA ARG C 373 16.47 6.41 -41.80
CA ARG C 373 16.47 6.40 -41.83
C ARG C 373 17.40 5.40 -41.16
N LEU C 374 16.91 4.70 -40.12
CA LEU C 374 17.73 3.68 -39.47
C LEU C 374 18.17 2.63 -40.48
N VAL C 375 17.21 2.16 -41.29
CA VAL C 375 17.52 1.17 -42.33
C VAL C 375 18.58 1.70 -43.29
N ALA C 376 18.43 2.96 -43.73
CA ALA C 376 19.40 3.52 -44.66
C ALA C 376 20.79 3.57 -44.04
N ASP C 377 20.88 3.95 -42.76
CA ASP C 377 22.17 4.03 -42.11
C ASP C 377 22.81 2.66 -41.94
N LEU C 378 22.01 1.59 -41.94
CA LEU C 378 22.57 0.26 -41.87
C LEU C 378 23.28 -0.13 -43.16
N GLY C 379 23.02 0.59 -44.25
CA GLY C 379 23.76 0.41 -45.49
C GLY C 379 23.28 -0.76 -46.31
N ARG D 14 1.53 38.86 -2.91
CA ARG D 14 1.03 37.80 -2.05
C ARG D 14 0.31 36.73 -2.88
N THR D 15 0.65 35.48 -2.64
CA THR D 15 0.03 34.33 -3.31
C THR D 15 -0.86 33.62 -2.30
N GLY D 16 -2.12 33.42 -2.68
CA GLY D 16 -3.03 32.61 -1.88
C GLY D 16 -2.96 31.15 -2.28
N PHE D 17 -3.03 30.27 -1.28
CA PHE D 17 -3.00 28.82 -1.49
C PHE D 17 -4.25 28.23 -0.85
N TYR D 18 -5.11 27.61 -1.66
CA TYR D 18 -6.45 27.21 -1.25
C TYR D 18 -6.50 25.68 -1.16
N THR D 19 -6.64 25.18 0.06
CA THR D 19 -6.58 23.74 0.28
C THR D 19 -7.45 23.40 1.48
N ASP D 20 -7.92 22.16 1.51
CA ASP D 20 -8.65 21.67 2.67
C ASP D 20 -8.35 20.19 2.84
N GLU D 21 -8.08 19.79 4.09
CA GLU D 21 -7.77 18.40 4.40
C GLU D 21 -8.74 17.42 3.74
N ARG D 22 -10.03 17.75 3.71
CA ARG D 22 -11.03 16.78 3.26
C ARG D 22 -10.94 16.46 1.77
N THR D 23 -10.30 17.32 0.97
CA THR D 23 -10.08 16.97 -0.44
C THR D 23 -9.25 15.71 -0.58
N PHE D 24 -8.40 15.41 0.41
CA PHE D 24 -7.60 14.19 0.38
C PHE D 24 -8.38 12.96 0.85
N TRP D 25 -9.61 13.15 1.30
CA TRP D 25 -10.44 12.04 1.75
C TRP D 25 -11.36 11.51 0.65
N HIS D 26 -11.48 12.23 -0.46
CA HIS D 26 -12.18 11.69 -1.63
C HIS D 26 -11.48 10.40 -2.07
N ALA D 27 -12.27 9.36 -2.36
CA ALA D 27 -11.73 8.05 -2.73
C ALA D 27 -12.54 7.52 -3.90
N THR D 28 -11.86 7.18 -5.00
CA THR D 28 -12.56 6.69 -6.18
C THR D 28 -13.05 5.25 -6.02
N GLY D 29 -12.48 4.50 -5.10
CA GLY D 29 -12.92 3.14 -4.84
C GLY D 29 -11.87 2.11 -5.22
N MET D 30 -12.33 0.88 -5.37
CA MET D 30 -11.43 -0.27 -5.53
C MET D 30 -11.17 -0.47 -7.01
N GLN D 31 -10.16 0.23 -7.51
CA GLN D 31 -9.68 0.08 -8.88
C GLN D 31 -8.18 -0.22 -8.83
N ALA D 32 -7.71 -1.00 -9.81
CA ALA D 32 -6.29 -1.12 -10.10
C ALA D 32 -5.95 -0.04 -11.13
N LEU D 33 -5.17 0.96 -10.71
CA LEU D 33 -5.04 2.19 -11.51
C LEU D 33 -6.44 2.70 -11.82
N PHE D 34 -6.80 2.88 -13.09
CA PHE D 34 -8.15 3.33 -13.42
C PHE D 34 -9.10 2.18 -13.75
N LEU D 35 -8.70 0.93 -13.49
CA LEU D 35 -9.49 -0.23 -13.90
C LEU D 35 -10.33 -0.77 -12.75
N PRO D 36 -11.66 -0.75 -12.85
CA PRO D 36 -12.49 -1.35 -11.81
C PRO D 36 -12.13 -2.82 -11.59
N VAL D 37 -12.13 -3.21 -10.32
CA VAL D 37 -11.85 -4.59 -9.96
C VAL D 37 -12.99 -5.47 -10.45
N GLY D 38 -12.65 -6.71 -10.81
CA GLY D 38 -13.66 -7.63 -11.25
C GLY D 38 -13.29 -8.16 -12.61
N ASP D 39 -13.92 -9.26 -13.02
CA ASP D 39 -13.60 -9.92 -14.28
C ASP D 39 -12.11 -10.26 -14.24
N TRP D 40 -11.28 -9.72 -15.13
CA TRP D 40 -9.87 -10.09 -15.21
C TRP D 40 -8.93 -9.13 -14.50
N VAL D 41 -9.47 -8.15 -13.77
CA VAL D 41 -8.66 -7.14 -13.10
C VAL D 41 -8.54 -7.53 -11.63
N GLN D 42 -7.35 -7.90 -11.23
CA GLN D 42 -7.09 -8.29 -9.85
C GLN D 42 -7.05 -7.05 -8.96
N PRO D 43 -7.60 -7.10 -7.74
CA PRO D 43 -7.52 -5.94 -6.86
C PRO D 43 -6.08 -5.59 -6.56
N PRO D 44 -5.78 -4.31 -6.37
CA PRO D 44 -4.42 -3.90 -6.02
C PRO D 44 -4.11 -4.19 -4.56
N ASN D 45 -2.86 -4.58 -4.28
CA ASN D 45 -2.38 -4.71 -2.91
C ASN D 45 -1.87 -3.41 -2.33
N GLY D 46 -1.52 -2.44 -3.15
CA GLY D 46 -1.10 -1.15 -2.65
C GLY D 46 -2.27 -0.20 -2.57
N THR D 47 -1.96 1.09 -2.71
CA THR D 47 -3.00 2.10 -2.77
C THR D 47 -3.94 1.80 -3.93
N ALA D 48 -5.24 1.82 -3.67
CA ALA D 48 -6.22 1.67 -4.74
C ALA D 48 -6.36 2.93 -5.56
N GLY D 49 -6.57 2.76 -6.86
CA GLY D 49 -6.97 3.86 -7.73
C GLY D 49 -5.82 4.45 -8.52
N ALA D 50 -6.18 5.47 -9.29
CA ALA D 50 -5.23 6.29 -10.03
C ALA D 50 -5.19 7.71 -9.48
N ASP D 51 -6.35 8.36 -9.37
CA ASP D 51 -6.46 9.61 -8.61
C ASP D 51 -6.41 9.24 -7.13
N THR D 52 -5.19 9.06 -6.61
CA THR D 52 -5.01 8.72 -5.21
C THR D 52 -4.92 9.98 -4.36
N PRO D 53 -5.27 9.91 -3.07
CA PRO D 53 -5.06 11.07 -2.20
C PRO D 53 -3.62 11.59 -2.25
N ASP D 54 -2.65 10.69 -2.18
CA ASP D 54 -1.26 11.11 -2.12
C ASP D 54 -0.77 11.71 -3.43
N SER D 55 -1.40 11.37 -4.57
CA SER D 55 -0.97 12.00 -5.82
C SER D 55 -1.19 13.51 -5.79
N LYS D 56 -2.05 13.99 -4.89
CA LYS D 56 -2.17 15.43 -4.66
C LYS D 56 -1.55 15.89 -3.35
N ARG D 57 -1.68 15.10 -2.27
CA ARG D 57 -1.19 15.57 -0.97
C ARG D 57 0.33 15.73 -0.96
N ARG D 58 1.05 14.86 -1.69
CA ARG D 58 2.51 14.93 -1.63
C ARG D 58 3.06 16.25 -2.16
N LEU D 59 2.31 16.95 -3.03
CA LEU D 59 2.70 18.30 -3.41
C LEU D 59 2.62 19.25 -2.22
N LEU D 60 1.49 19.21 -1.49
CA LEU D 60 1.35 20.01 -0.29
C LEU D 60 2.40 19.66 0.76
N ASN D 61 2.70 18.37 0.92
CA ASN D 61 3.69 17.92 1.89
C ASN D 61 5.06 18.52 1.58
N LEU D 62 5.45 18.49 0.30
CA LEU D 62 6.74 19.07 -0.08
C LEU D 62 6.75 20.57 0.17
N ALA D 63 5.65 21.27 -0.17
CA ALA D 63 5.58 22.70 0.06
C ALA D 63 5.66 23.04 1.56
N HIS D 64 5.14 22.18 2.44
CA HIS D 64 5.37 22.36 3.86
C HIS D 64 6.83 22.15 4.22
N ALA D 65 7.42 21.05 3.74
CA ALA D 65 8.77 20.67 4.12
C ALA D 65 9.80 21.68 3.67
N SER D 66 9.54 22.35 2.54
CA SER D 66 10.49 23.31 1.99
C SER D 66 10.41 24.67 2.66
N GLY D 67 9.40 24.91 3.49
CA GLY D 67 9.14 26.23 4.01
C GLY D 67 8.32 27.13 3.10
N LEU D 68 7.94 26.66 1.90
CA LEU D 68 7.23 27.54 0.97
C LEU D 68 5.83 27.90 1.46
N ILE D 69 5.14 26.95 2.11
CA ILE D 69 3.78 27.22 2.58
C ILE D 69 3.78 28.40 3.56
N ARG D 70 4.82 28.52 4.39
CA ARG D 70 4.92 29.65 5.31
C ARG D 70 4.98 31.00 4.60
N LYS D 71 5.42 31.05 3.34
CA LYS D 71 5.47 32.27 2.55
C LYS D 71 4.14 32.61 1.88
N LEU D 72 3.18 31.69 1.88
CA LEU D 72 1.89 31.90 1.23
C LEU D 72 0.84 32.22 2.30
N THR D 73 -0.32 32.69 1.84
CA THR D 73 -1.46 32.88 2.71
C THR D 73 -2.50 31.80 2.38
N LEU D 74 -3.01 31.15 3.42
CA LEU D 74 -3.89 29.98 3.31
C LEU D 74 -5.24 30.32 3.90
N PRO D 75 -6.17 30.85 3.11
CA PRO D 75 -7.50 31.15 3.65
C PRO D 75 -8.27 29.88 3.98
N GLU D 76 -9.21 30.01 4.91
CA GLU D 76 -10.06 28.87 5.27
C GLU D 76 -11.05 28.59 4.14
N ALA D 77 -11.25 27.30 3.87
CA ALA D 77 -12.09 26.88 2.76
C ALA D 77 -13.57 27.23 2.98
N ILE D 78 -14.23 27.67 1.91
CA ILE D 78 -15.67 27.93 1.94
C ILE D 78 -16.32 27.11 0.83
N PRO D 79 -17.16 26.12 1.14
CA PRO D 79 -17.68 25.23 0.10
C PRO D 79 -18.57 25.96 -0.90
N ALA D 80 -18.63 25.42 -2.11
CA ALA D 80 -19.58 25.88 -3.10
C ALA D 80 -21.00 25.68 -2.55
N THR D 81 -21.87 26.67 -2.81
CA THR D 81 -23.27 26.49 -2.48
C THR D 81 -23.99 25.83 -3.65
N VAL D 82 -25.23 25.40 -3.40
CA VAL D 82 -26.07 24.87 -4.46
C VAL D 82 -26.33 25.94 -5.52
N GLU D 83 -26.51 27.20 -5.10
CA GLU D 83 -26.67 28.27 -6.08
C GLU D 83 -25.43 28.37 -6.97
N ASP D 84 -24.24 28.26 -6.39
CA ASP D 84 -23.02 28.33 -7.19
C ASP D 84 -23.00 27.25 -8.26
N VAL D 85 -23.17 25.98 -7.86
CA VAL D 85 -22.97 24.91 -8.82
C VAL D 85 -24.10 24.87 -9.84
N CYS D 86 -25.27 25.37 -9.48
CA CYS D 86 -26.39 25.39 -10.42
C CYS D 86 -26.34 26.54 -11.43
N ARG D 87 -25.33 27.42 -11.37
CA ARG D 87 -25.10 28.29 -12.50
C ARG D 87 -24.57 27.54 -13.71
N VAL D 88 -24.12 26.30 -13.52
CA VAL D 88 -23.56 25.46 -14.58
C VAL D 88 -24.32 24.16 -14.72
N HIS D 89 -24.61 23.51 -13.60
CA HIS D 89 -25.23 22.19 -13.57
C HIS D 89 -26.73 22.28 -13.32
N PRO D 90 -27.51 21.41 -13.96
CA PRO D 90 -28.94 21.35 -13.65
C PRO D 90 -29.14 20.78 -12.24
N ARG D 91 -30.16 21.31 -11.54
CA ARG D 91 -30.42 20.89 -10.17
C ARG D 91 -30.64 19.39 -10.06
N ASP D 92 -31.24 18.78 -11.10
N ASP D 92 -31.20 18.76 -11.10
CA ASP D 92 -31.47 17.34 -11.08
CA ASP D 92 -31.47 17.33 -10.97
C ASP D 92 -30.17 16.57 -10.90
C ASP D 92 -30.19 16.50 -10.97
N TYR D 93 -29.12 16.98 -11.61
CA TYR D 93 -27.81 16.31 -11.46
C TYR D 93 -27.32 16.45 -10.03
N ILE D 94 -27.38 17.68 -9.48
CA ILE D 94 -26.88 17.94 -8.13
C ILE D 94 -27.65 17.12 -7.10
N ASP D 95 -28.97 17.00 -7.27
CA ASP D 95 -29.80 16.23 -6.34
C ASP D 95 -29.47 14.75 -6.41
N ARG D 96 -29.32 14.19 -7.61
CA ARG D 96 -28.96 12.76 -7.74
C ARG D 96 -27.56 12.48 -7.22
N PHE D 97 -26.63 13.42 -7.41
CA PHE D 97 -25.28 13.30 -6.84
C PHE D 97 -25.35 13.24 -5.31
N LYS D 98 -26.02 14.21 -4.70
CA LYS D 98 -26.17 14.23 -3.25
C LYS D 98 -26.82 12.94 -2.73
N ALA D 99 -27.88 12.49 -3.39
CA ALA D 99 -28.58 11.27 -2.94
C ALA D 99 -27.71 10.03 -3.10
N THR D 100 -26.98 9.91 -4.22
CA THR D 100 -26.09 8.77 -4.39
C THR D 100 -24.95 8.80 -3.37
N SER D 101 -24.37 9.98 -3.15
CA SER D 101 -23.33 10.14 -2.15
C SER D 101 -23.83 9.76 -0.75
N ASP D 102 -25.02 10.24 -0.38
CA ASP D 102 -25.58 9.89 0.93
C ASP D 102 -25.75 8.39 1.10
N ALA D 103 -26.03 7.68 0.01
CA ALA D 103 -26.31 6.26 0.05
C ALA D 103 -25.08 5.38 -0.12
N GLY D 104 -23.89 5.96 -0.20
CA GLY D 104 -22.69 5.13 -0.24
C GLY D 104 -21.79 5.31 -1.45
N GLY D 105 -22.08 6.26 -2.33
CA GLY D 105 -21.22 6.50 -3.47
C GLY D 105 -21.65 5.73 -4.71
N GLY D 106 -20.92 6.00 -5.79
CA GLY D 106 -21.27 5.41 -7.08
C GLY D 106 -20.55 6.14 -8.19
N ASP D 107 -21.17 6.15 -9.37
CA ASP D 107 -20.60 6.78 -10.56
C ASP D 107 -21.76 7.20 -11.45
N LEU D 108 -22.00 8.51 -11.56
CA LEU D 108 -23.13 9.01 -12.32
C LEU D 108 -22.77 9.39 -13.75
N GLY D 109 -21.56 9.07 -14.21
CA GLY D 109 -21.11 9.44 -15.54
C GLY D 109 -20.17 8.43 -16.10
N HIS D 110 -19.10 8.90 -16.73
CA HIS D 110 -18.14 8.05 -17.42
CA HIS D 110 -18.14 8.05 -17.41
C HIS D 110 -16.78 8.15 -16.72
N LEU D 111 -16.41 7.11 -15.99
CA LEU D 111 -15.13 7.07 -15.26
C LEU D 111 -15.05 8.19 -14.21
N ALA D 112 -16.10 8.32 -13.41
CA ALA D 112 -16.17 9.35 -12.37
C ALA D 112 -16.68 8.77 -11.06
N PRO D 113 -16.03 7.73 -10.53
CA PRO D 113 -16.52 7.10 -9.31
C PRO D 113 -16.20 7.93 -8.07
N PHE D 114 -16.97 7.69 -7.02
CA PHE D 114 -16.78 8.40 -5.76
C PHE D 114 -17.37 7.55 -4.64
N SER D 115 -16.99 7.88 -3.41
CA SER D 115 -17.39 7.11 -2.23
C SER D 115 -18.43 7.88 -1.44
N LYS D 116 -18.92 7.26 -0.37
CA LYS D 116 -19.88 7.90 0.51
C LYS D 116 -19.37 9.25 0.97
N GLY D 117 -20.22 10.27 0.85
CA GLY D 117 -19.83 11.61 1.23
C GLY D 117 -19.03 12.35 0.18
N GLY D 118 -18.86 11.78 -1.01
CA GLY D 118 -18.12 12.46 -2.07
C GLY D 118 -18.76 13.75 -2.52
N TYR D 119 -20.09 13.88 -2.33
CA TYR D 119 -20.77 15.12 -2.69
C TYR D 119 -20.21 16.30 -1.90
N GLU D 120 -20.20 16.22 -0.58
CA GLU D 120 -19.70 17.34 0.22
C GLU D 120 -18.25 17.64 -0.10
N ILE D 121 -17.44 16.61 -0.36
CA ILE D 121 -16.03 16.86 -0.68
C ILE D 121 -15.90 17.54 -2.04
N ALA D 122 -16.74 17.17 -3.01
CA ALA D 122 -16.71 17.86 -4.30
C ALA D 122 -17.14 19.31 -4.16
N MET D 123 -18.16 19.57 -3.33
CA MET D 123 -18.59 20.94 -3.14
C MET D 123 -17.49 21.77 -2.48
N LEU D 124 -16.77 21.16 -1.54
CA LEU D 124 -15.65 21.81 -0.91
C LEU D 124 -14.53 22.08 -1.94
N SER D 125 -14.18 21.07 -2.73
CA SER D 125 -13.13 21.26 -3.74
C SER D 125 -13.49 22.38 -4.69
N CYS D 126 -14.74 22.42 -5.12
CA CYS D 126 -15.20 23.48 -5.99
C CYS D 126 -15.06 24.85 -5.32
N GLY D 127 -15.34 24.92 -4.01
CA GLY D 127 -15.20 26.17 -3.29
C GLY D 127 -13.78 26.72 -3.27
N LEU D 128 -12.78 25.84 -3.32
CA LEU D 128 -11.40 26.31 -3.41
C LEU D 128 -11.19 27.12 -4.68
N ALA D 129 -11.65 26.61 -5.83
CA ALA D 129 -11.56 27.36 -7.07
C ALA D 129 -12.37 28.65 -7.01
N ILE D 130 -13.61 28.58 -6.49
CA ILE D 130 -14.44 29.79 -6.39
C ILE D 130 -13.72 30.85 -5.58
N ALA D 131 -13.16 30.47 -4.43
CA ALA D 131 -12.53 31.44 -3.54
C ALA D 131 -11.23 31.98 -4.13
N ALA D 132 -10.48 31.13 -4.84
CA ALA D 132 -9.24 31.59 -5.47
C ALA D 132 -9.52 32.66 -6.50
N VAL D 133 -10.56 32.47 -7.33
CA VAL D 133 -10.92 33.49 -8.29
C VAL D 133 -11.46 34.73 -7.59
N ASP D 134 -12.36 34.54 -6.62
CA ASP D 134 -12.97 35.66 -5.91
C ASP D 134 -11.92 36.53 -5.24
N ASP D 135 -10.95 35.91 -4.57
CA ASP D 135 -9.96 36.69 -3.82
C ASP D 135 -8.95 37.39 -4.74
N VAL D 136 -8.65 36.82 -5.90
CA VAL D 136 -7.81 37.55 -6.85
C VAL D 136 -8.56 38.74 -7.43
N LEU D 137 -9.83 38.54 -7.78
CA LEU D 137 -10.60 39.63 -8.36
C LEU D 137 -10.84 40.75 -7.35
N SER D 138 -11.00 40.41 -6.07
CA SER D 138 -11.19 41.43 -5.05
C SER D 138 -9.89 42.06 -4.58
N GLY D 139 -8.74 41.56 -5.02
CA GLY D 139 -7.48 42.13 -4.60
C GLY D 139 -6.96 41.67 -3.26
N LYS D 140 -7.58 40.65 -2.66
CA LYS D 140 -7.05 40.14 -1.40
C LYS D 140 -5.69 39.47 -1.59
N VAL D 141 -5.49 38.83 -2.75
CA VAL D 141 -4.19 38.28 -3.13
C VAL D 141 -3.92 38.70 -4.57
N ASP D 142 -2.64 38.72 -4.93
CA ASP D 142 -2.27 39.02 -6.31
C ASP D 142 -2.51 37.85 -7.25
N ASN D 143 -2.20 36.63 -6.80
CA ASN D 143 -2.46 35.44 -7.61
C ASN D 143 -2.75 34.30 -6.63
N ALA D 144 -3.12 33.13 -7.16
CA ALA D 144 -3.64 32.11 -6.27
C ALA D 144 -3.46 30.73 -6.89
N TYR D 145 -3.38 29.72 -6.01
CA TYR D 145 -3.33 28.31 -6.37
C TYR D 145 -4.42 27.57 -5.60
N ALA D 146 -5.28 26.85 -6.31
CA ALA D 146 -6.35 26.08 -5.70
C ALA D 146 -6.01 24.61 -5.84
N LEU D 147 -5.75 23.93 -4.72
CA LEU D 147 -5.46 22.51 -4.76
C LEU D 147 -6.78 21.72 -4.75
N CYS D 148 -7.46 21.79 -5.89
CA CYS D 148 -8.72 21.08 -6.05
C CYS D 148 -8.48 19.57 -6.15
N ARG D 149 -9.31 18.82 -5.45
CA ARG D 149 -9.47 17.39 -5.62
C ARG D 149 -10.83 17.03 -5.04
N PRO D 150 -11.74 16.45 -5.82
CA PRO D 150 -11.63 16.02 -7.23
C PRO D 150 -11.46 17.19 -8.21
N ALA D 151 -10.93 16.89 -9.39
CA ALA D 151 -10.68 17.85 -10.46
C ALA D 151 -11.99 18.18 -11.18
N GLY D 152 -11.91 19.06 -12.19
CA GLY D 152 -13.13 19.51 -12.82
C GLY D 152 -13.19 19.58 -14.34
N HIS D 153 -12.06 19.54 -15.06
CA HIS D 153 -12.09 20.02 -16.44
C HIS D 153 -12.71 19.05 -17.44
N HIS D 154 -13.02 17.81 -17.06
CA HIS D 154 -13.80 16.94 -17.95
C HIS D 154 -15.29 16.98 -17.67
N CYS D 155 -15.72 17.63 -16.59
CA CYS D 155 -17.12 17.51 -16.18
C CYS D 155 -18.01 18.35 -17.09
N LEU D 156 -19.00 17.70 -17.71
CA LEU D 156 -19.99 18.39 -18.52
C LEU D 156 -21.10 18.94 -17.63
N ALA D 157 -21.94 19.81 -18.21
CA ALA D 157 -23.06 20.37 -17.45
C ALA D 157 -23.92 19.27 -16.81
N ASP D 158 -24.25 18.21 -17.55
CA ASP D 158 -25.12 17.19 -16.99
C ASP D 158 -24.45 15.85 -16.73
N THR D 159 -23.15 15.73 -17.01
CA THR D 159 -22.49 14.42 -16.93
C THR D 159 -21.09 14.54 -16.34
N PRO D 160 -20.80 13.92 -15.19
CA PRO D 160 -19.41 13.89 -14.72
C PRO D 160 -18.58 12.92 -15.53
N MET D 161 -17.28 13.17 -15.61
CA MET D 161 -16.46 12.24 -16.36
C MET D 161 -14.99 12.44 -16.01
N GLY D 162 -14.22 11.35 -16.16
CA GLY D 162 -12.77 11.43 -16.08
C GLY D 162 -12.27 11.96 -14.76
N PHE D 163 -12.82 11.43 -13.67
CA PHE D 163 -12.48 11.76 -12.29
C PHE D 163 -13.02 13.12 -11.86
N CYS D 164 -13.84 13.76 -12.67
CA CYS D 164 -14.33 15.12 -12.42
C CYS D 164 -15.82 15.08 -12.13
N LEU D 165 -16.21 15.56 -10.95
CA LEU D 165 -17.59 15.44 -10.48
C LEU D 165 -18.37 16.74 -10.61
N LEU D 166 -17.69 17.88 -10.55
CA LEU D 166 -18.27 19.19 -10.75
C LEU D 166 -17.33 19.98 -11.66
N ALA D 167 -17.88 20.96 -12.37
CA ALA D 167 -17.08 21.77 -13.31
C ALA D 167 -16.46 22.94 -12.54
N ASN D 168 -15.40 22.62 -11.79
CA ASN D 168 -14.78 23.57 -10.86
C ASN D 168 -14.54 24.94 -11.49
N ILE D 169 -13.75 24.98 -12.57
CA ILE D 169 -13.40 26.25 -13.17
C ILE D 169 -14.62 26.99 -13.72
N PRO D 170 -15.49 26.37 -14.55
CA PRO D 170 -16.68 27.10 -15.03
C PRO D 170 -17.56 27.63 -13.91
N ILE D 171 -17.72 26.87 -12.82
CA ILE D 171 -18.50 27.35 -11.68
C ILE D 171 -17.83 28.58 -11.07
N ALA D 172 -16.50 28.54 -10.92
CA ALA D 172 -15.82 29.70 -10.37
C ALA D 172 -15.94 30.89 -11.30
N ILE D 173 -15.97 30.66 -12.61
CA ILE D 173 -16.14 31.76 -13.56
C ILE D 173 -17.53 32.38 -13.46
N GLU D 174 -18.57 31.53 -13.49
CA GLU D 174 -19.94 32.05 -13.42
C GLU D 174 -20.19 32.77 -12.10
N ALA D 175 -19.61 32.27 -11.00
CA ALA D 175 -19.69 32.98 -9.73
C ALA D 175 -19.04 34.36 -9.82
N ALA D 176 -17.84 34.42 -10.41
CA ALA D 176 -17.14 35.69 -10.59
C ALA D 176 -17.93 36.66 -11.46
N LYS D 177 -18.60 36.17 -12.50
CA LYS D 177 -19.41 37.07 -13.32
C LYS D 177 -20.55 37.64 -12.50
N ALA D 178 -21.12 36.83 -11.61
CA ALA D 178 -22.26 37.28 -10.81
C ALA D 178 -21.86 38.25 -9.71
N ARG D 179 -20.63 38.14 -9.19
CA ARG D 179 -20.18 38.96 -8.07
C ARG D 179 -19.23 40.09 -8.46
N HIS D 180 -18.58 40.02 -9.62
CA HIS D 180 -17.67 41.06 -10.05
C HIS D 180 -17.98 41.61 -11.43
N GLY D 181 -18.88 40.99 -12.18
CA GLY D 181 -19.16 41.46 -13.54
C GLY D 181 -17.95 41.46 -14.44
N ILE D 182 -17.02 40.52 -14.25
CA ILE D 182 -15.84 40.45 -15.11
C ILE D 182 -16.27 40.12 -16.55
N SER D 183 -15.66 40.80 -17.52
CA SER D 183 -16.10 40.70 -18.91
C SER D 183 -15.45 39.55 -19.68
N ARG D 184 -14.13 39.40 -19.59
N ARG D 184 -14.13 39.42 -19.61
CA ARG D 184 -13.44 38.39 -20.38
CA ARG D 184 -13.38 38.44 -20.37
C ARG D 184 -12.49 37.58 -19.49
C ARG D 184 -12.53 37.59 -19.42
N VAL D 185 -12.64 36.26 -19.55
CA VAL D 185 -11.80 35.32 -18.82
C VAL D 185 -11.16 34.39 -19.84
N ALA D 186 -9.87 34.10 -19.68
CA ALA D 186 -9.20 33.09 -20.48
C ALA D 186 -8.82 31.91 -19.59
N VAL D 187 -9.11 30.69 -20.06
CA VAL D 187 -8.68 29.47 -19.38
C VAL D 187 -7.59 28.81 -20.21
N VAL D 188 -6.42 28.61 -19.61
CA VAL D 188 -5.29 27.94 -20.25
C VAL D 188 -5.15 26.60 -19.56
N ASP D 189 -5.49 25.51 -20.24
CA ASP D 189 -5.56 24.19 -19.62
C ASP D 189 -4.38 23.36 -20.10
N TRP D 190 -3.38 23.17 -19.23
CA TRP D 190 -2.18 22.41 -19.61
C TRP D 190 -2.11 21.06 -18.89
N ASP D 191 -3.15 20.67 -18.16
CA ASP D 191 -3.39 19.26 -17.90
C ASP D 191 -3.22 18.50 -19.21
N VAL D 192 -2.67 17.29 -19.13
CA VAL D 192 -2.28 16.60 -20.36
C VAL D 192 -3.47 16.09 -21.15
N HIS D 193 -4.66 16.08 -20.55
CA HIS D 193 -5.86 15.61 -21.22
C HIS D 193 -6.73 16.79 -21.68
N HIS D 194 -7.62 16.52 -22.63
CA HIS D 194 -8.44 17.58 -23.20
C HIS D 194 -9.47 18.10 -22.20
N GLY D 195 -9.54 19.42 -22.04
CA GLY D 195 -10.55 20.01 -21.18
C GLY D 195 -11.89 20.08 -21.88
N ASN D 196 -12.50 18.92 -22.10
CA ASN D 196 -13.74 18.84 -22.85
C ASN D 196 -14.91 19.46 -22.09
N GLY D 197 -14.85 19.45 -20.75
CA GLY D 197 -15.90 20.09 -19.97
C GLY D 197 -15.90 21.60 -20.13
N THR D 198 -14.73 22.22 -19.97
CA THR D 198 -14.62 23.67 -20.16
C THR D 198 -15.02 24.05 -21.58
N GLN D 199 -14.56 23.28 -22.57
CA GLN D 199 -14.88 23.55 -23.96
C GLN D 199 -16.38 23.52 -24.19
N SER D 200 -17.05 22.48 -23.69
CA SER D 200 -18.49 22.34 -23.90
C SER D 200 -19.27 23.47 -23.25
N ILE D 201 -18.95 23.79 -22.00
CA ILE D 201 -19.77 24.73 -21.24
C ILE D 201 -19.73 26.13 -21.86
N PHE D 202 -18.62 26.53 -22.46
CA PHE D 202 -18.53 27.88 -23.00
C PHE D 202 -18.49 27.91 -24.52
N TYR D 203 -18.85 26.81 -25.19
CA TYR D 203 -18.53 26.66 -26.61
C TYR D 203 -19.18 27.73 -27.48
N ASP D 204 -20.38 28.20 -27.13
CA ASP D 204 -21.04 29.25 -27.91
C ASP D 204 -20.89 30.63 -27.28
N ARG D 205 -19.84 30.86 -26.50
CA ARG D 205 -19.69 32.11 -25.78
C ARG D 205 -18.35 32.75 -26.09
N ALA D 206 -18.40 34.06 -26.30
CA ALA D 206 -17.20 34.83 -26.62
C ALA D 206 -16.56 35.46 -25.39
N ASP D 207 -17.19 35.35 -24.21
CA ASP D 207 -16.62 35.99 -23.04
C ASP D 207 -15.65 35.09 -22.29
N VAL D 208 -15.60 33.79 -22.59
CA VAL D 208 -14.60 32.91 -22.00
C VAL D 208 -13.82 32.24 -23.13
N LEU D 209 -12.53 32.54 -23.22
CA LEU D 209 -11.64 31.87 -24.16
C LEU D 209 -11.13 30.60 -23.50
N THR D 210 -11.40 29.45 -24.12
CA THR D 210 -10.99 28.17 -23.55
C THR D 210 -9.89 27.59 -24.43
N ILE D 211 -8.69 27.47 -23.86
CA ILE D 211 -7.53 26.89 -24.54
C ILE D 211 -7.17 25.59 -23.84
N SER D 212 -6.96 24.53 -24.62
CA SER D 212 -6.50 23.26 -24.09
C SER D 212 -5.30 22.78 -24.88
N ILE D 213 -4.20 22.51 -24.16
CA ILE D 213 -3.04 21.80 -24.70
C ILE D 213 -3.11 20.39 -24.15
N HIS D 214 -3.07 19.39 -25.02
CA HIS D 214 -3.30 18.04 -24.55
C HIS D 214 -2.58 17.06 -25.47
N GLN D 215 -2.31 15.87 -24.94
CA GLN D 215 -1.80 14.80 -25.77
C GLN D 215 -2.85 14.40 -26.80
N ASP D 216 -2.44 14.39 -28.07
CA ASP D 216 -3.31 13.97 -29.16
C ASP D 216 -3.92 12.59 -28.90
N ARG D 217 -5.25 12.51 -28.92
CA ARG D 217 -6.04 11.28 -28.88
C ARG D 217 -6.07 10.59 -27.53
N CYS D 218 -5.62 11.24 -26.46
CA CYS D 218 -5.45 10.53 -25.17
C CYS D 218 -6.77 10.46 -24.38
N PHE D 219 -7.24 11.59 -23.85
CA PHE D 219 -8.53 11.54 -23.17
C PHE D 219 -9.30 12.85 -23.34
N PRO D 220 -10.55 12.80 -23.86
CA PRO D 220 -11.28 11.60 -24.31
C PRO D 220 -10.54 10.85 -25.42
N PRO D 221 -10.56 9.51 -25.41
CA PRO D 221 -9.70 8.77 -26.36
C PRO D 221 -10.09 9.05 -27.79
N GLY D 222 -9.07 9.23 -28.64
CA GLY D 222 -9.30 9.52 -30.03
C GLY D 222 -9.52 10.97 -30.38
N TYR D 223 -9.73 11.84 -29.40
CA TYR D 223 -10.01 13.25 -29.68
C TYR D 223 -8.74 14.06 -29.90
N SER D 224 -8.72 14.88 -30.96
CA SER D 224 -7.65 15.83 -31.23
C SER D 224 -8.17 17.25 -31.11
N GLY D 225 -9.08 17.66 -32.00
CA GLY D 225 -9.92 18.83 -31.79
C GLY D 225 -9.44 20.16 -32.33
N ALA D 226 -8.34 20.20 -33.08
CA ALA D 226 -7.81 21.49 -33.53
C ALA D 226 -8.84 22.29 -34.33
N GLU D 227 -9.72 21.60 -35.06
N GLU D 227 -9.73 21.60 -35.04
CA GLU D 227 -10.73 22.24 -35.90
CA GLU D 227 -10.71 22.26 -35.89
C GLU D 227 -11.95 22.71 -35.12
C GLU D 227 -11.96 22.70 -35.13
N ASP D 228 -12.09 22.34 -33.85
CA ASP D 228 -13.25 22.72 -33.05
C ASP D 228 -12.94 24.07 -32.41
N ARG D 229 -13.39 25.14 -33.07
CA ARG D 229 -13.02 26.50 -32.71
C ARG D 229 -14.14 27.28 -32.03
N GLY D 230 -15.26 26.64 -31.72
CA GLY D 230 -16.41 27.31 -31.15
C GLY D 230 -17.59 27.33 -32.11
N GLU D 231 -18.69 27.89 -31.64
CA GLU D 231 -19.88 28.02 -32.49
C GLU D 231 -20.63 29.30 -32.14
N GLY D 232 -21.32 29.85 -33.13
CA GLY D 232 -22.11 31.05 -32.91
C GLY D 232 -21.23 32.20 -32.48
N ALA D 233 -21.66 32.90 -31.44
CA ALA D 233 -20.84 33.98 -30.86
C ALA D 233 -19.50 33.44 -30.37
N GLY D 234 -19.43 32.15 -30.01
CA GLY D 234 -18.17 31.59 -29.56
C GLY D 234 -17.20 31.16 -30.64
N LEU D 235 -17.51 31.39 -31.90
CA LEU D 235 -16.59 31.03 -32.99
C LEU D 235 -15.31 31.85 -32.89
N GLY D 236 -14.18 31.16 -32.73
CA GLY D 236 -12.90 31.80 -32.50
C GLY D 236 -12.50 31.90 -31.05
N TYR D 237 -13.29 31.33 -30.13
CA TYR D 237 -13.07 31.46 -28.70
C TYR D 237 -12.89 30.12 -28.01
N ASN D 238 -12.67 29.06 -28.78
CA ASN D 238 -12.15 27.79 -28.29
C ASN D 238 -10.91 27.44 -29.11
N LEU D 239 -9.86 26.95 -28.44
CA LEU D 239 -8.57 26.74 -29.10
C LEU D 239 -7.94 25.46 -28.57
N ASN D 240 -7.98 24.40 -29.38
CA ASN D 240 -7.36 23.12 -29.04
C ASN D 240 -5.99 23.01 -29.67
N VAL D 241 -5.00 22.66 -28.84
CA VAL D 241 -3.61 22.49 -29.24
C VAL D 241 -3.19 21.05 -28.92
N PRO D 242 -3.62 20.08 -29.72
CA PRO D 242 -3.13 18.71 -29.54
C PRO D 242 -1.64 18.64 -29.86
N LEU D 243 -0.92 17.87 -29.05
CA LEU D 243 0.51 17.66 -29.25
C LEU D 243 0.74 16.15 -29.31
N PRO D 244 1.68 15.68 -30.12
CA PRO D 244 1.88 14.22 -30.22
C PRO D 244 2.46 13.65 -28.94
N ALA D 245 2.07 12.40 -28.64
CA ALA D 245 2.73 11.65 -27.59
C ALA D 245 4.24 11.70 -27.75
N GLY D 246 4.94 11.85 -26.64
CA GLY D 246 6.38 11.94 -26.63
C GLY D 246 6.91 13.35 -26.73
N ALA D 247 6.04 14.35 -26.88
CA ALA D 247 6.46 15.75 -26.84
C ALA D 247 6.95 16.09 -25.44
N GLY D 248 7.91 17.03 -25.37
CA GLY D 248 8.51 17.40 -24.12
C GLY D 248 8.64 18.91 -23.95
N HIS D 249 9.73 19.31 -23.30
CA HIS D 249 9.91 20.68 -22.83
C HIS D 249 9.87 21.66 -24.00
N ASP D 250 10.73 21.46 -25.00
CA ASP D 250 10.83 22.43 -26.10
C ASP D 250 9.55 22.49 -26.91
N ALA D 251 8.84 21.36 -27.06
CA ALA D 251 7.58 21.38 -27.80
C ALA D 251 6.51 22.20 -27.08
N TYR D 252 6.39 22.01 -25.76
CA TYR D 252 5.41 22.81 -25.02
C TYR D 252 5.79 24.29 -25.01
N VAL D 253 7.08 24.60 -24.88
CA VAL D 253 7.50 26.00 -24.86
C VAL D 253 7.17 26.68 -26.19
N GLN D 254 7.45 26.00 -27.30
CA GLN D 254 7.11 26.57 -28.61
C GLN D 254 5.60 26.71 -28.78
N ALA D 255 4.83 25.71 -28.33
CA ALA D 255 3.37 25.81 -28.40
C ALA D 255 2.85 27.02 -27.64
N PHE D 256 3.49 27.35 -26.52
CA PHE D 256 3.06 28.52 -25.76
C PHE D 256 3.52 29.82 -26.42
N ASP D 257 4.76 29.86 -26.94
CA ASP D 257 5.24 31.07 -27.60
C ASP D 257 4.49 31.35 -28.89
N ASP D 258 4.11 30.31 -29.64
CA ASP D 258 3.59 30.49 -30.99
C ASP D 258 2.07 30.44 -31.07
N ILE D 259 1.41 29.82 -30.10
CA ILE D 259 -0.04 29.64 -30.17
C ILE D 259 -0.74 30.23 -28.95
N VAL D 260 -0.35 29.78 -27.75
CA VAL D 260 -1.12 30.11 -26.56
C VAL D 260 -1.02 31.59 -26.22
N VAL D 261 0.20 32.11 -26.11
CA VAL D 261 0.38 33.48 -25.67
C VAL D 261 -0.15 34.45 -26.72
N PRO D 262 0.06 34.24 -28.03
CA PRO D 262 -0.60 35.14 -29.00
C PRO D 262 -2.11 35.12 -28.91
N ALA D 263 -2.73 33.97 -28.60
CA ALA D 263 -4.17 33.94 -28.45
C ALA D 263 -4.61 34.75 -27.24
N LEU D 264 -3.84 34.69 -26.16
CA LEU D 264 -4.12 35.51 -24.98
C LEU D 264 -4.02 36.99 -25.31
N ASP D 265 -2.93 37.36 -25.97
CA ASP D 265 -2.72 38.75 -26.37
C ASP D 265 -3.86 39.25 -27.23
N ASP D 266 -4.34 38.42 -28.16
CA ASP D 266 -5.43 38.85 -29.03
C ASP D 266 -6.73 39.00 -28.24
N PHE D 267 -6.95 38.13 -27.27
CA PHE D 267 -8.24 38.07 -26.58
C PHE D 267 -8.39 39.16 -25.53
N LYS D 268 -7.29 39.64 -24.94
CA LYS D 268 -7.27 40.66 -23.89
C LYS D 268 -8.14 40.24 -22.70
N PRO D 269 -7.76 39.20 -21.97
CA PRO D 269 -8.57 38.76 -20.83
C PRO D 269 -8.49 39.76 -19.69
N ASP D 270 -9.54 39.77 -18.86
CA ASP D 270 -9.49 40.47 -17.59
C ASP D 270 -8.98 39.58 -16.46
N LEU D 271 -8.78 38.30 -16.73
CA LEU D 271 -8.34 37.33 -15.76
C LEU D 271 -7.89 36.10 -16.54
N ILE D 272 -6.77 35.52 -16.12
CA ILE D 272 -6.28 34.26 -16.68
C ILE D 272 -6.39 33.19 -15.60
N ILE D 273 -6.99 32.06 -15.95
CA ILE D 273 -7.06 30.90 -15.08
C ILE D 273 -6.31 29.77 -15.77
N VAL D 274 -5.37 29.16 -15.06
CA VAL D 274 -4.66 27.98 -15.56
C VAL D 274 -5.32 26.76 -14.95
N ALA D 275 -5.82 25.88 -15.82
CA ALA D 275 -6.22 24.53 -15.41
C ALA D 275 -4.95 23.71 -15.41
N SER D 276 -4.37 23.48 -14.23
CA SER D 276 -3.04 22.92 -14.14
C SER D 276 -3.13 21.46 -13.66
N GLY D 277 -3.19 20.54 -14.62
CA GLY D 277 -2.79 19.19 -14.32
C GLY D 277 -1.30 19.05 -14.47
N LEU D 278 -0.71 18.16 -13.66
CA LEU D 278 0.72 17.92 -13.71
C LEU D 278 1.05 16.58 -14.38
N ASP D 279 0.11 16.04 -15.15
CA ASP D 279 0.27 14.71 -15.70
C ASP D 279 0.94 14.70 -17.07
N ALA D 280 1.42 15.84 -17.56
CA ALA D 280 2.37 15.77 -18.68
C ALA D 280 3.79 15.50 -18.20
N ASN D 281 3.97 15.27 -16.89
CA ASN D 281 5.30 15.02 -16.37
C ASN D 281 5.85 13.71 -16.92
N SER D 282 7.18 13.60 -16.89
CA SER D 282 7.92 12.57 -17.63
C SER D 282 7.68 11.15 -17.14
N VAL D 283 7.11 10.94 -15.95
CA VAL D 283 6.88 9.56 -15.51
C VAL D 283 5.40 9.32 -15.18
N ASP D 284 4.50 10.10 -15.77
CA ASP D 284 3.10 9.89 -15.43
C ASP D 284 2.58 8.63 -16.12
N PRO D 285 1.82 7.79 -15.41
CA PRO D 285 1.26 6.62 -16.07
C PRO D 285 0.13 6.95 -17.03
N LEU D 286 -0.54 8.08 -16.88
CA LEU D 286 -1.75 8.35 -17.65
C LEU D 286 -1.51 9.23 -18.87
N ALA D 287 -0.26 9.46 -19.25
CA ALA D 287 0.05 10.07 -20.53
C ALA D 287 1.50 9.76 -20.89
N ARG D 288 1.90 10.22 -22.08
CA ARG D 288 3.19 9.87 -22.68
C ARG D 288 4.08 11.10 -22.91
N MET D 289 3.94 12.15 -22.09
CA MET D 289 4.67 13.39 -22.35
C MET D 289 5.94 13.45 -21.49
N LEU D 290 6.81 14.41 -21.82
CA LEU D 290 8.15 14.47 -21.25
C LEU D 290 8.43 15.82 -20.61
N LEU D 291 7.46 16.37 -19.88
CA LEU D 291 7.75 17.60 -19.15
C LEU D 291 8.48 17.27 -17.83
N HIS D 292 9.24 18.25 -17.35
CA HIS D 292 9.91 18.14 -16.07
C HIS D 292 9.61 19.39 -15.25
N SER D 293 10.18 19.44 -14.05
CA SER D 293 9.79 20.48 -13.08
C SER D 293 10.10 21.88 -13.61
N GLU D 294 11.21 22.04 -14.34
CA GLU D 294 11.54 23.35 -14.86
C GLU D 294 10.66 23.75 -16.04
N SER D 295 10.06 22.78 -16.74
CA SER D 295 9.01 23.11 -17.70
C SER D 295 7.87 23.84 -17.02
N TYR D 296 7.43 23.33 -15.85
CA TYR D 296 6.28 23.95 -15.20
C TYR D 296 6.63 25.32 -14.63
N ARG D 297 7.88 25.50 -14.16
CA ARG D 297 8.32 26.82 -13.73
C ARG D 297 8.25 27.80 -14.90
N LEU D 298 8.78 27.40 -16.06
CA LEU D 298 8.82 28.29 -17.21
C LEU D 298 7.41 28.59 -17.74
N LEU D 299 6.57 27.58 -17.89
CA LEU D 299 5.21 27.83 -18.37
C LEU D 299 4.44 28.71 -17.41
N THR D 300 4.66 28.53 -16.10
CA THR D 300 4.02 29.41 -15.14
C THR D 300 4.53 30.84 -15.27
N GLN D 301 5.84 31.00 -15.49
CA GLN D 301 6.38 32.35 -15.66
C GLN D 301 5.78 33.02 -16.88
N LYS D 302 5.54 32.26 -17.95
CA LYS D 302 4.89 32.84 -19.13
C LYS D 302 3.48 33.30 -18.82
N MET D 303 2.76 32.61 -17.94
CA MET D 303 1.42 33.03 -17.57
C MET D 303 1.45 34.22 -16.62
N LEU D 304 2.46 34.28 -15.74
CA LEU D 304 2.66 35.46 -14.90
C LEU D 304 2.96 36.69 -15.75
N ASP D 305 3.87 36.55 -16.71
CA ASP D 305 4.18 37.65 -17.61
C ASP D 305 2.94 38.09 -18.37
N ALA D 306 2.18 37.12 -18.90
CA ALA D 306 0.94 37.44 -19.62
C ALA D 306 -0.03 38.19 -18.73
N ALA D 307 -0.24 37.71 -17.51
CA ALA D 307 -1.19 38.36 -16.62
C ALA D 307 -0.70 39.76 -16.23
N ALA D 308 0.60 39.91 -16.00
CA ALA D 308 1.15 41.25 -15.73
C ALA D 308 0.87 42.20 -16.89
N ARG D 309 0.97 41.71 -18.11
CA ARG D 309 0.81 42.53 -19.31
C ARG D 309 -0.65 42.80 -19.63
N LEU D 310 -1.53 41.84 -19.37
CA LEU D 310 -2.88 41.89 -19.90
C LEU D 310 -3.96 42.21 -18.88
N CYS D 311 -3.79 41.83 -17.61
CA CYS D 311 -4.89 41.97 -16.66
C CYS D 311 -4.36 42.23 -15.25
N GLY D 312 -3.38 43.13 -15.13
CA GLY D 312 -2.94 43.57 -13.81
C GLY D 312 -2.43 42.48 -12.90
N GLY D 313 -1.91 41.39 -13.47
CA GLY D 313 -1.34 40.32 -12.66
C GLY D 313 -2.33 39.31 -12.14
N LYS D 314 -3.59 39.39 -12.56
CA LYS D 314 -4.66 38.56 -12.00
C LYS D 314 -4.55 37.17 -12.63
N LEU D 315 -4.00 36.22 -11.86
CA LEU D 315 -3.73 34.88 -12.33
C LEU D 315 -4.16 33.89 -11.26
N VAL D 316 -4.93 32.88 -11.68
CA VAL D 316 -5.41 31.82 -10.79
C VAL D 316 -5.00 30.49 -11.40
N VAL D 317 -4.40 29.62 -10.60
CA VAL D 317 -3.99 28.28 -11.04
C VAL D 317 -4.83 27.27 -10.27
N VAL D 318 -5.48 26.35 -10.98
CA VAL D 318 -6.40 25.39 -10.39
C VAL D 318 -5.89 23.98 -10.69
N HIS D 319 -5.62 23.20 -9.64
CA HIS D 319 -5.15 21.83 -9.82
C HIS D 319 -6.19 20.96 -10.53
N GLU D 320 -5.72 20.19 -11.51
CA GLU D 320 -6.57 19.21 -12.19
C GLU D 320 -5.97 17.82 -11.97
N GLY D 321 -5.38 17.21 -13.01
CA GLY D 321 -4.80 15.88 -12.91
C GLY D 321 -3.34 15.87 -12.45
N GLY D 322 -2.73 14.70 -12.57
CA GLY D 322 -1.39 14.46 -12.05
C GLY D 322 -1.38 13.19 -11.23
N TYR D 323 -0.64 12.16 -11.69
CA TYR D 323 -0.80 10.81 -11.13
C TYR D 323 0.50 10.14 -10.68
N ALA D 324 1.67 10.66 -11.05
CA ALA D 324 2.95 10.12 -10.59
C ALA D 324 3.23 10.68 -9.19
N GLU D 325 2.94 9.87 -8.15
CA GLU D 325 3.07 10.35 -6.78
C GLU D 325 4.48 10.82 -6.45
N ALA D 326 5.48 10.20 -7.07
CA ALA D 326 6.85 10.55 -6.71
C ALA D 326 7.35 11.78 -7.42
N TYR D 327 6.76 12.13 -8.57
CA TYR D 327 7.31 13.26 -9.34
C TYR D 327 6.39 14.47 -9.43
N VAL D 328 5.07 14.30 -9.33
CA VAL D 328 4.15 15.44 -9.24
C VAL D 328 4.59 16.46 -8.19
N PRO D 329 5.09 16.06 -7.01
CA PRO D 329 5.48 17.10 -6.03
C PRO D 329 6.52 18.07 -6.55
N PHE D 330 7.56 17.58 -7.24
CA PHE D 330 8.61 18.48 -7.71
C PHE D 330 8.12 19.39 -8.83
N CYS D 331 7.25 18.89 -9.69
CA CYS D 331 6.69 19.71 -10.76
C CYS D 331 5.80 20.81 -10.20
N GLY D 332 4.91 20.47 -9.27
CA GLY D 332 4.02 21.47 -8.69
C GLY D 332 4.76 22.44 -7.81
N HIS D 333 5.84 21.98 -7.15
CA HIS D 333 6.58 22.86 -6.25
C HIS D 333 7.30 23.95 -7.03
N ALA D 334 7.88 23.61 -8.19
CA ALA D 334 8.51 24.62 -9.03
C ALA D 334 7.48 25.62 -9.56
N LEU D 335 6.31 25.12 -9.96
CA LEU D 335 5.19 25.98 -10.32
C LEU D 335 4.88 26.97 -9.19
N LEU D 336 4.79 26.48 -7.95
CA LEU D 336 4.45 27.37 -6.83
C LEU D 336 5.56 28.37 -6.54
N GLU D 337 6.82 27.96 -6.69
CA GLU D 337 7.93 28.90 -6.58
C GLU D 337 7.77 30.05 -7.55
N ALA D 338 7.48 29.74 -8.82
CA ALA D 338 7.28 30.79 -9.81
C ALA D 338 6.12 31.69 -9.44
N LEU D 339 4.96 31.09 -9.14
CA LEU D 339 3.77 31.85 -8.82
C LEU D 339 4.02 32.85 -7.68
N SER D 340 4.70 32.41 -6.62
CA SER D 340 4.95 33.26 -5.46
C SER D 340 6.21 34.11 -5.58
N GLY D 341 7.03 33.90 -6.61
CA GLY D 341 8.31 34.57 -6.68
C GLY D 341 9.27 34.20 -5.57
N GLU D 342 9.13 33.03 -4.98
CA GLU D 342 10.00 32.59 -3.89
C GLU D 342 10.95 31.50 -4.36
N ARG D 343 12.11 31.43 -3.72
CA ARG D 343 13.04 30.34 -3.94
C ARG D 343 13.20 29.56 -2.65
N THR D 344 13.32 28.25 -2.79
CA THR D 344 13.57 27.36 -1.66
C THR D 344 14.80 26.53 -1.98
N ALA D 345 15.20 25.72 -1.01
CA ALA D 345 16.33 24.81 -1.16
C ALA D 345 15.97 23.52 -1.88
N VAL D 346 14.73 23.38 -2.36
CA VAL D 346 14.32 22.14 -3.03
C VAL D 346 15.16 21.97 -4.29
N VAL D 347 15.67 20.76 -4.48
CA VAL D 347 16.33 20.34 -5.69
C VAL D 347 15.58 19.12 -6.23
N ASP D 348 15.19 19.18 -7.49
CA ASP D 348 14.52 18.07 -8.16
C ASP D 348 15.53 16.96 -8.46
N PRO D 349 15.45 15.80 -7.82
CA PRO D 349 16.48 14.77 -8.05
C PRO D 349 16.33 14.06 -9.40
N VAL D 350 15.21 14.26 -10.10
CA VAL D 350 14.97 13.64 -11.40
C VAL D 350 15.38 14.56 -12.55
N LEU D 351 15.67 15.84 -12.27
CA LEU D 351 15.78 16.84 -13.33
C LEU D 351 16.84 16.46 -14.35
N GLU D 352 18.05 16.11 -13.90
CA GLU D 352 19.14 15.80 -14.83
C GLU D 352 18.75 14.68 -15.78
N MET D 353 18.14 13.62 -15.24
CA MET D 353 17.77 12.50 -16.11
C MET D 353 16.66 12.91 -17.06
N ALA D 354 15.67 13.66 -16.58
CA ALA D 354 14.58 14.09 -17.44
C ALA D 354 15.08 15.02 -18.53
N GLU D 355 16.14 15.80 -18.26
CA GLU D 355 16.73 16.60 -19.33
C GLU D 355 17.42 15.72 -20.36
N ALA D 356 18.09 14.66 -19.91
CA ALA D 356 18.72 13.73 -20.85
C ALA D 356 17.68 12.97 -21.68
N TRP D 357 16.47 12.79 -21.14
CA TRP D 357 15.39 12.09 -21.82
C TRP D 357 14.79 12.88 -22.97
N GLN D 358 15.05 14.18 -23.05
CA GLN D 358 14.28 15.03 -23.96
C GLN D 358 14.50 14.60 -25.41
N PRO D 359 13.50 14.84 -26.26
CA PRO D 359 13.61 14.47 -27.67
C PRO D 359 14.88 15.03 -28.31
N GLY D 360 15.50 14.22 -29.16
CA GLY D 360 16.66 14.64 -29.91
C GLY D 360 16.30 15.45 -31.14
N PRO D 361 17.29 15.71 -32.00
CA PRO D 361 17.06 16.65 -33.12
C PRO D 361 16.01 16.22 -34.12
N GLU D 362 15.94 14.93 -34.46
CA GLU D 362 14.94 14.49 -35.42
C GLU D 362 13.53 14.62 -34.85
N ALA D 363 13.33 14.18 -33.61
CA ALA D 363 12.02 14.33 -33.00
C ALA D 363 11.68 15.80 -32.82
N ALA D 364 12.68 16.62 -32.47
CA ALA D 364 12.44 18.04 -32.27
C ALA D 364 11.98 18.73 -33.55
N ALA D 365 12.55 18.32 -34.70
CA ALA D 365 12.14 18.89 -35.97
C ALA D 365 10.70 18.50 -36.30
N PHE D 366 10.31 17.28 -35.95
CA PHE D 366 8.94 16.83 -36.12
C PHE D 366 7.99 17.67 -35.25
N HIS D 367 8.38 17.94 -34.01
CA HIS D 367 7.53 18.74 -33.13
C HIS D 367 7.38 20.18 -33.65
N ARG D 368 8.46 20.76 -34.20
CA ARG D 368 8.33 22.10 -34.79
C ARG D 368 7.45 22.07 -36.03
N GLN D 369 7.56 21.02 -36.83
CA GLN D 369 6.70 20.88 -37.99
C GLN D 369 5.23 20.75 -37.57
N TRP D 370 4.98 19.99 -36.50
CA TRP D 370 3.63 19.83 -35.98
C TRP D 370 3.05 21.17 -35.53
N ILE D 371 3.80 21.93 -34.74
CA ILE D 371 3.30 23.18 -34.20
C ILE D 371 3.13 24.21 -35.32
N ASP D 372 4.04 24.22 -36.28
CA ASP D 372 3.91 25.13 -37.41
C ASP D 372 2.65 24.84 -38.21
N ARG D 373 2.24 23.56 -38.31
CA ARG D 373 1.00 23.25 -39.02
CA ARG D 373 1.00 23.23 -39.02
C ARG D 373 -0.23 23.73 -38.27
N LEU D 374 -0.24 23.55 -36.95
CA LEU D 374 -1.32 24.10 -36.13
C LEU D 374 -1.41 25.62 -36.30
N VAL D 375 -0.27 26.31 -36.34
CA VAL D 375 -0.29 27.76 -36.54
C VAL D 375 -0.86 28.10 -37.92
N ALA D 376 -0.40 27.41 -38.96
CA ALA D 376 -0.88 27.70 -40.31
C ALA D 376 -2.38 27.46 -40.43
N ASP D 377 -2.90 26.43 -39.76
CA ASP D 377 -4.32 26.14 -39.83
C ASP D 377 -5.14 27.20 -39.13
N LEU D 378 -4.57 27.87 -38.14
CA LEU D 378 -5.30 28.93 -37.46
C LEU D 378 -5.55 30.13 -38.36
N GLY D 379 -4.98 30.15 -39.56
CA GLY D 379 -5.32 31.14 -40.57
C GLY D 379 -4.73 32.52 -40.33
O1 SHH E . -11.78 -14.23 11.23
O2 SHH E . -14.28 -14.58 12.10
N1 SHH E . -12.70 -13.26 11.19
C1 SHH E . -13.93 -13.50 11.64
C2 SHH E . -14.78 -12.26 11.52
C3 SHH E . -14.12 -11.09 12.25
C4 SHH E . -14.96 -9.82 12.35
C5 SHH E . -14.22 -8.79 13.20
C6 SHH E . -15.10 -7.69 13.77
C7 SHH E . -15.24 -6.51 12.81
C8 SHH E . -16.44 -5.63 13.09
O3 SHH E . -17.37 -5.98 13.80
N2 SHH E . -16.37 -4.45 12.43
C9 SHH E . -17.19 -3.31 12.35
C10 SHH E . -17.38 -2.57 11.17
C11 SHH E . -18.19 -1.45 11.16
C12 SHH E . -18.84 -1.03 12.32
C13 SHH E . -18.65 -1.75 13.49
C14 SHH E . -17.84 -2.88 13.51
ZN ZN F . -12.05 -14.85 13.09
K K G . -14.11 -20.11 17.24
C1 OCA H . 6.42 1.52 21.50
C2 OCA H . 7.45 0.61 20.81
C3 OCA H . 7.21 -0.89 20.95
C4 OCA H . 8.02 -1.74 19.98
C5 OCA H . 7.46 -3.15 19.88
C6 OCA H . 8.32 -4.07 19.01
C7 OCA H . 7.94 -5.54 19.14
C8 OCA H . 6.52 -5.73 19.69
O1 OCA H . 5.48 1.94 20.79
O2 OCA H . 6.58 1.78 22.72
ZN ZN I . 4.20 1.67 22.67
K K J . 3.86 2.79 29.60
O1 SHH K . 13.06 -2.59 -16.96
O2 SHH K . 15.47 -2.02 -17.81
N1 SHH K . 13.82 -1.66 -16.35
C1 SHH K . 15.02 -1.43 -16.84
C2 SHH K . 15.70 -0.37 -16.01
C3 SHH K . 14.82 0.86 -15.81
C4 SHH K . 15.54 1.86 -14.92
C5 SHH K . 14.94 3.27 -14.90
C6 SHH K . 15.35 3.98 -13.61
C7 SHH K . 15.50 5.48 -13.76
C8 SHH K . 16.72 6.09 -13.08
O3 SHH K . 17.85 5.90 -13.47
N2 SHH K . 16.43 6.90 -12.02
C9 SHH K . 17.25 7.66 -11.16
C10 SHH K . 18.29 8.49 -11.59
C11 SHH K . 19.03 9.21 -10.68
C12 SHH K . 18.76 9.14 -9.31
C13 SHH K . 17.74 8.33 -8.87
C14 SHH K . 16.99 7.61 -9.78
ZN ZN L . 13.12 -1.82 -18.92
K K M . 15.64 -2.98 -25.42
C1 OCA N . -7.49 13.92 -16.02
C2 OCA N . -8.45 12.74 -16.09
C3 OCA N . -7.90 11.43 -16.62
C4 OCA N . -8.98 10.42 -16.96
C5 OCA N . -8.42 9.07 -17.39
C6 OCA N . -7.31 9.18 -18.43
C7 OCA N . -6.75 7.82 -18.86
C8 OCA N . -7.77 6.68 -18.69
O1 OCA N . -6.55 13.83 -15.20
O2 OCA N . -7.71 14.87 -16.80
ZN ZN O . -5.40 14.97 -16.77
K K P . -5.45 20.24 -21.46
#